data_3KSC
#
_entry.id   3KSC
#
_cell.length_a   129.777
_cell.length_b   148.441
_cell.length_c   149.894
_cell.angle_alpha   90.00
_cell.angle_beta   90.00
_cell.angle_gamma   90.00
#
_symmetry.space_group_name_H-M   'P 21 21 21'
#
loop_
_entity.id
_entity.type
_entity.pdbx_description
1 polymer 'LegA class'
2 non-polymer 'SULFATE ION'
3 non-polymer GLYCEROL
4 water water
#
_entity_poly.entity_id   1
_entity_poly.type   'polypeptide(L)'
_entity_poly.pdbx_seq_one_letter_code
;LREQPQQNECQLERLDALEPDNRIESEGGLIETWNPNNKQFRCAGVALSRATLQRNALRRPYYSNAPQEIFIQQGNGYFG
MVFPGCPETFEEPQESEQGEGRRYRDRHQKVNRFREGDIIAVPTGIVFWMYNDQDTPVIAVSLTDIRSSNNQLDQMPRRF
YLAGNHEQEFLQYQHQQGGKQEQENEGNNIFSGFKRDFLEDAFNVNRHIVDRLQGRNEDEEKGAIVKVKGGLSIISPPEK
QARHQRGSRQEEDEDEEKQPRHQRGSRQEEEEDEDEERQPRHQRRRGEEEEEDKKERGGSQKGKSRRQGDNGLEETVCTA
KLRLNIGPSSSPDIYNPEAGRIKTVTSLDLPVLRWLKLSAEHGSLHKNAMFVPHYNLNANSIIYALKGRARLQVVNCNGN
TVFDGELEAGRALTVPQNYAVAAKSLSDRFSYVAFKTNDRAGIARLAGTSSVINNLPLDVVAATFNLQRNEARQLKSNNP
FKFLVPARESENRASA
;
_entity_poly.pdbx_strand_id   A,B,C,D,E,F
#
# COMPACT_ATOMS: atom_id res chain seq x y z
N GLN A 7 32.17 -10.22 -25.41
CA GLN A 7 31.32 -10.50 -26.57
C GLN A 7 30.27 -9.41 -26.76
N ASN A 8 30.64 -8.37 -27.50
CA ASN A 8 29.68 -7.31 -27.84
C ASN A 8 29.34 -7.31 -29.32
N GLU A 9 29.10 -8.51 -29.86
CA GLU A 9 28.72 -8.70 -31.25
C GLU A 9 27.62 -7.73 -31.69
N CYS A 10 26.72 -7.40 -30.78
CA CYS A 10 25.58 -6.55 -31.11
C CYS A 10 25.76 -5.09 -30.69
N GLN A 11 26.99 -4.71 -30.36
CA GLN A 11 27.31 -3.32 -30.12
C GLN A 11 27.58 -2.68 -31.48
N LEU A 12 26.52 -2.53 -32.25
CA LEU A 12 26.61 -2.02 -33.61
C LEU A 12 26.51 -0.50 -33.65
N GLU A 13 27.54 0.11 -34.19
CA GLU A 13 27.68 1.56 -34.25
C GLU A 13 27.15 2.06 -35.59
N ARG A 14 27.38 1.27 -36.63
CA ARG A 14 26.93 1.65 -37.95
C ARG A 14 26.30 0.47 -38.67
N LEU A 15 25.11 0.68 -39.20
CA LEU A 15 24.45 -0.30 -40.05
C LEU A 15 24.62 0.12 -41.50
N ASP A 16 24.48 -0.83 -42.41
CA ASP A 16 24.53 -0.56 -43.83
C ASP A 16 23.45 -1.36 -44.54
N ALA A 17 22.86 -0.77 -45.57
CA ALA A 17 22.03 -1.53 -46.49
C ALA A 17 22.98 -2.43 -47.28
N LEU A 18 22.80 -3.75 -47.14
CA LEU A 18 23.78 -4.70 -47.67
C LEU A 18 23.36 -5.39 -48.95
N GLU A 19 24.33 -5.58 -49.83
CA GLU A 19 24.12 -6.37 -51.04
C GLU A 19 24.87 -7.67 -50.87
N PRO A 20 24.53 -8.68 -51.68
CA PRO A 20 25.34 -9.91 -51.60
C PRO A 20 26.75 -9.57 -52.04
N ASP A 21 27.75 -10.33 -51.59
CA ASP A 21 29.12 -10.07 -52.00
C ASP A 21 29.69 -11.23 -52.79
N ASN A 22 28.87 -12.23 -53.05
CA ASN A 22 29.25 -13.30 -53.94
C ASN A 22 28.07 -13.77 -54.78
N ARG A 23 28.37 -14.15 -56.01
CA ARG A 23 27.40 -14.72 -56.93
C ARG A 23 27.95 -16.08 -57.29
N ILE A 24 27.09 -17.09 -57.36
CA ILE A 24 27.51 -18.39 -57.85
C ILE A 24 26.59 -18.87 -58.98
N GLU A 25 27.06 -18.77 -60.22
CA GLU A 25 26.26 -19.17 -61.37
C GLU A 25 26.28 -20.68 -61.60
N SER A 26 25.11 -21.23 -61.90
CA SER A 26 25.00 -22.63 -62.25
C SER A 26 24.26 -22.75 -63.57
N GLU A 27 24.24 -23.96 -64.13
CA GLU A 27 23.60 -24.20 -65.41
C GLU A 27 22.21 -23.57 -65.51
N GLY A 28 21.34 -23.88 -64.55
CA GLY A 28 19.95 -23.47 -64.63
C GLY A 28 19.53 -22.31 -63.75
N GLY A 29 20.51 -21.58 -63.18
CA GLY A 29 20.18 -20.45 -62.34
C GLY A 29 21.34 -19.74 -61.66
N LEU A 30 21.06 -19.17 -60.49
CA LEU A 30 22.02 -18.36 -59.77
C LEU A 30 21.77 -18.37 -58.27
N ILE A 31 22.85 -18.41 -57.48
CA ILE A 31 22.74 -18.23 -56.03
C ILE A 31 23.60 -17.05 -55.55
N GLU A 32 22.99 -16.12 -54.83
CA GLU A 32 23.72 -14.98 -54.27
C GLU A 32 23.78 -15.07 -52.74
N THR A 33 24.96 -14.79 -52.20
CA THR A 33 25.17 -14.85 -50.76
C THR A 33 25.56 -13.50 -50.17
N TRP A 34 24.99 -13.19 -49.00
CA TRP A 34 25.48 -12.11 -48.17
C TRP A 34 26.51 -12.69 -47.20
N ASN A 35 27.59 -11.97 -46.95
CA ASN A 35 28.60 -12.47 -46.02
C ASN A 35 28.09 -12.64 -44.59
N PRO A 36 28.07 -13.89 -44.10
CA PRO A 36 27.68 -14.22 -42.73
C PRO A 36 28.67 -13.69 -41.68
N ASN A 37 29.85 -13.30 -42.12
CA ASN A 37 30.89 -12.81 -41.21
C ASN A 37 30.77 -11.32 -40.90
N ASN A 38 30.05 -10.60 -41.74
CA ASN A 38 29.75 -9.22 -41.47
C ASN A 38 29.11 -9.11 -40.09
N LYS A 39 29.54 -8.12 -39.31
CA LYS A 39 29.10 -8.00 -37.92
C LYS A 39 27.57 -7.88 -37.78
N GLN A 40 26.92 -7.32 -38.80
CA GLN A 40 25.46 -7.18 -38.77
C GLN A 40 24.76 -8.53 -38.70
N PHE A 41 25.21 -9.47 -39.53
CA PHE A 41 24.61 -10.78 -39.59
C PHE A 41 25.02 -11.62 -38.38
N ARG A 42 26.25 -11.47 -37.93
CA ARG A 42 26.69 -12.18 -36.74
C ARG A 42 25.88 -11.76 -35.53
N CYS A 43 25.64 -10.45 -35.40
CA CYS A 43 24.79 -9.95 -34.34
C CYS A 43 23.41 -10.57 -34.45
N ALA A 44 22.85 -10.51 -35.66
CA ALA A 44 21.53 -11.06 -35.92
C ALA A 44 21.53 -12.58 -35.75
N GLY A 45 22.70 -13.19 -35.92
CA GLY A 45 22.84 -14.63 -35.84
C GLY A 45 22.28 -15.41 -37.02
N VAL A 46 22.29 -14.78 -38.20
CA VAL A 46 21.69 -15.39 -39.39
C VAL A 46 22.61 -15.27 -40.61
N ALA A 47 22.33 -16.06 -41.64
CA ALA A 47 22.95 -15.89 -42.94
C ALA A 47 21.82 -15.62 -43.93
N LEU A 48 22.12 -14.90 -45.01
CA LEU A 48 21.10 -14.54 -45.97
C LEU A 48 21.55 -14.95 -47.37
N SER A 49 20.65 -15.55 -48.14
CA SER A 49 20.96 -15.88 -49.54
C SER A 49 19.74 -15.76 -50.44
N ARG A 50 19.99 -15.72 -51.75
CA ARG A 50 18.95 -15.48 -52.73
C ARG A 50 19.19 -16.41 -53.90
N ALA A 51 18.20 -17.25 -54.22
CA ALA A 51 18.31 -18.19 -55.32
C ALA A 51 17.39 -17.80 -56.48
N THR A 52 17.90 -17.87 -57.70
CA THR A 52 17.09 -17.63 -58.87
C THR A 52 17.07 -18.88 -59.72
N LEU A 53 15.88 -19.40 -59.99
CA LEU A 53 15.75 -20.60 -60.82
C LEU A 53 15.15 -20.19 -62.17
N GLN A 54 15.93 -20.38 -63.22
CA GLN A 54 15.44 -20.18 -64.58
C GLN A 54 14.31 -21.14 -64.91
N ARG A 55 13.63 -20.87 -66.02
CA ARG A 55 12.59 -21.75 -66.53
C ARG A 55 13.10 -23.18 -66.60
N ASN A 56 12.26 -24.12 -66.16
CA ASN A 56 12.62 -25.55 -66.14
C ASN A 56 13.91 -25.90 -65.38
N ALA A 57 14.08 -25.32 -64.20
CA ALA A 57 15.30 -25.55 -63.42
C ALA A 57 15.02 -26.24 -62.08
N LEU A 58 15.98 -27.04 -61.65
CA LEU A 58 15.85 -27.81 -60.42
C LEU A 58 16.85 -27.29 -59.41
N ARG A 59 16.35 -26.89 -58.25
CA ARG A 59 17.18 -26.62 -57.09
C ARG A 59 17.45 -27.96 -56.41
N ARG A 60 18.55 -28.61 -56.79
CA ARG A 60 18.84 -29.97 -56.34
C ARG A 60 18.85 -30.10 -54.81
N PRO A 61 18.41 -31.28 -54.31
CA PRO A 61 18.21 -31.52 -52.87
C PRO A 61 19.44 -31.17 -52.05
N TYR A 62 19.24 -30.46 -50.95
CA TYR A 62 20.31 -30.16 -50.00
C TYR A 62 19.71 -30.02 -48.61
N TYR A 63 20.56 -30.06 -47.59
CA TYR A 63 20.10 -29.83 -46.23
C TYR A 63 21.11 -28.97 -45.48
N SER A 64 20.65 -28.34 -44.40
CA SER A 64 21.45 -27.40 -43.65
C SER A 64 21.33 -27.72 -42.16
N ASN A 65 22.31 -27.27 -41.39
CA ASN A 65 22.35 -27.59 -39.97
C ASN A 65 21.56 -26.62 -39.12
N ALA A 66 20.75 -25.80 -39.76
CA ALA A 66 19.94 -24.80 -39.07
C ALA A 66 18.62 -24.61 -39.81
N PRO A 67 17.60 -24.05 -39.16
CA PRO A 67 16.31 -23.84 -39.82
C PRO A 67 16.42 -22.82 -40.95
N GLN A 68 15.57 -22.94 -41.96
CA GLN A 68 15.48 -21.92 -42.99
C GLN A 68 14.07 -21.40 -43.08
N GLU A 69 13.94 -20.10 -43.24
CA GLU A 69 12.70 -19.48 -43.63
C GLU A 69 12.94 -18.91 -45.03
N ILE A 70 12.15 -19.34 -46.01
CA ILE A 70 12.34 -18.90 -47.38
C ILE A 70 11.16 -18.08 -47.87
N PHE A 71 11.45 -16.96 -48.51
CA PHE A 71 10.41 -16.14 -49.11
C PHE A 71 10.46 -16.15 -50.63
N ILE A 72 9.33 -16.43 -51.25
CA ILE A 72 9.24 -16.43 -52.70
C ILE A 72 8.96 -15.03 -53.20
N GLN A 73 10.00 -14.38 -53.68
CA GLN A 73 9.90 -13.00 -54.14
C GLN A 73 9.15 -12.95 -55.45
N GLN A 74 9.28 -14.01 -56.23
CA GLN A 74 8.71 -14.06 -57.56
C GLN A 74 8.69 -15.49 -58.05
N GLY A 75 7.59 -15.90 -58.67
CA GLY A 75 7.53 -17.19 -59.33
C GLY A 75 6.70 -18.24 -58.63
N ASN A 76 6.57 -19.39 -59.28
CA ASN A 76 5.82 -20.49 -58.72
C ASN A 76 6.48 -21.78 -59.10
N GLY A 77 6.13 -22.86 -58.40
CA GLY A 77 6.68 -24.15 -58.75
C GLY A 77 6.36 -25.24 -57.77
N TYR A 78 7.29 -26.18 -57.65
CA TYR A 78 7.16 -27.30 -56.74
C TYR A 78 8.33 -27.34 -55.79
N PHE A 79 8.09 -27.92 -54.62
CA PHE A 79 9.13 -28.18 -53.65
C PHE A 79 8.86 -29.47 -52.89
N GLY A 80 9.93 -30.07 -52.38
CA GLY A 80 9.77 -31.26 -51.57
C GLY A 80 10.66 -31.19 -50.35
N MET A 81 10.17 -31.78 -49.26
CA MET A 81 10.98 -31.97 -48.08
C MET A 81 10.92 -33.44 -47.71
N VAL A 82 12.04 -33.99 -47.29
CA VAL A 82 12.09 -35.37 -46.86
C VAL A 82 12.14 -35.46 -45.34
N PHE A 83 11.02 -35.82 -44.74
CA PHE A 83 10.96 -36.02 -43.29
C PHE A 83 11.13 -37.49 -42.94
N PRO A 84 12.26 -37.84 -42.32
CA PRO A 84 12.54 -39.22 -41.91
C PRO A 84 11.39 -39.86 -41.10
N GLY A 85 10.89 -40.98 -41.60
CA GLY A 85 9.84 -41.73 -40.92
C GLY A 85 8.41 -41.31 -41.21
N CYS A 86 8.15 -40.79 -42.40
CA CYS A 86 6.78 -40.40 -42.77
C CYS A 86 6.19 -41.26 -43.90
N PRO A 87 4.88 -41.57 -43.78
CA PRO A 87 4.10 -42.32 -44.79
C PRO A 87 4.12 -41.64 -46.17
N GLU A 88 4.14 -42.46 -47.22
CA GLU A 88 4.36 -41.95 -48.58
C GLU A 88 3.08 -41.81 -49.39
N THR A 89 3.25 -41.50 -50.68
CA THR A 89 2.12 -41.45 -51.62
C THR A 89 2.51 -42.13 -52.93
N ARG A 105 7.06 -47.61 -56.01
CA ARG A 105 6.42 -48.09 -57.24
C ARG A 105 5.21 -47.25 -57.66
N ASP A 106 5.39 -45.94 -57.83
CA ASP A 106 6.58 -45.22 -57.38
C ASP A 106 6.19 -44.37 -56.19
N ARG A 107 6.67 -44.75 -55.01
CA ARG A 107 6.32 -44.05 -53.79
C ARG A 107 7.28 -42.90 -53.48
N HIS A 108 6.77 -41.89 -52.79
CA HIS A 108 7.58 -40.76 -52.35
C HIS A 108 6.76 -39.87 -51.42
N GLN A 109 7.40 -38.85 -50.86
CA GLN A 109 6.73 -37.93 -49.96
C GLN A 109 6.07 -36.77 -50.69
N LYS A 110 5.31 -35.97 -49.94
CA LYS A 110 4.50 -34.93 -50.55
C LYS A 110 5.35 -33.86 -51.25
N VAL A 111 5.08 -33.69 -52.54
CA VAL A 111 5.54 -32.53 -53.26
C VAL A 111 4.43 -31.49 -53.21
N ASN A 112 4.75 -30.29 -52.73
CA ASN A 112 3.76 -29.22 -52.67
C ASN A 112 4.06 -28.17 -53.69
N ARG A 113 3.06 -27.38 -54.04
CA ARG A 113 3.30 -26.21 -54.87
C ARG A 113 3.60 -25.01 -53.98
N PHE A 114 4.52 -24.16 -54.42
CA PHE A 114 4.74 -22.88 -53.78
C PHE A 114 4.29 -21.78 -54.70
N ARG A 115 3.96 -20.63 -54.13
CA ARG A 115 3.44 -19.51 -54.89
C ARG A 115 4.14 -18.23 -54.49
N GLU A 116 4.27 -17.30 -55.43
CA GLU A 116 4.79 -15.97 -55.16
C GLU A 116 4.21 -15.39 -53.85
N GLY A 117 5.09 -14.90 -52.99
CA GLY A 117 4.68 -14.37 -51.69
C GLY A 117 4.48 -15.44 -50.62
N ASP A 118 4.91 -16.67 -50.91
CA ASP A 118 4.88 -17.74 -49.92
C ASP A 118 6.03 -17.59 -48.95
N ILE A 119 5.82 -18.03 -47.71
CA ILE A 119 6.90 -18.25 -46.77
C ILE A 119 6.97 -19.76 -46.53
N ILE A 120 8.15 -20.33 -46.77
CA ILE A 120 8.32 -21.76 -46.66
C ILE A 120 9.24 -22.08 -45.49
N ALA A 121 8.82 -23.00 -44.63
CA ALA A 121 9.61 -23.32 -43.45
C ALA A 121 10.37 -24.63 -43.64
N VAL A 122 11.69 -24.57 -43.62
CA VAL A 122 12.50 -25.77 -43.72
C VAL A 122 13.21 -26.04 -42.40
N PRO A 123 12.73 -27.04 -41.64
CA PRO A 123 13.35 -27.39 -40.37
C PRO A 123 14.77 -27.92 -40.56
N THR A 124 15.52 -27.93 -39.46
CA THR A 124 16.92 -28.31 -39.46
C THR A 124 17.16 -29.70 -39.99
N GLY A 125 18.10 -29.83 -40.92
CA GLY A 125 18.54 -31.13 -41.43
C GLY A 125 17.61 -31.77 -42.45
N ILE A 126 16.51 -31.09 -42.75
CA ILE A 126 15.53 -31.62 -43.69
C ILE A 126 15.98 -31.34 -45.13
N VAL A 127 16.08 -32.40 -45.93
CA VAL A 127 16.41 -32.26 -47.34
C VAL A 127 15.25 -31.56 -48.05
N PHE A 128 15.59 -30.63 -48.94
CA PHE A 128 14.62 -29.74 -49.56
C PHE A 128 15.06 -29.49 -51.01
N TRP A 129 14.09 -29.41 -51.92
CA TRP A 129 14.39 -29.18 -53.33
C TRP A 129 13.28 -28.37 -53.96
N MET A 130 13.62 -27.64 -55.02
CA MET A 130 12.67 -26.74 -55.69
C MET A 130 12.71 -26.93 -57.20
N TYR A 131 11.53 -26.94 -57.82
CA TYR A 131 11.46 -27.04 -59.27
C TYR A 131 10.60 -25.92 -59.84
N ASN A 132 11.12 -25.24 -60.86
CA ASN A 132 10.38 -24.25 -61.60
C ASN A 132 9.88 -24.83 -62.93
N ASP A 133 8.59 -25.15 -62.99
CA ASP A 133 7.97 -25.70 -64.20
C ASP A 133 7.23 -24.62 -64.98
N GLN A 134 7.64 -23.36 -64.80
CA GLN A 134 7.00 -22.24 -65.48
C GLN A 134 8.01 -21.31 -66.12
N ASP A 135 7.51 -20.32 -66.84
CA ASP A 135 8.36 -19.48 -67.70
C ASP A 135 9.01 -18.31 -66.96
N THR A 136 8.43 -17.91 -65.84
CA THR A 136 8.96 -16.81 -65.04
C THR A 136 10.04 -17.35 -64.11
N PRO A 137 11.20 -16.67 -64.06
CA PRO A 137 12.25 -17.11 -63.14
C PRO A 137 11.77 -17.05 -61.70
N VAL A 138 12.17 -18.03 -60.90
CA VAL A 138 11.81 -18.04 -59.50
C VAL A 138 12.90 -17.33 -58.70
N ILE A 139 12.50 -16.44 -57.82
CA ILE A 139 13.44 -15.79 -56.91
C ILE A 139 13.05 -16.09 -55.47
N ALA A 140 13.92 -16.83 -54.79
CA ALA A 140 13.67 -17.26 -53.43
C ALA A 140 14.74 -16.69 -52.53
N VAL A 141 14.32 -15.96 -51.51
CA VAL A 141 15.27 -15.36 -50.57
C VAL A 141 15.19 -16.11 -49.23
N SER A 142 16.33 -16.64 -48.78
CA SER A 142 16.38 -17.60 -47.68
C SER A 142 17.09 -17.04 -46.45
N LEU A 143 16.43 -17.12 -45.30
CA LEU A 143 17.09 -16.81 -44.05
C LEU A 143 17.49 -18.08 -43.31
N THR A 144 18.77 -18.21 -43.02
CA THR A 144 19.27 -19.38 -42.31
C THR A 144 19.55 -19.02 -40.86
N ASP A 145 18.79 -19.63 -39.96
CA ASP A 145 18.81 -19.25 -38.55
C ASP A 145 19.97 -19.92 -37.81
N ILE A 146 21.17 -19.43 -38.06
CA ILE A 146 22.38 -19.98 -37.45
C ILE A 146 22.28 -20.02 -35.93
N ARG A 147 21.62 -19.01 -35.36
CA ARG A 147 21.53 -18.87 -33.90
C ARG A 147 20.58 -19.88 -33.26
N SER A 148 19.77 -20.53 -34.08
CA SER A 148 18.84 -21.56 -33.59
C SER A 148 19.50 -22.53 -32.61
N SER A 149 18.75 -22.93 -31.59
CA SER A 149 19.22 -23.94 -30.65
C SER A 149 19.23 -25.34 -31.26
N ASN A 150 18.60 -25.50 -32.43
CA ASN A 150 18.65 -26.76 -33.16
C ASN A 150 19.94 -26.94 -33.96
N ASN A 151 20.70 -25.86 -34.12
CA ASN A 151 22.03 -25.94 -34.69
C ASN A 151 23.06 -26.26 -33.60
N GLN A 152 23.57 -27.48 -33.61
CA GLN A 152 24.52 -27.95 -32.60
C GLN A 152 25.96 -27.98 -33.08
N LEU A 153 26.20 -27.50 -34.29
CA LEU A 153 27.58 -27.34 -34.77
C LEU A 153 28.15 -26.02 -34.24
N ASP A 154 28.49 -25.12 -35.15
CA ASP A 154 28.93 -23.79 -34.78
C ASP A 154 28.19 -22.73 -35.57
N GLN A 155 28.73 -21.51 -35.58
CA GLN A 155 28.01 -20.36 -36.12
C GLN A 155 28.30 -20.10 -37.59
N MET A 156 29.01 -21.05 -38.22
CA MET A 156 29.18 -21.06 -39.66
C MET A 156 27.99 -21.73 -40.35
N PRO A 157 27.32 -21.01 -41.25
CA PRO A 157 26.23 -21.59 -42.04
C PRO A 157 26.77 -22.65 -43.00
N ARG A 158 26.11 -23.81 -43.08
CA ARG A 158 26.57 -24.87 -43.96
C ARG A 158 25.43 -25.38 -44.82
N ARG A 159 25.76 -25.79 -46.03
CA ARG A 159 24.81 -26.53 -46.83
C ARG A 159 25.43 -27.83 -47.34
N PHE A 160 24.69 -28.92 -47.15
CA PHE A 160 25.09 -30.24 -47.59
C PHE A 160 24.32 -30.64 -48.85
N TYR A 161 25.04 -30.79 -49.95
CA TYR A 161 24.43 -31.16 -51.21
C TYR A 161 24.47 -32.66 -51.48
N LEU A 162 23.34 -33.24 -51.83
CA LEU A 162 23.27 -34.67 -52.13
C LEU A 162 24.03 -35.01 -53.41
N ALA A 163 24.10 -34.06 -54.32
CA ALA A 163 24.57 -34.35 -55.66
C ALA A 163 25.42 -33.25 -56.27
N GLY A 164 25.94 -33.54 -57.45
CA GLY A 164 26.72 -32.57 -58.19
C GLY A 164 28.19 -32.62 -57.84
N ASN A 165 28.93 -31.63 -58.34
CA ASN A 165 30.36 -31.51 -58.08
C ASN A 165 30.74 -30.05 -57.90
N HIS A 166 29.84 -29.29 -57.30
CA HIS A 166 30.07 -27.87 -57.02
C HIS A 166 30.36 -27.62 -55.55
N GLU A 167 30.99 -26.51 -55.24
CA GLU A 167 31.14 -26.13 -53.84
C GLU A 167 29.82 -25.55 -53.36
N GLN A 168 29.50 -25.82 -52.10
CA GLN A 168 28.34 -25.21 -51.45
C GLN A 168 28.61 -23.72 -51.22
N GLU A 169 27.58 -22.89 -51.45
CA GLU A 169 27.70 -21.43 -51.39
C GLU A 169 28.42 -20.82 -50.18
N PHE A 170 28.39 -21.49 -49.03
CA PHE A 170 28.91 -20.89 -47.80
C PHE A 170 30.35 -21.32 -47.48
N LEU A 171 30.91 -22.14 -48.36
CA LEU A 171 32.29 -22.62 -48.20
C LEU A 171 33.28 -21.46 -48.20
N GLN A 172 33.20 -20.62 -49.24
CA GLN A 172 34.06 -19.47 -49.40
C GLN A 172 34.25 -18.65 -48.11
N TYR A 173 33.29 -18.75 -47.18
CA TYR A 173 33.31 -17.92 -45.98
C TYR A 173 33.99 -18.62 -44.79
N GLN A 174 34.50 -19.83 -45.02
CA GLN A 174 35.19 -20.58 -43.97
C GLN A 174 36.65 -20.18 -43.90
N HIS A 175 37.37 -20.74 -42.93
CA HIS A 175 38.80 -20.51 -42.81
C HIS A 175 39.58 -21.81 -42.64
N GLY A 187 35.33 -34.90 -55.52
CA GLY A 187 33.91 -34.59 -55.53
C GLY A 187 33.53 -33.67 -54.38
N ASN A 188 32.27 -33.22 -54.35
CA ASN A 188 31.84 -32.27 -53.32
C ASN A 188 30.51 -32.60 -52.62
N ASN A 189 29.73 -33.52 -53.18
CA ASN A 189 28.51 -33.95 -52.50
C ASN A 189 28.81 -34.97 -51.40
N ILE A 190 27.83 -35.30 -50.55
CA ILE A 190 28.09 -36.18 -49.41
C ILE A 190 28.40 -37.62 -49.82
N PHE A 191 27.91 -38.03 -50.98
CA PHE A 191 28.19 -39.39 -51.45
C PHE A 191 29.64 -39.52 -51.87
N SER A 192 30.23 -38.44 -52.36
CA SER A 192 31.59 -38.47 -52.88
C SER A 192 32.62 -38.74 -51.78
N GLY A 193 32.23 -38.54 -50.53
CA GLY A 193 33.11 -38.77 -49.40
C GLY A 193 33.31 -40.23 -49.04
N PHE A 194 32.40 -41.09 -49.50
CA PHE A 194 32.45 -42.51 -49.17
C PHE A 194 33.17 -43.35 -50.22
N LYS A 195 33.73 -44.47 -49.77
CA LYS A 195 34.27 -45.49 -50.66
C LYS A 195 33.20 -45.95 -51.64
N ARG A 196 33.61 -46.24 -52.87
CA ARG A 196 32.65 -46.72 -53.88
C ARG A 196 32.02 -48.06 -53.53
N ASP A 197 32.81 -48.94 -52.91
CA ASP A 197 32.29 -50.25 -52.51
C ASP A 197 31.20 -50.16 -51.43
N PHE A 198 31.38 -49.26 -50.47
CA PHE A 198 30.36 -48.97 -49.46
C PHE A 198 29.06 -48.63 -50.16
N LEU A 199 29.15 -47.66 -51.05
CA LEU A 199 27.99 -47.20 -51.80
C LEU A 199 27.41 -48.30 -52.68
N GLU A 200 28.27 -49.15 -53.24
CA GLU A 200 27.81 -50.25 -54.06
C GLU A 200 26.96 -51.24 -53.27
N ASP A 201 27.43 -51.60 -52.07
CA ASP A 201 26.69 -52.54 -51.22
C ASP A 201 25.45 -51.89 -50.61
N ALA A 202 25.56 -50.64 -50.22
CA ALA A 202 24.47 -49.96 -49.52
C ALA A 202 23.30 -49.71 -50.48
N PHE A 203 23.62 -49.35 -51.71
CA PHE A 203 22.59 -49.10 -52.70
C PHE A 203 22.28 -50.35 -53.52
N ASN A 204 23.22 -51.29 -53.55
CA ASN A 204 23.07 -52.49 -54.36
C ASN A 204 22.84 -52.12 -55.82
N VAL A 205 23.75 -51.30 -56.34
CA VAL A 205 23.68 -50.86 -57.72
C VAL A 205 25.09 -50.86 -58.25
N ASN A 206 25.22 -50.75 -59.58
CA ASN A 206 26.50 -50.91 -60.24
C ASN A 206 27.43 -49.70 -60.16
N ARG A 207 28.73 -49.97 -60.35
CA ARG A 207 29.77 -48.95 -60.32
C ARG A 207 29.42 -47.70 -61.15
N HIS A 208 28.64 -47.87 -62.22
CA HIS A 208 28.29 -46.74 -63.06
C HIS A 208 27.35 -45.80 -62.32
N ILE A 209 26.28 -46.36 -61.78
CA ILE A 209 25.33 -45.59 -60.98
C ILE A 209 26.02 -44.89 -59.82
N VAL A 210 26.90 -45.61 -59.12
CA VAL A 210 27.66 -45.03 -58.02
C VAL A 210 28.47 -43.84 -58.49
N ASP A 211 29.08 -43.96 -59.67
CA ASP A 211 29.84 -42.87 -60.27
C ASP A 211 28.95 -41.65 -60.48
N ARG A 212 27.77 -41.87 -61.04
CA ARG A 212 26.78 -40.82 -61.20
C ARG A 212 26.48 -40.17 -59.85
N LEU A 213 26.19 -41.01 -58.87
CA LEU A 213 25.89 -40.59 -57.51
C LEU A 213 26.94 -39.61 -56.97
N GLN A 214 28.21 -39.94 -57.15
CA GLN A 214 29.31 -39.15 -56.58
C GLN A 214 29.73 -37.99 -57.47
N GLY A 215 28.95 -37.74 -58.53
CA GLY A 215 29.16 -36.59 -59.41
C GLY A 215 30.49 -36.57 -60.14
N ARG A 216 31.00 -37.76 -60.44
CA ARG A 216 32.32 -37.92 -61.06
C ARG A 216 32.42 -37.26 -62.43
N ASN A 217 31.47 -37.59 -63.30
CA ASN A 217 31.48 -37.08 -64.68
C ASN A 217 30.89 -35.67 -64.79
N GLU A 218 30.99 -34.90 -63.71
CA GLU A 218 30.34 -33.59 -63.65
C GLU A 218 31.28 -32.50 -63.13
N ASP A 219 31.14 -31.28 -63.64
CA ASP A 219 32.08 -30.24 -63.28
C ASP A 219 31.43 -29.08 -62.53
N GLU A 220 32.26 -28.29 -61.85
CA GLU A 220 31.83 -27.22 -60.96
C GLU A 220 30.75 -26.33 -61.56
N GLU A 221 30.73 -26.24 -62.89
CA GLU A 221 29.86 -25.28 -63.55
C GLU A 221 28.40 -25.72 -63.65
N LYS A 222 28.15 -27.02 -63.67
CA LYS A 222 26.76 -27.49 -63.70
C LYS A 222 26.03 -26.97 -62.46
N GLY A 223 26.63 -27.14 -61.29
CA GLY A 223 26.24 -26.42 -60.10
C GLY A 223 24.96 -26.82 -59.38
N ALA A 224 24.56 -25.98 -58.42
CA ALA A 224 23.45 -26.28 -57.53
C ALA A 224 22.10 -26.25 -58.22
N ILE A 225 21.95 -25.40 -59.23
CA ILE A 225 20.68 -25.34 -59.96
C ILE A 225 20.88 -25.79 -61.40
N VAL A 226 19.97 -26.61 -61.88
CA VAL A 226 20.24 -27.42 -63.05
C VAL A 226 19.06 -27.40 -64.03
N LYS A 227 19.35 -27.31 -65.32
CA LYS A 227 18.29 -27.30 -66.35
C LYS A 227 17.65 -28.68 -66.51
N VAL A 228 16.32 -28.71 -66.64
CA VAL A 228 15.60 -29.96 -66.83
C VAL A 228 14.97 -30.05 -68.23
N LYS A 229 15.25 -31.14 -68.94
CA LYS A 229 14.87 -31.27 -70.36
C LYS A 229 13.39 -31.57 -70.63
N GLY A 230 12.94 -32.76 -70.25
CA GLY A 230 11.59 -33.15 -70.61
C GLY A 230 10.57 -32.64 -69.62
N GLY A 231 11.02 -31.80 -68.70
CA GLY A 231 10.20 -31.42 -67.57
C GLY A 231 10.31 -32.50 -66.51
N LEU A 232 9.49 -32.41 -65.48
CA LEU A 232 9.48 -33.43 -64.44
C LEU A 232 8.05 -33.84 -64.14
N SER A 233 7.76 -35.12 -64.32
CA SER A 233 6.45 -35.64 -64.01
C SER A 233 6.32 -35.83 -62.51
N ILE A 234 5.66 -34.87 -61.86
CA ILE A 234 5.64 -34.79 -60.40
C ILE A 234 4.23 -34.89 -59.82
N ILE A 235 3.22 -34.59 -60.63
CA ILE A 235 1.87 -34.38 -60.10
C ILE A 235 0.92 -35.59 -60.06
N SER A 236 -0.38 -35.28 -60.10
CA SER A 236 -1.47 -36.23 -59.86
C SER A 236 -1.50 -37.44 -60.79
N PRO A 237 -2.41 -38.39 -60.53
CA PRO A 237 -3.34 -38.47 -59.39
C PRO A 237 -2.72 -39.12 -58.14
N PRO A 238 -3.26 -38.78 -56.95
CA PRO A 238 -2.76 -39.31 -55.67
C PRO A 238 -2.66 -40.83 -55.66
N THR A 316 4.61 -34.63 -32.51
CA THR A 316 5.27 -34.58 -33.81
C THR A 316 4.27 -34.53 -34.97
N VAL A 317 4.40 -33.52 -35.82
CA VAL A 317 3.56 -33.41 -37.00
C VAL A 317 4.39 -33.17 -38.26
N CYS A 318 4.57 -34.22 -39.05
CA CYS A 318 5.24 -34.09 -40.34
C CYS A 318 4.19 -33.94 -41.44
N THR A 319 2.93 -34.09 -41.05
CA THR A 319 1.80 -33.78 -41.92
C THR A 319 1.38 -32.32 -41.71
N ALA A 320 2.23 -31.59 -41.01
CA ALA A 320 1.98 -30.18 -40.74
C ALA A 320 2.07 -29.36 -42.02
N LYS A 321 1.45 -28.18 -42.00
CA LYS A 321 1.55 -27.24 -43.10
C LYS A 321 2.95 -26.61 -43.13
N LEU A 322 3.60 -26.67 -44.28
CA LEU A 322 4.99 -26.21 -44.40
C LEU A 322 5.12 -24.85 -45.08
N ARG A 323 4.00 -24.25 -45.42
CA ARG A 323 4.04 -23.03 -46.20
C ARG A 323 2.77 -22.21 -46.03
N LEU A 324 2.93 -20.90 -46.06
CA LEU A 324 1.81 -19.97 -45.91
C LEU A 324 2.02 -18.72 -46.74
N ASN A 325 0.96 -18.22 -47.36
CA ASN A 325 1.10 -17.08 -48.24
C ASN A 325 0.85 -15.77 -47.52
N ILE A 326 1.78 -14.83 -47.65
CA ILE A 326 1.62 -13.52 -47.04
C ILE A 326 1.58 -12.43 -48.09
N GLY A 327 1.11 -12.79 -49.29
CA GLY A 327 0.90 -11.85 -50.38
C GLY A 327 -0.46 -11.20 -50.27
N PRO A 328 -0.85 -10.44 -51.31
CA PRO A 328 -2.06 -9.60 -51.33
C PRO A 328 -3.37 -10.34 -51.05
N SER A 329 -3.39 -11.66 -51.22
CA SER A 329 -4.64 -12.42 -51.05
C SER A 329 -4.87 -12.93 -49.63
N SER A 330 -3.93 -12.66 -48.74
CA SER A 330 -4.08 -13.02 -47.33
C SER A 330 -4.76 -11.90 -46.57
N SER A 331 -5.29 -12.20 -45.40
CA SER A 331 -5.87 -11.15 -44.56
C SER A 331 -4.74 -10.39 -43.91
N PRO A 332 -4.71 -9.06 -44.11
CA PRO A 332 -3.67 -8.20 -43.57
C PRO A 332 -3.81 -8.03 -42.06
N ASP A 333 -2.71 -7.78 -41.36
CA ASP A 333 -2.82 -7.43 -39.96
C ASP A 333 -3.31 -6.00 -39.90
N ILE A 334 -2.84 -5.21 -40.86
CA ILE A 334 -3.21 -3.81 -40.94
C ILE A 334 -3.31 -3.39 -42.40
N TYR A 335 -4.42 -2.75 -42.74
CA TYR A 335 -4.58 -2.17 -44.07
C TYR A 335 -5.10 -0.75 -44.02
N ASN A 336 -4.33 0.17 -44.58
CA ASN A 336 -4.70 1.57 -44.63
C ASN A 336 -4.71 2.01 -46.09
N PRO A 337 -5.92 2.26 -46.64
CA PRO A 337 -6.04 2.56 -48.07
C PRO A 337 -5.12 3.70 -48.48
N GLU A 338 -4.71 4.52 -47.51
CA GLU A 338 -3.89 5.70 -47.82
C GLU A 338 -2.43 5.57 -47.35
N ALA A 339 -2.01 4.36 -47.00
CA ALA A 339 -0.64 4.17 -46.54
C ALA A 339 -0.02 2.83 -46.96
N GLY A 340 -0.78 1.75 -46.81
CA GLY A 340 -0.32 0.44 -47.22
C GLY A 340 -0.87 -0.75 -46.44
N ARG A 341 -0.11 -1.85 -46.43
CA ARG A 341 -0.52 -3.04 -45.69
C ARG A 341 0.63 -3.80 -45.05
N ILE A 342 0.35 -4.42 -43.90
CA ILE A 342 1.29 -5.28 -43.22
C ILE A 342 0.64 -6.63 -42.97
N LYS A 343 1.35 -7.70 -43.30
CA LYS A 343 0.91 -9.05 -42.95
C LYS A 343 2.07 -9.80 -42.33
N THR A 344 1.84 -10.39 -41.16
CA THR A 344 2.89 -11.15 -40.50
C THR A 344 2.51 -12.62 -40.49
N VAL A 345 3.51 -13.49 -40.56
CA VAL A 345 3.28 -14.91 -40.36
C VAL A 345 4.02 -15.34 -39.08
N THR A 346 3.26 -15.78 -38.09
CA THR A 346 3.83 -16.30 -36.84
C THR A 346 3.42 -17.76 -36.65
N SER A 347 3.77 -18.34 -35.51
CA SER A 347 3.44 -19.74 -35.24
C SER A 347 1.93 -19.98 -34.98
N LEU A 348 1.18 -18.90 -34.75
CA LEU A 348 -0.28 -19.00 -34.67
C LEU A 348 -0.86 -19.24 -36.07
N ASP A 349 -0.21 -18.68 -37.08
CA ASP A 349 -0.62 -18.87 -38.47
C ASP A 349 -0.07 -20.15 -39.07
N LEU A 350 1.20 -20.44 -38.77
CA LEU A 350 1.91 -21.56 -39.36
C LEU A 350 2.65 -22.30 -38.25
N PRO A 351 1.97 -23.26 -37.61
CA PRO A 351 2.41 -23.89 -36.35
C PRO A 351 3.83 -24.49 -36.36
N VAL A 352 4.28 -24.97 -37.51
CA VAL A 352 5.63 -25.53 -37.61
C VAL A 352 6.69 -24.48 -37.27
N LEU A 353 6.32 -23.20 -37.32
CA LEU A 353 7.24 -22.11 -37.00
C LEU A 353 7.68 -22.11 -35.54
N ARG A 354 6.90 -22.73 -34.67
CA ARG A 354 7.29 -22.83 -33.27
C ARG A 354 8.55 -23.69 -33.11
N TRP A 355 8.74 -24.63 -34.02
CA TRP A 355 9.94 -25.47 -34.00
C TRP A 355 11.16 -24.70 -34.51
N LEU A 356 10.96 -23.87 -35.53
CA LEU A 356 12.06 -23.16 -36.12
C LEU A 356 12.38 -21.90 -35.32
N LYS A 357 11.44 -21.45 -34.50
CA LYS A 357 11.54 -20.17 -33.79
C LYS A 357 11.88 -19.05 -34.78
N LEU A 358 11.13 -19.02 -35.88
CA LEU A 358 11.30 -18.00 -36.90
C LEU A 358 9.94 -17.43 -37.26
N SER A 359 9.94 -16.22 -37.80
CA SER A 359 8.71 -15.64 -38.35
C SER A 359 9.04 -14.58 -39.39
N ALA A 360 8.02 -14.00 -39.98
CA ALA A 360 8.25 -13.01 -41.02
C ALA A 360 7.12 -12.01 -41.12
N GLU A 361 7.47 -10.82 -41.60
CA GLU A 361 6.53 -9.73 -41.78
C GLU A 361 6.69 -9.26 -43.23
N HIS A 362 5.57 -9.11 -43.92
CA HIS A 362 5.61 -8.57 -45.27
C HIS A 362 4.88 -7.23 -45.28
N GLY A 363 5.51 -6.20 -45.81
CA GLY A 363 4.95 -4.87 -45.76
C GLY A 363 4.98 -4.10 -47.06
N SER A 364 3.97 -3.23 -47.24
CA SER A 364 3.87 -2.37 -48.40
C SER A 364 3.57 -0.91 -47.96
N LEU A 365 4.32 0.03 -48.51
CA LEU A 365 4.10 1.44 -48.19
C LEU A 365 3.92 2.31 -49.43
N HIS A 366 2.85 3.11 -49.43
CA HIS A 366 2.63 4.07 -50.50
C HIS A 366 3.67 5.17 -50.44
N LYS A 367 3.79 5.92 -51.54
CA LYS A 367 4.77 7.01 -51.61
C LYS A 367 4.56 8.03 -50.52
N ASN A 368 5.64 8.33 -49.80
CA ASN A 368 5.67 9.34 -48.75
C ASN A 368 4.85 9.00 -47.51
N ALA A 369 4.34 7.77 -47.45
CA ALA A 369 3.74 7.26 -46.23
C ALA A 369 4.85 6.63 -45.41
N MET A 370 4.62 6.47 -44.11
CA MET A 370 5.64 5.82 -43.29
C MET A 370 5.02 4.86 -42.29
N PHE A 371 5.81 3.94 -41.75
CA PHE A 371 5.38 3.25 -40.54
C PHE A 371 6.06 3.87 -39.32
N VAL A 372 5.28 4.06 -38.27
CA VAL A 372 5.72 4.79 -37.10
C VAL A 372 6.96 4.16 -36.48
N PRO A 373 7.76 4.97 -35.77
CA PRO A 373 8.89 4.39 -35.05
C PRO A 373 8.39 3.26 -34.16
N HIS A 374 9.17 2.19 -34.09
CA HIS A 374 8.80 1.03 -33.32
C HIS A 374 10.02 0.16 -33.11
N TYR A 375 9.93 -0.78 -32.18
CA TYR A 375 10.99 -1.75 -31.97
C TYR A 375 10.46 -3.17 -31.81
N ASN A 376 11.34 -4.15 -31.99
CA ASN A 376 10.98 -5.54 -31.75
C ASN A 376 11.32 -5.98 -30.32
N LEU A 377 10.30 -6.44 -29.61
CA LEU A 377 10.47 -6.86 -28.23
C LEU A 377 11.55 -7.92 -28.07
N ASN A 378 11.47 -8.96 -28.89
CA ASN A 378 12.21 -10.19 -28.62
C ASN A 378 12.75 -10.87 -29.87
N ALA A 379 13.27 -10.10 -30.82
CA ALA A 379 13.73 -10.68 -32.08
C ALA A 379 14.58 -9.71 -32.88
N ASN A 380 15.57 -10.26 -33.58
CA ASN A 380 16.30 -9.51 -34.58
C ASN A 380 15.48 -9.52 -35.87
N SER A 381 15.61 -8.47 -36.67
CA SER A 381 14.90 -8.39 -37.94
C SER A 381 15.89 -8.20 -39.06
N ILE A 382 15.80 -9.02 -40.09
CA ILE A 382 16.52 -8.76 -41.31
C ILE A 382 15.49 -8.23 -42.29
N ILE A 383 15.58 -6.96 -42.62
CA ILE A 383 14.67 -6.38 -43.60
C ILE A 383 15.27 -6.46 -44.99
N TYR A 384 14.57 -7.16 -45.88
CA TYR A 384 14.99 -7.33 -47.27
C TYR A 384 14.07 -6.54 -48.19
N ALA A 385 14.62 -5.57 -48.90
CA ALA A 385 13.81 -4.71 -49.78
C ALA A 385 13.37 -5.46 -51.04
N LEU A 386 12.06 -5.57 -51.22
CA LEU A 386 11.49 -6.33 -52.34
C LEU A 386 11.25 -5.46 -53.57
N LYS A 387 10.62 -4.31 -53.36
CA LYS A 387 10.36 -3.35 -54.42
C LYS A 387 10.62 -1.93 -53.91
N GLY A 388 11.11 -1.07 -54.79
CA GLY A 388 11.21 0.34 -54.49
C GLY A 388 12.31 0.72 -53.51
N ARG A 389 12.22 1.93 -52.99
CA ARG A 389 13.21 2.47 -52.08
C ARG A 389 12.52 3.10 -50.88
N ALA A 390 13.20 3.14 -49.74
CA ALA A 390 12.70 3.85 -48.58
C ALA A 390 13.81 4.52 -47.79
N ARG A 391 13.42 5.52 -47.01
CA ARG A 391 14.31 6.17 -46.08
C ARG A 391 14.05 5.49 -44.76
N LEU A 392 15.07 4.85 -44.21
CA LEU A 392 14.95 4.25 -42.89
C LEU A 392 15.88 4.94 -41.90
N GLN A 393 15.43 5.02 -40.66
CA GLN A 393 16.29 5.42 -39.56
C GLN A 393 16.14 4.38 -38.46
N VAL A 394 17.26 3.89 -37.95
CA VAL A 394 17.23 3.05 -36.76
C VAL A 394 18.15 3.61 -35.69
N VAL A 395 17.66 3.65 -34.45
CA VAL A 395 18.42 4.22 -33.34
C VAL A 395 18.65 3.19 -32.24
N ASN A 396 19.76 3.33 -31.53
CA ASN A 396 20.18 2.35 -30.53
C ASN A 396 19.85 2.79 -29.09
N CYS A 397 20.46 2.15 -28.10
CA CYS A 397 20.13 2.41 -26.69
C CYS A 397 20.78 3.67 -26.16
N ASN A 398 21.64 4.29 -26.97
CA ASN A 398 22.33 5.50 -26.54
C ASN A 398 21.88 6.72 -27.34
N GLY A 399 20.70 6.64 -27.94
CA GLY A 399 20.16 7.72 -28.75
C GLY A 399 20.89 7.97 -30.06
N ASN A 400 21.91 7.17 -30.35
CA ASN A 400 22.66 7.29 -31.59
C ASN A 400 21.88 6.83 -32.82
N THR A 401 22.08 7.53 -33.92
CA THR A 401 21.47 7.14 -35.19
C THR A 401 22.41 6.22 -35.97
N VAL A 402 22.21 4.91 -35.82
CA VAL A 402 23.16 3.93 -36.33
C VAL A 402 22.90 3.63 -37.80
N PHE A 403 21.71 3.99 -38.26
CA PHE A 403 21.43 3.99 -39.69
C PHE A 403 20.47 5.10 -40.07
N ASP A 404 20.74 5.74 -41.20
CA ASP A 404 19.92 6.85 -41.69
C ASP A 404 20.07 7.04 -43.18
N GLY A 405 19.30 6.30 -43.96
CA GLY A 405 19.42 6.39 -45.41
C GLY A 405 18.44 5.54 -46.20
N GLU A 406 18.77 5.37 -47.48
CA GLU A 406 17.90 4.66 -48.40
C GLU A 406 18.17 3.17 -48.36
N LEU A 407 17.08 2.39 -48.33
CA LEU A 407 17.12 0.96 -48.55
C LEU A 407 16.36 0.65 -49.84
N GLU A 408 17.08 0.20 -50.86
CA GLU A 408 16.48 -0.04 -52.16
C GLU A 408 16.26 -1.53 -52.41
N ALA A 409 15.31 -1.85 -53.29
CA ALA A 409 15.04 -3.23 -53.64
C ALA A 409 16.35 -4.00 -53.78
N GLY A 410 16.36 -5.24 -53.28
CA GLY A 410 17.51 -6.11 -53.41
C GLY A 410 18.56 -5.97 -52.33
N ARG A 411 18.29 -5.16 -51.32
CA ARG A 411 19.24 -5.01 -50.23
C ARG A 411 18.64 -5.34 -48.87
N ALA A 412 19.51 -5.71 -47.94
CA ALA A 412 19.07 -6.07 -46.59
C ALA A 412 19.60 -5.12 -45.51
N LEU A 413 18.75 -4.84 -44.54
CA LEU A 413 19.16 -4.07 -43.36
C LEU A 413 18.86 -4.88 -42.10
N THR A 414 19.87 -5.07 -41.28
CA THR A 414 19.73 -5.76 -40.01
C THR A 414 19.24 -4.79 -38.95
N VAL A 415 18.14 -5.12 -38.28
CA VAL A 415 17.70 -4.31 -37.15
C VAL A 415 17.69 -5.12 -35.86
N PRO A 416 18.69 -4.91 -35.00
CA PRO A 416 18.80 -5.67 -33.74
C PRO A 416 17.57 -5.50 -32.85
N GLN A 417 17.29 -6.53 -32.06
CA GLN A 417 16.22 -6.48 -31.07
C GLN A 417 16.26 -5.20 -30.24
N ASN A 418 15.11 -4.55 -30.07
CA ASN A 418 14.98 -3.37 -29.21
C ASN A 418 15.46 -2.04 -29.82
N TYR A 419 16.29 -2.11 -30.85
CA TYR A 419 16.64 -0.94 -31.65
C TYR A 419 15.37 -0.39 -32.30
N ALA A 420 15.13 0.91 -32.18
CA ALA A 420 13.95 1.50 -32.79
C ALA A 420 14.18 1.78 -34.28
N VAL A 421 13.15 1.55 -35.09
CA VAL A 421 13.26 1.73 -36.53
C VAL A 421 12.03 2.44 -37.07
N ALA A 422 12.23 3.26 -38.09
CA ALA A 422 11.14 3.89 -38.82
C ALA A 422 11.48 3.95 -40.30
N ALA A 423 10.45 3.93 -41.14
CA ALA A 423 10.64 3.96 -42.58
C ALA A 423 9.70 4.96 -43.26
N LYS A 424 10.21 5.63 -44.29
CA LYS A 424 9.40 6.53 -45.10
C LYS A 424 9.66 6.19 -46.55
N SER A 425 8.60 5.93 -47.31
CA SER A 425 8.76 5.46 -48.69
C SER A 425 9.09 6.58 -49.67
N LEU A 426 10.06 6.30 -50.54
CA LEU A 426 10.47 7.27 -51.54
C LEU A 426 9.93 6.88 -52.91
N SER A 427 9.18 5.78 -52.97
CA SER A 427 8.68 5.22 -54.22
C SER A 427 7.17 5.11 -54.20
N ASP A 428 6.58 4.99 -55.38
CA ASP A 428 5.15 4.76 -55.50
C ASP A 428 4.73 3.62 -54.56
N ARG A 429 5.53 2.57 -54.55
CA ARG A 429 5.36 1.51 -53.57
C ARG A 429 6.72 1.03 -53.09
N PHE A 430 6.84 0.88 -51.77
CA PHE A 430 7.98 0.21 -51.18
C PHE A 430 7.42 -1.04 -50.51
N SER A 431 7.92 -2.20 -50.92
CA SER A 431 7.55 -3.45 -50.26
C SER A 431 8.80 -4.19 -49.78
N TYR A 432 8.66 -4.88 -48.67
CA TYR A 432 9.78 -5.53 -48.03
C TYR A 432 9.28 -6.78 -47.34
N VAL A 433 10.20 -7.69 -47.06
CA VAL A 433 9.91 -8.83 -46.20
C VAL A 433 10.94 -8.83 -45.07
N ALA A 434 10.46 -8.84 -43.83
CA ALA A 434 11.36 -8.83 -42.70
C ALA A 434 11.38 -10.19 -41.99
N PHE A 435 12.55 -10.83 -41.96
CA PHE A 435 12.71 -12.08 -41.24
C PHE A 435 12.99 -11.80 -39.78
N LYS A 436 12.24 -12.45 -38.89
CA LYS A 436 12.43 -12.23 -37.47
C LYS A 436 12.80 -13.51 -36.73
N THR A 437 13.83 -13.42 -35.88
CA THR A 437 14.41 -14.59 -35.23
C THR A 437 13.67 -15.01 -33.97
N ASN A 438 12.34 -14.94 -34.02
CA ASN A 438 11.48 -15.57 -33.02
C ASN A 438 10.15 -15.91 -33.67
N ASP A 439 9.42 -16.89 -33.13
CA ASP A 439 8.18 -17.32 -33.78
C ASP A 439 6.97 -16.49 -33.39
N ARG A 440 7.07 -15.79 -32.26
CA ARG A 440 6.04 -14.83 -31.87
C ARG A 440 6.69 -13.46 -31.77
N ALA A 441 7.15 -12.92 -32.90
CA ALA A 441 7.81 -11.63 -32.89
C ALA A 441 6.78 -10.55 -32.55
N GLY A 442 7.05 -9.84 -31.46
CA GLY A 442 6.19 -8.74 -31.06
C GLY A 442 6.85 -7.39 -31.32
N ILE A 443 6.07 -6.45 -31.85
CA ILE A 443 6.56 -5.09 -31.99
C ILE A 443 5.86 -4.17 -31.02
N ALA A 444 6.60 -3.20 -30.50
CA ALA A 444 6.00 -2.11 -29.72
C ALA A 444 5.98 -0.89 -30.62
N ARG A 445 4.79 -0.35 -30.84
CA ARG A 445 4.67 0.89 -31.60
C ARG A 445 4.98 2.06 -30.69
N LEU A 446 5.82 2.98 -31.15
CA LEU A 446 6.22 4.13 -30.36
C LEU A 446 5.32 5.33 -30.61
N ALA A 447 4.57 5.28 -31.69
CA ALA A 447 3.61 6.34 -32.02
C ALA A 447 2.42 5.69 -32.70
N GLY A 448 1.28 6.38 -32.69
CA GLY A 448 0.09 5.85 -33.30
C GLY A 448 -0.98 5.42 -32.32
N THR A 449 -2.02 4.79 -32.84
CA THR A 449 -3.21 4.44 -32.07
C THR A 449 -2.95 3.65 -30.78
N SER A 450 -2.35 2.48 -30.90
CA SER A 450 -2.08 1.66 -29.73
C SER A 450 -0.58 1.64 -29.43
N SER A 451 -0.04 2.80 -29.07
CA SER A 451 1.40 2.93 -28.89
C SER A 451 1.80 3.00 -27.42
N VAL A 452 3.11 3.08 -27.17
CA VAL A 452 3.63 3.10 -25.81
C VAL A 452 3.19 4.36 -25.07
N ILE A 453 3.38 5.51 -25.70
CA ILE A 453 2.92 6.76 -25.11
C ILE A 453 1.41 6.69 -24.86
N ASN A 454 0.66 6.27 -25.87
CA ASN A 454 -0.78 6.08 -25.72
C ASN A 454 -1.17 5.37 -24.44
N ASN A 455 -0.51 4.25 -24.18
CA ASN A 455 -0.85 3.40 -23.03
C ASN A 455 -0.21 3.82 -21.71
N LEU A 456 0.39 5.00 -21.69
CA LEU A 456 0.93 5.55 -20.46
C LEU A 456 -0.09 6.54 -19.90
N PRO A 457 -0.22 6.59 -18.56
CA PRO A 457 -1.13 7.59 -17.98
C PRO A 457 -0.75 8.99 -18.46
N LEU A 458 -1.75 9.83 -18.72
CA LEU A 458 -1.52 11.16 -19.26
C LEU A 458 -0.43 11.90 -18.50
N ASP A 459 -0.58 11.93 -17.18
CA ASP A 459 0.31 12.72 -16.34
C ASP A 459 1.75 12.23 -16.36
N VAL A 460 1.97 10.92 -16.33
CA VAL A 460 3.35 10.43 -16.41
C VAL A 460 3.94 10.76 -17.79
N VAL A 461 3.10 10.79 -18.82
CA VAL A 461 3.54 11.27 -20.13
C VAL A 461 4.03 12.71 -20.02
N ALA A 462 3.27 13.52 -19.28
CA ALA A 462 3.63 14.93 -19.09
C ALA A 462 4.92 15.08 -18.30
N ALA A 463 5.06 14.30 -17.22
CA ALA A 463 6.24 14.41 -16.38
C ALA A 463 7.46 13.75 -17.05
N THR A 464 7.21 12.84 -17.97
CA THR A 464 8.28 12.12 -18.65
C THR A 464 8.97 13.00 -19.69
N PHE A 465 8.18 13.66 -20.53
CA PHE A 465 8.77 14.49 -21.57
C PHE A 465 8.74 15.98 -21.24
N ASN A 466 8.21 16.32 -20.06
CA ASN A 466 8.10 17.72 -19.65
C ASN A 466 7.18 18.50 -20.61
N LEU A 467 5.94 18.06 -20.71
CA LEU A 467 4.97 18.70 -21.58
C LEU A 467 3.80 19.14 -20.72
N GLN A 468 3.15 20.22 -21.09
CA GLN A 468 1.89 20.58 -20.46
C GLN A 468 0.89 19.45 -20.70
N ARG A 469 -0.16 19.39 -19.89
CA ARG A 469 -1.17 18.35 -20.06
C ARG A 469 -1.71 18.37 -21.48
N ASN A 470 -2.06 19.56 -21.95
CA ASN A 470 -2.60 19.74 -23.29
C ASN A 470 -1.70 19.15 -24.37
N GLU A 471 -0.40 19.38 -24.25
CA GLU A 471 0.55 18.87 -25.23
C GLU A 471 0.62 17.34 -25.18
N ALA A 472 0.48 16.80 -23.99
CA ALA A 472 0.49 15.36 -23.79
C ALA A 472 -0.67 14.70 -24.53
N ARG A 473 -1.86 15.29 -24.46
CA ARG A 473 -3.02 14.76 -25.20
C ARG A 473 -2.74 14.78 -26.69
N GLN A 474 -2.14 15.87 -27.17
CA GLN A 474 -1.73 15.95 -28.56
C GLN A 474 -0.84 14.78 -28.91
N LEU A 475 0.24 14.63 -28.14
CA LEU A 475 1.19 13.56 -28.38
C LEU A 475 0.48 12.21 -28.47
N LYS A 476 -0.55 12.02 -27.64
CA LYS A 476 -1.32 10.79 -27.63
C LYS A 476 -2.25 10.61 -28.82
N SER A 477 -3.03 11.64 -29.12
CA SER A 477 -4.20 11.45 -29.98
C SER A 477 -4.20 12.14 -31.34
N ASN A 478 -3.27 13.05 -31.58
CA ASN A 478 -3.24 13.75 -32.86
C ASN A 478 -3.07 12.79 -34.04
N ASN A 479 -2.45 11.64 -33.79
CA ASN A 479 -2.31 10.62 -34.82
C ASN A 479 -3.29 9.48 -34.57
N PRO A 480 -4.27 9.33 -35.47
CA PRO A 480 -5.39 8.40 -35.34
C PRO A 480 -5.13 7.02 -35.92
N PHE A 481 -3.96 6.82 -36.53
CA PHE A 481 -3.63 5.55 -37.18
C PHE A 481 -2.78 4.63 -36.31
N LYS A 482 -2.89 3.33 -36.52
CA LYS A 482 -2.16 2.36 -35.71
C LYS A 482 -0.65 2.29 -36.01
N PHE A 483 -0.30 1.81 -37.20
CA PHE A 483 1.10 1.50 -37.49
C PHE A 483 1.57 2.30 -38.69
N LEU A 484 0.62 2.57 -39.59
CA LEU A 484 0.91 3.30 -40.82
C LEU A 484 0.42 4.73 -40.75
N VAL A 485 1.19 5.64 -41.33
CA VAL A 485 0.76 7.02 -41.42
C VAL A 485 0.85 7.52 -42.85
N PRO A 486 -0.29 7.94 -43.41
CA PRO A 486 -0.37 8.47 -44.78
C PRO A 486 0.52 9.70 -44.93
N ALA A 487 1.01 9.94 -46.14
CA ALA A 487 1.78 11.14 -46.41
C ALA A 487 0.88 12.35 -46.27
N ARG A 488 1.47 13.55 -46.26
CA ARG A 488 0.68 14.78 -46.15
C ARG A 488 0.69 15.58 -47.46
N GLU A 489 -0.04 16.69 -47.47
CA GLU A 489 -0.14 17.53 -48.66
C GLU A 489 1.20 18.18 -49.05
N GLN B 7 34.61 -22.08 -22.87
CA GLN B 7 35.30 -21.23 -21.90
C GLN B 7 34.90 -21.55 -20.46
N ASN B 8 35.45 -20.78 -19.52
CA ASN B 8 35.37 -21.11 -18.10
C ASN B 8 34.92 -19.97 -17.21
N GLU B 9 33.91 -19.22 -17.64
CA GLU B 9 33.43 -18.09 -16.86
C GLU B 9 32.94 -18.54 -15.48
N CYS B 10 32.83 -19.85 -15.29
CA CYS B 10 32.33 -20.40 -14.03
C CYS B 10 33.34 -21.22 -13.23
N GLN B 11 34.56 -21.35 -13.73
CA GLN B 11 35.64 -21.88 -12.89
C GLN B 11 36.05 -20.80 -11.91
N LEU B 12 35.20 -20.57 -10.90
CA LEU B 12 35.43 -19.51 -9.92
C LEU B 12 36.11 -20.10 -8.69
N GLU B 13 37.28 -19.57 -8.36
CA GLU B 13 38.03 -20.06 -7.21
C GLU B 13 37.82 -19.12 -6.04
N ARG B 14 37.35 -17.91 -6.34
CA ARG B 14 37.03 -16.91 -5.32
C ARG B 14 35.71 -16.21 -5.63
N LEU B 15 34.95 -15.90 -4.59
CA LEU B 15 33.73 -15.11 -4.74
C LEU B 15 33.81 -13.92 -3.82
N ASP B 16 33.28 -12.79 -4.28
CA ASP B 16 33.28 -11.56 -3.49
C ASP B 16 31.87 -11.13 -3.15
N ALA B 17 31.65 -10.74 -1.90
CA ALA B 17 30.44 -10.03 -1.51
C ALA B 17 30.64 -8.56 -1.90
N LEU B 18 29.86 -8.09 -2.87
CA LEU B 18 30.08 -6.78 -3.45
C LEU B 18 28.95 -5.80 -3.20
N GLU B 19 29.34 -4.58 -2.85
CA GLU B 19 28.46 -3.41 -2.92
C GLU B 19 28.33 -3.02 -4.40
N PRO B 20 27.28 -2.25 -4.75
CA PRO B 20 27.21 -1.86 -6.16
C PRO B 20 28.53 -1.23 -6.58
N ASP B 21 28.89 -1.35 -7.85
CA ASP B 21 30.19 -0.87 -8.30
C ASP B 21 30.18 0.61 -8.63
N ASN B 22 29.07 1.11 -9.17
CA ASN B 22 28.96 2.50 -9.62
C ASN B 22 27.61 3.14 -9.29
N ARG B 23 27.61 4.44 -8.98
CA ARG B 23 26.39 5.18 -8.68
C ARG B 23 26.15 6.18 -9.77
N ILE B 24 24.90 6.29 -10.20
CA ILE B 24 24.50 7.36 -11.12
C ILE B 24 23.36 8.19 -10.51
N GLU B 25 23.67 9.44 -10.17
CA GLU B 25 22.69 10.31 -9.53
C GLU B 25 21.83 11.01 -10.56
N SER B 26 20.53 11.03 -10.31
CA SER B 26 19.62 11.81 -11.13
C SER B 26 18.88 12.80 -10.23
N GLU B 27 18.14 13.71 -10.84
CA GLU B 27 17.40 14.74 -10.12
C GLU B 27 16.57 14.19 -8.96
N GLY B 28 15.90 13.07 -9.18
CA GLY B 28 14.98 12.52 -8.20
C GLY B 28 15.41 11.26 -7.51
N GLY B 29 16.62 10.78 -7.80
CA GLY B 29 17.09 9.57 -7.16
C GLY B 29 18.48 9.11 -7.55
N LEU B 30 18.65 7.81 -7.66
CA LEU B 30 19.96 7.20 -7.78
C LEU B 30 19.84 5.81 -8.41
N ILE B 31 20.69 5.51 -9.38
CA ILE B 31 20.78 4.15 -9.91
C ILE B 31 22.17 3.56 -9.63
N GLU B 32 22.19 2.45 -8.90
CA GLU B 32 23.45 1.77 -8.58
C GLU B 32 23.57 0.49 -9.39
N THR B 33 24.70 0.30 -10.03
CA THR B 33 24.92 -0.87 -10.85
C THR B 33 26.08 -1.67 -10.29
N TRP B 34 25.98 -2.99 -10.42
CA TRP B 34 27.11 -3.88 -10.26
C TRP B 34 27.69 -4.07 -11.66
N ASN B 35 29.01 -4.19 -11.75
CA ASN B 35 29.66 -4.36 -13.04
C ASN B 35 29.36 -5.76 -13.60
N PRO B 36 28.61 -5.83 -14.72
CA PRO B 36 28.23 -7.12 -15.33
C PRO B 36 29.41 -7.87 -15.96
N ASN B 37 30.56 -7.23 -16.06
CA ASN B 37 31.76 -7.91 -16.56
C ASN B 37 32.56 -8.64 -15.47
N ASN B 38 32.12 -8.56 -14.21
CA ASN B 38 32.71 -9.37 -13.15
C ASN B 38 32.44 -10.85 -13.45
N LYS B 39 33.51 -11.65 -13.57
CA LYS B 39 33.37 -13.08 -13.79
C LYS B 39 32.16 -13.66 -13.05
N GLN B 40 32.06 -13.37 -11.76
CA GLN B 40 30.91 -13.73 -10.93
C GLN B 40 29.54 -13.58 -11.63
N PHE B 41 29.31 -12.42 -12.24
CA PHE B 41 28.03 -12.16 -12.90
C PHE B 41 27.99 -12.71 -14.31
N ARG B 42 29.13 -12.72 -14.99
CA ARG B 42 29.22 -13.35 -16.31
C ARG B 42 28.89 -14.85 -16.21
N CYS B 43 29.38 -15.49 -15.16
CA CYS B 43 29.08 -16.88 -14.88
C CYS B 43 27.58 -17.04 -14.67
N ALA B 44 27.03 -16.25 -13.76
CA ALA B 44 25.62 -16.36 -13.42
C ALA B 44 24.76 -16.03 -14.63
N GLY B 45 25.30 -15.20 -15.52
CA GLY B 45 24.57 -14.79 -16.71
C GLY B 45 23.57 -13.69 -16.43
N VAL B 46 23.89 -12.82 -15.46
CA VAL B 46 22.97 -11.78 -15.03
C VAL B 46 23.67 -10.46 -14.76
N ALA B 47 22.87 -9.40 -14.69
CA ALA B 47 23.32 -8.09 -14.22
C ALA B 47 22.49 -7.72 -12.99
N LEU B 48 23.07 -6.94 -12.08
CA LEU B 48 22.37 -6.53 -10.86
C LEU B 48 22.37 -5.00 -10.73
N SER B 49 21.22 -4.42 -10.45
CA SER B 49 21.15 -2.97 -10.20
C SER B 49 20.18 -2.60 -9.06
N ARG B 50 20.29 -1.36 -8.59
CA ARG B 50 19.51 -0.90 -7.44
C ARG B 50 19.09 0.55 -7.71
N ALA B 51 17.78 0.77 -7.79
CA ALA B 51 17.23 2.11 -8.03
C ALA B 51 16.65 2.69 -6.76
N THR B 52 16.95 3.97 -6.52
CA THR B 52 16.36 4.71 -5.41
C THR B 52 15.51 5.86 -5.90
N LEU B 53 14.24 5.86 -5.51
CA LEU B 53 13.35 6.96 -5.85
C LEU B 53 13.03 7.78 -4.61
N GLN B 54 13.43 9.06 -4.64
CA GLN B 54 13.06 9.96 -3.58
C GLN B 54 11.57 10.30 -3.68
N ARG B 55 11.07 11.01 -2.68
CA ARG B 55 9.68 11.41 -2.60
C ARG B 55 9.20 12.07 -3.88
N ASN B 56 8.07 11.60 -4.39
CA ASN B 56 7.50 12.12 -5.64
C ASN B 56 8.45 12.02 -6.83
N ALA B 57 9.30 11.00 -6.84
CA ALA B 57 10.20 10.78 -7.97
C ALA B 57 9.66 9.75 -8.96
N LEU B 58 10.01 9.95 -10.23
CA LEU B 58 9.47 9.14 -11.32
C LEU B 58 10.61 8.45 -12.04
N ARG B 59 10.67 7.13 -11.93
CA ARG B 59 11.54 6.34 -12.79
C ARG B 59 10.91 6.39 -14.18
N ARG B 60 11.52 7.13 -15.09
CA ARG B 60 10.94 7.32 -16.41
C ARG B 60 10.98 6.04 -17.25
N PRO B 61 10.02 5.89 -18.17
CA PRO B 61 9.84 4.67 -18.96
C PRO B 61 11.10 4.20 -19.68
N TYR B 62 11.44 2.92 -19.47
CA TYR B 62 12.54 2.28 -20.18
C TYR B 62 12.20 0.82 -20.42
N TYR B 63 12.83 0.23 -21.42
CA TYR B 63 12.71 -1.20 -21.68
C TYR B 63 14.09 -1.85 -21.75
N SER B 64 14.11 -3.17 -21.65
CA SER B 64 15.37 -3.90 -21.69
C SER B 64 15.29 -5.07 -22.64
N ASN B 65 16.44 -5.49 -23.17
CA ASN B 65 16.51 -6.61 -24.09
C ASN B 65 16.54 -7.94 -23.35
N ALA B 66 16.22 -7.93 -22.07
CA ALA B 66 16.17 -9.15 -21.29
C ALA B 66 15.15 -9.07 -20.15
N PRO B 67 14.73 -10.22 -19.63
CA PRO B 67 13.77 -10.23 -18.53
C PRO B 67 14.34 -9.57 -17.28
N GLN B 68 13.47 -8.90 -16.51
CA GLN B 68 13.85 -8.38 -15.21
C GLN B 68 12.97 -8.95 -14.12
N GLU B 69 13.57 -9.24 -12.98
CA GLU B 69 12.84 -9.53 -11.76
C GLU B 69 13.26 -8.49 -10.74
N ILE B 70 12.30 -7.73 -10.22
CA ILE B 70 12.60 -6.59 -9.36
C ILE B 70 12.07 -6.76 -7.95
N PHE B 71 12.93 -6.56 -6.96
CA PHE B 71 12.51 -6.68 -5.56
C PHE B 71 12.40 -5.33 -4.87
N ILE B 72 11.22 -5.05 -4.32
CA ILE B 72 11.02 -3.82 -3.58
C ILE B 72 11.56 -3.97 -2.17
N GLN B 73 12.76 -3.46 -1.95
CA GLN B 73 13.41 -3.50 -0.65
C GLN B 73 12.79 -2.50 0.32
N GLN B 74 12.32 -1.37 -0.19
CA GLN B 74 11.84 -0.29 0.65
C GLN B 74 10.87 0.63 -0.08
N GLY B 75 9.87 1.13 0.65
CA GLY B 75 8.95 2.11 0.12
C GLY B 75 7.75 1.49 -0.59
N ASN B 76 6.80 2.33 -0.92
CA ASN B 76 5.57 1.94 -1.60
C ASN B 76 5.41 2.87 -2.76
N GLY B 77 4.68 2.43 -3.79
CA GLY B 77 4.41 3.31 -4.91
C GLY B 77 3.53 2.68 -5.97
N TYR B 78 3.59 3.26 -7.16
CA TYR B 78 2.85 2.75 -8.30
C TYR B 78 3.82 2.27 -9.36
N PHE B 79 3.35 1.40 -10.25
CA PHE B 79 4.11 1.05 -11.42
C PHE B 79 3.19 0.69 -12.57
N GLY B 80 3.73 0.72 -13.79
CA GLY B 80 2.96 0.37 -14.95
C GLY B 80 3.84 -0.29 -15.99
N MET B 81 3.25 -1.18 -16.77
CA MET B 81 3.95 -1.74 -17.91
C MET B 81 3.15 -1.49 -19.16
N VAL B 82 3.81 -1.52 -20.30
CA VAL B 82 3.09 -1.39 -21.55
C VAL B 82 3.30 -2.63 -22.40
N PHE B 83 2.23 -3.40 -22.53
CA PHE B 83 2.22 -4.58 -23.37
C PHE B 83 1.61 -4.25 -24.73
N PRO B 84 2.43 -4.32 -25.78
CA PRO B 84 1.95 -4.10 -27.15
C PRO B 84 0.66 -4.86 -27.38
N GLY B 85 -0.36 -4.19 -27.92
CA GLY B 85 -1.63 -4.82 -28.19
C GLY B 85 -2.36 -5.39 -26.99
N CYS B 86 -2.72 -4.52 -26.05
CA CYS B 86 -3.49 -4.94 -24.89
C CYS B 86 -4.61 -3.95 -24.61
N PRO B 87 -5.81 -4.46 -24.24
CA PRO B 87 -6.95 -3.63 -23.82
C PRO B 87 -6.59 -2.61 -22.72
N GLU B 88 -7.33 -1.50 -22.64
CA GLU B 88 -6.95 -0.36 -21.80
C GLU B 88 -7.85 -0.10 -20.58
N THR B 89 -7.81 1.13 -20.08
CA THR B 89 -8.56 1.53 -18.87
C THR B 89 -8.49 3.04 -18.60
N PHE B 90 -9.41 3.54 -17.78
CA PHE B 90 -9.38 4.94 -17.37
C PHE B 90 -10.14 5.20 -16.07
N ASP B 106 -8.79 10.46 -20.27
CA ASP B 106 -7.51 9.79 -20.53
C ASP B 106 -7.67 8.28 -20.52
N ARG B 107 -6.95 7.61 -21.42
CA ARG B 107 -6.98 6.15 -21.50
C ARG B 107 -5.56 5.60 -21.47
N HIS B 108 -5.29 4.72 -20.52
CA HIS B 108 -3.96 4.13 -20.37
C HIS B 108 -4.05 2.64 -20.07
N GLN B 109 -2.91 2.00 -19.86
CA GLN B 109 -2.93 0.63 -19.37
C GLN B 109 -2.93 0.66 -17.84
N LYS B 110 -3.12 -0.50 -17.24
CA LYS B 110 -3.28 -0.60 -15.79
C LYS B 110 -2.02 -0.19 -15.02
N VAL B 111 -2.21 0.66 -14.01
CA VAL B 111 -1.15 1.00 -13.09
C VAL B 111 -1.45 0.32 -11.75
N ASN B 112 -0.46 -0.37 -11.20
CA ASN B 112 -0.64 -1.08 -9.94
C ASN B 112 0.12 -0.44 -8.81
N ARG B 113 -0.24 -0.81 -7.59
CA ARG B 113 0.54 -0.46 -6.42
C ARG B 113 1.61 -1.52 -6.18
N PHE B 114 2.77 -1.13 -5.67
CA PHE B 114 3.73 -2.09 -5.17
C PHE B 114 4.04 -1.80 -3.70
N ARG B 115 4.39 -2.82 -2.93
CA ARG B 115 4.72 -2.68 -1.51
C ARG B 115 6.10 -3.27 -1.23
N GLU B 116 6.67 -2.92 -0.08
CA GLU B 116 7.91 -3.58 0.35
C GLU B 116 7.72 -5.08 0.30
N GLY B 117 8.67 -5.78 -0.30
CA GLY B 117 8.63 -7.24 -0.37
C GLY B 117 8.05 -7.77 -1.66
N ASP B 118 7.58 -6.87 -2.51
CA ASP B 118 7.03 -7.27 -3.80
C ASP B 118 8.10 -7.78 -4.75
N ILE B 119 7.78 -8.82 -5.49
CA ILE B 119 8.58 -9.22 -6.64
C ILE B 119 7.80 -8.81 -7.88
N ILE B 120 8.42 -7.98 -8.72
CA ILE B 120 7.76 -7.51 -9.92
C ILE B 120 8.43 -8.11 -11.14
N ALA B 121 7.63 -8.77 -11.97
CA ALA B 121 8.15 -9.44 -13.14
C ALA B 121 7.98 -8.58 -14.38
N VAL B 122 9.08 -8.23 -15.02
CA VAL B 122 9.04 -7.41 -16.22
C VAL B 122 9.58 -8.20 -17.42
N PRO B 123 8.68 -8.62 -18.32
CA PRO B 123 9.11 -9.44 -19.46
C PRO B 123 10.00 -8.67 -20.45
N THR B 124 10.75 -9.41 -21.26
CA THR B 124 11.66 -8.83 -22.25
C THR B 124 10.95 -7.83 -23.15
N GLY B 125 11.55 -6.65 -23.28
CA GLY B 125 11.05 -5.64 -24.20
C GLY B 125 9.91 -4.79 -23.67
N ILE B 126 9.36 -5.15 -22.53
CA ILE B 126 8.23 -4.41 -21.98
C ILE B 126 8.64 -3.10 -21.30
N VAL B 127 8.01 -2.01 -21.72
CA VAL B 127 8.19 -0.71 -21.09
C VAL B 127 7.68 -0.74 -19.66
N PHE B 128 8.48 -0.17 -18.74
CA PHE B 128 8.21 -0.19 -17.31
C PHE B 128 8.52 1.19 -16.69
N TRP B 129 7.66 1.67 -15.80
CA TRP B 129 7.90 2.91 -15.06
C TRP B 129 7.48 2.74 -13.60
N MET B 130 8.10 3.52 -12.71
CA MET B 130 7.79 3.50 -11.29
C MET B 130 7.64 4.92 -10.74
N TYR B 131 6.70 5.09 -9.80
CA TYR B 131 6.54 6.37 -9.13
C TYR B 131 6.47 6.20 -7.62
N ASN B 132 7.27 6.97 -6.90
CA ASN B 132 7.17 7.01 -5.45
C ASN B 132 6.19 8.11 -5.05
N ASP B 133 4.98 7.71 -4.69
CA ASP B 133 3.95 8.67 -4.35
C ASP B 133 3.95 9.00 -2.85
N GLN B 134 4.93 8.46 -2.13
CA GLN B 134 5.01 8.69 -0.68
C GLN B 134 6.39 9.25 -0.27
N ASP B 135 6.67 9.26 1.03
CA ASP B 135 7.83 10.00 1.54
C ASP B 135 9.10 9.17 1.62
N THR B 136 9.00 7.99 2.21
CA THR B 136 10.15 7.10 2.28
C THR B 136 10.68 6.78 0.88
N PRO B 137 11.99 6.95 0.69
CA PRO B 137 12.62 6.62 -0.58
C PRO B 137 12.33 5.17 -0.97
N VAL B 138 11.93 4.95 -2.22
CA VAL B 138 11.77 3.58 -2.73
C VAL B 138 13.14 3.02 -3.09
N ILE B 139 13.35 1.76 -2.74
CA ILE B 139 14.57 1.06 -3.13
C ILE B 139 14.17 -0.27 -3.77
N ALA B 140 14.50 -0.40 -5.05
CA ALA B 140 14.14 -1.57 -5.82
C ALA B 140 15.40 -2.16 -6.42
N VAL B 141 15.70 -3.41 -6.09
CA VAL B 141 16.84 -4.06 -6.72
C VAL B 141 16.41 -5.00 -7.85
N SER B 142 17.11 -4.87 -8.97
CA SER B 142 16.70 -5.50 -10.22
C SER B 142 17.67 -6.57 -10.65
N LEU B 143 17.14 -7.76 -10.89
CA LEU B 143 17.91 -8.77 -11.60
C LEU B 143 17.58 -8.71 -13.07
N THR B 144 18.58 -8.42 -13.91
CA THR B 144 18.39 -8.47 -15.35
C THR B 144 19.02 -9.76 -15.88
N ASP B 145 18.22 -10.56 -16.57
CA ASP B 145 18.62 -11.91 -16.91
C ASP B 145 19.17 -12.06 -18.33
N ILE B 146 20.48 -11.83 -18.48
CA ILE B 146 21.17 -11.82 -19.76
C ILE B 146 21.26 -13.19 -20.43
N ARG B 147 21.38 -14.25 -19.64
CA ARG B 147 21.48 -15.59 -20.21
C ARG B 147 20.19 -16.00 -20.90
N SER B 148 19.12 -15.24 -20.67
CA SER B 148 17.81 -15.56 -21.24
C SER B 148 17.86 -15.81 -22.75
N SER B 149 16.94 -16.63 -23.24
CA SER B 149 16.83 -16.92 -24.65
C SER B 149 16.12 -15.81 -25.39
N ASN B 150 15.35 -15.02 -24.65
CA ASN B 150 14.66 -13.86 -25.22
C ASN B 150 15.62 -12.71 -25.46
N ASN B 151 16.83 -12.86 -24.94
CA ASN B 151 17.88 -11.89 -25.22
C ASN B 151 18.66 -12.35 -26.45
N GLN B 152 18.50 -11.63 -27.55
CA GLN B 152 19.09 -12.02 -28.82
C GLN B 152 20.20 -11.09 -29.25
N LEU B 153 20.55 -10.17 -28.36
CA LEU B 153 21.74 -9.35 -28.57
C LEU B 153 22.96 -10.10 -28.04
N ASP B 154 23.75 -9.46 -27.20
CA ASP B 154 24.96 -10.07 -26.66
C ASP B 154 24.91 -10.16 -25.14
N GLN B 155 26.07 -10.34 -24.53
CA GLN B 155 26.15 -10.57 -23.08
C GLN B 155 26.00 -9.28 -22.27
N MET B 156 25.84 -8.15 -22.94
CA MET B 156 25.74 -6.86 -22.27
C MET B 156 24.30 -6.44 -21.97
N PRO B 157 24.03 -6.09 -20.71
CA PRO B 157 22.75 -5.50 -20.31
C PRO B 157 22.57 -4.17 -21.02
N ARG B 158 21.39 -3.93 -21.58
CA ARG B 158 21.09 -2.65 -22.18
C ARG B 158 19.78 -2.16 -21.63
N ARG B 159 19.65 -0.85 -21.51
CA ARG B 159 18.37 -0.25 -21.16
C ARG B 159 18.05 0.86 -22.12
N PHE B 160 16.78 0.92 -22.53
CA PHE B 160 16.37 1.86 -23.54
C PHE B 160 15.37 2.83 -22.92
N TYR B 161 15.77 4.10 -22.86
CA TYR B 161 14.92 5.16 -22.31
C TYR B 161 14.12 5.94 -23.37
N LEU B 162 12.81 6.07 -23.15
CA LEU B 162 11.97 6.85 -24.05
C LEU B 162 12.31 8.34 -24.00
N ALA B 163 12.84 8.80 -22.87
CA ALA B 163 12.99 10.23 -22.65
C ALA B 163 14.30 10.59 -21.99
N GLY B 164 14.53 11.89 -21.88
CA GLY B 164 15.68 12.41 -21.15
C GLY B 164 16.83 12.78 -22.05
N ASN B 165 17.97 13.04 -21.42
CA ASN B 165 19.20 13.34 -22.13
C ASN B 165 20.37 12.80 -21.33
N HIS B 166 20.18 11.59 -20.81
CA HIS B 166 21.18 10.94 -19.98
C HIS B 166 21.54 9.58 -20.58
N GLU B 167 22.74 9.12 -20.29
CA GLU B 167 23.14 7.79 -20.71
C GLU B 167 22.40 6.73 -19.91
N GLN B 168 22.22 5.58 -20.55
CA GLN B 168 21.70 4.41 -19.87
C GLN B 168 22.82 3.88 -18.95
N GLU B 169 22.42 3.41 -17.76
CA GLU B 169 23.37 3.11 -16.68
C GLU B 169 24.39 1.96 -16.89
N PHE B 170 24.16 1.11 -17.89
CA PHE B 170 25.12 0.03 -18.16
C PHE B 170 26.10 0.42 -19.27
N LEU B 171 25.89 1.58 -19.88
CA LEU B 171 26.73 2.09 -20.96
C LEU B 171 28.20 2.17 -20.55
N GLN B 172 28.45 2.61 -19.32
CA GLN B 172 29.81 2.76 -18.80
C GLN B 172 30.63 1.46 -18.81
N TYR B 173 29.97 0.33 -19.07
CA TYR B 173 30.64 -0.97 -19.00
C TYR B 173 30.96 -1.53 -20.39
N GLN B 174 30.43 -0.87 -21.41
CA GLN B 174 30.85 -1.13 -22.77
C GLN B 174 32.17 -0.41 -23.02
N HIS B 175 33.05 -1.04 -23.76
CA HIS B 175 34.17 -0.31 -24.37
C HIS B 175 34.10 -0.50 -25.88
N GLN B 176 33.83 0.60 -26.60
CA GLN B 176 33.65 0.54 -28.05
C GLN B 176 34.92 0.11 -28.77
N GLN B 183 27.76 11.23 -37.48
CA GLN B 183 26.61 10.94 -36.63
C GLN B 183 26.20 12.19 -35.85
N GLU B 184 25.06 12.78 -36.22
CA GLU B 184 24.57 13.96 -35.49
C GLU B 184 23.67 13.53 -34.33
N ASN B 185 24.18 13.72 -33.12
CA ASN B 185 23.52 13.24 -31.93
C ASN B 185 23.59 14.25 -30.79
N GLU B 186 22.45 14.46 -30.13
CA GLU B 186 22.41 15.30 -28.95
C GLU B 186 21.95 14.47 -27.76
N GLY B 187 20.64 14.47 -27.51
CA GLY B 187 20.04 13.67 -26.46
C GLY B 187 20.42 12.20 -26.52
N ASN B 188 19.94 11.44 -25.55
CA ASN B 188 20.28 10.02 -25.48
C ASN B 188 19.09 9.07 -25.53
N ASN B 189 17.89 9.59 -25.75
CA ASN B 189 16.72 8.72 -25.79
C ASN B 189 16.38 8.25 -27.19
N ILE B 190 15.48 7.28 -27.30
CA ILE B 190 15.24 6.63 -28.59
C ILE B 190 14.66 7.57 -29.64
N PHE B 191 13.95 8.60 -29.19
CA PHE B 191 13.39 9.59 -30.10
C PHE B 191 14.45 10.56 -30.60
N SER B 192 15.46 10.81 -29.79
CA SER B 192 16.50 11.77 -30.13
C SER B 192 17.31 11.32 -31.36
N GLY B 193 17.23 10.03 -31.69
CA GLY B 193 17.95 9.48 -32.83
C GLY B 193 17.20 9.64 -34.15
N PHE B 194 15.92 9.97 -34.09
CA PHE B 194 15.14 10.19 -35.29
C PHE B 194 15.21 11.66 -35.68
N LYS B 195 15.02 11.94 -36.97
CA LYS B 195 14.98 13.32 -37.43
C LYS B 195 13.61 13.94 -37.12
N ARG B 196 13.61 15.25 -36.88
CA ARG B 196 12.42 15.92 -36.39
C ARG B 196 11.19 15.71 -37.27
N ASP B 197 11.41 15.63 -38.59
CA ASP B 197 10.31 15.48 -39.53
C ASP B 197 9.61 14.13 -39.39
N PHE B 198 10.40 13.08 -39.20
CA PHE B 198 9.85 11.75 -38.92
C PHE B 198 8.96 11.80 -37.68
N LEU B 199 9.45 12.44 -36.62
CA LEU B 199 8.71 12.53 -35.36
C LEU B 199 7.46 13.39 -35.52
N GLU B 200 7.63 14.58 -36.10
CA GLU B 200 6.51 15.47 -36.39
C GLU B 200 5.42 14.73 -37.18
N ASP B 201 5.82 14.10 -38.28
CA ASP B 201 4.90 13.30 -39.08
C ASP B 201 4.34 12.12 -38.30
N ALA B 202 5.24 11.40 -37.62
CA ALA B 202 4.84 10.20 -36.90
C ALA B 202 3.80 10.47 -35.82
N PHE B 203 3.90 11.62 -35.16
CA PHE B 203 3.02 11.94 -34.04
C PHE B 203 1.98 13.01 -34.38
N ASN B 204 2.16 13.68 -35.51
CA ASN B 204 1.29 14.76 -35.91
C ASN B 204 1.30 15.89 -34.88
N VAL B 205 2.49 16.38 -34.58
CA VAL B 205 2.65 17.44 -33.58
C VAL B 205 3.69 18.46 -34.01
N ASN B 206 3.68 19.62 -33.37
CA ASN B 206 4.53 20.74 -33.77
C ASN B 206 5.99 20.56 -33.41
N ARG B 207 6.82 21.44 -33.93
CA ARG B 207 8.26 21.40 -33.66
C ARG B 207 8.56 21.40 -32.17
N HIS B 208 7.74 22.09 -31.38
CA HIS B 208 8.04 22.24 -29.96
C HIS B 208 7.96 20.92 -29.21
N ILE B 209 6.83 20.23 -29.40
CA ILE B 209 6.60 18.94 -28.77
C ILE B 209 7.70 17.94 -29.11
N VAL B 210 8.05 17.85 -30.39
CA VAL B 210 9.10 16.95 -30.85
C VAL B 210 10.44 17.25 -30.16
N ASP B 211 10.75 18.53 -30.00
CA ASP B 211 11.98 18.93 -29.32
C ASP B 211 11.99 18.39 -27.88
N ARG B 212 10.86 18.49 -27.20
CA ARG B 212 10.73 17.96 -25.86
C ARG B 212 10.94 16.46 -25.86
N LEU B 213 10.25 15.78 -26.76
CA LEU B 213 10.36 14.35 -26.91
C LEU B 213 11.83 13.92 -26.96
N GLN B 214 12.60 14.58 -27.82
CA GLN B 214 14.00 14.24 -28.00
C GLN B 214 14.89 14.74 -26.86
N GLY B 215 14.30 15.46 -25.92
CA GLY B 215 15.03 15.97 -24.76
C GLY B 215 16.16 16.91 -25.13
N ARG B 216 15.95 17.69 -26.18
CA ARG B 216 16.98 18.61 -26.67
C ARG B 216 17.39 19.67 -25.63
N ASN B 217 16.44 20.12 -24.83
CA ASN B 217 16.70 21.18 -23.85
C ASN B 217 16.83 20.72 -22.40
N GLU B 218 17.10 19.43 -22.20
CA GLU B 218 17.27 18.91 -20.85
C GLU B 218 18.74 18.54 -20.66
N ASP B 219 19.27 18.74 -19.46
CA ASP B 219 20.67 18.45 -19.22
C ASP B 219 20.92 17.07 -18.60
N GLU B 220 22.13 16.55 -18.83
CA GLU B 220 22.53 15.21 -18.43
C GLU B 220 22.28 14.91 -16.96
N GLU B 221 22.31 15.96 -16.13
CA GLU B 221 22.24 15.79 -14.69
C GLU B 221 20.83 15.46 -14.20
N LYS B 222 19.83 15.65 -15.07
CA LYS B 222 18.44 15.44 -14.68
C LYS B 222 18.17 13.95 -14.46
N GLY B 223 18.57 13.13 -15.41
CA GLY B 223 18.69 11.71 -15.18
C GLY B 223 17.46 10.88 -15.47
N ALA B 224 17.52 9.62 -15.06
CA ALA B 224 16.48 8.65 -15.34
C ALA B 224 15.33 8.82 -14.35
N ILE B 225 15.66 9.29 -13.15
CA ILE B 225 14.67 9.44 -12.11
C ILE B 225 14.40 10.92 -11.84
N VAL B 226 13.18 11.34 -12.15
CA VAL B 226 12.83 12.75 -12.14
C VAL B 226 11.93 13.14 -10.96
N LYS B 227 12.13 14.33 -10.41
CA LYS B 227 11.21 14.90 -9.45
C LYS B 227 9.96 15.37 -10.20
N VAL B 228 8.79 14.90 -9.78
CA VAL B 228 7.54 15.34 -10.39
C VAL B 228 7.02 16.55 -9.61
N LYS B 229 7.11 17.72 -10.22
CA LYS B 229 6.83 18.99 -9.53
C LYS B 229 5.54 19.01 -8.69
N GLY B 230 4.38 19.04 -9.33
CA GLY B 230 3.14 19.14 -8.59
C GLY B 230 2.74 17.86 -7.88
N GLY B 231 3.58 16.85 -8.00
CA GLY B 231 3.16 15.50 -7.67
C GLY B 231 2.48 14.93 -8.90
N LEU B 232 2.19 13.64 -8.87
CA LEU B 232 1.58 13.00 -10.03
C LEU B 232 0.07 12.89 -9.84
N SER B 233 -0.64 12.56 -10.91
CA SER B 233 -2.09 12.41 -10.86
C SER B 233 -2.50 11.06 -11.43
N ILE B 234 -2.63 10.07 -10.54
CA ILE B 234 -3.07 8.74 -10.93
C ILE B 234 -3.81 8.08 -9.76
N ILE B 235 -4.74 7.20 -10.09
CA ILE B 235 -5.61 6.61 -9.08
C ILE B 235 -5.25 5.14 -8.82
N SER B 236 -5.65 4.63 -7.66
CA SER B 236 -5.42 3.24 -7.31
C SER B 236 -6.61 2.38 -7.77
N PRO B 237 -6.39 1.55 -8.81
CA PRO B 237 -7.43 0.77 -9.49
C PRO B 237 -8.55 0.34 -8.55
N THR B 316 0.19 -15.63 -25.53
CA THR B 316 0.60 -14.39 -24.88
C THR B 316 -0.51 -13.82 -23.99
N VAL B 317 -0.37 -14.00 -22.68
CA VAL B 317 -1.36 -13.54 -21.71
C VAL B 317 -0.86 -12.34 -20.92
N CYS B 318 -1.29 -11.14 -21.31
CA CYS B 318 -0.86 -9.93 -20.61
C CYS B 318 -1.89 -9.49 -19.59
N THR B 319 -2.92 -10.31 -19.39
CA THR B 319 -3.89 -10.09 -18.34
C THR B 319 -3.38 -10.74 -17.06
N ALA B 320 -2.17 -11.26 -17.13
CA ALA B 320 -1.56 -11.99 -16.03
C ALA B 320 -1.16 -11.12 -14.84
N LYS B 321 -0.99 -11.76 -13.69
CA LYS B 321 -0.48 -11.09 -12.49
C LYS B 321 0.99 -10.77 -12.69
N LEU B 322 1.40 -9.55 -12.37
CA LEU B 322 2.79 -9.14 -12.61
C LEU B 322 3.57 -8.94 -11.32
N ARG B 323 2.91 -9.23 -10.21
CA ARG B 323 3.44 -8.86 -8.90
C ARG B 323 3.03 -9.90 -7.86
N LEU B 324 3.90 -10.15 -6.88
CA LEU B 324 3.56 -11.03 -5.78
C LEU B 324 4.46 -10.74 -4.59
N ASN B 325 3.88 -10.58 -3.41
CA ASN B 325 4.66 -10.25 -2.22
C ASN B 325 5.30 -11.45 -1.56
N ILE B 326 6.59 -11.36 -1.26
CA ILE B 326 7.30 -12.42 -0.57
C ILE B 326 7.95 -11.90 0.73
N GLY B 327 7.50 -10.73 1.18
CA GLY B 327 8.04 -10.11 2.36
C GLY B 327 7.40 -10.60 3.64
N PRO B 328 7.46 -9.80 4.71
CA PRO B 328 6.95 -10.21 6.02
C PRO B 328 5.43 -10.36 6.06
N SER B 329 4.72 -9.62 5.21
CA SER B 329 3.27 -9.72 5.15
C SER B 329 2.83 -11.12 4.72
N SER B 330 3.55 -11.69 3.75
CA SER B 330 3.11 -12.93 3.10
C SER B 330 3.14 -14.13 4.04
N SER B 331 2.48 -15.20 3.62
CA SER B 331 2.48 -16.45 4.37
C SER B 331 3.71 -17.25 4.01
N PRO B 332 4.52 -17.61 5.01
CA PRO B 332 5.80 -18.30 4.81
C PRO B 332 5.62 -19.71 4.27
N ASP B 333 6.51 -20.14 3.39
CA ASP B 333 6.56 -21.55 3.01
C ASP B 333 7.18 -22.36 4.14
N ILE B 334 8.17 -21.78 4.78
CA ILE B 334 8.79 -22.40 5.94
C ILE B 334 8.84 -21.39 7.06
N TYR B 335 8.26 -21.75 8.21
CA TYR B 335 8.46 -20.94 9.40
C TYR B 335 8.96 -21.77 10.57
N ASN B 336 9.94 -21.24 11.28
CA ASN B 336 10.43 -21.87 12.49
C ASN B 336 10.52 -20.79 13.55
N PRO B 337 9.68 -20.90 14.59
CA PRO B 337 9.59 -19.92 15.67
C PRO B 337 10.94 -19.59 16.28
N GLU B 338 11.90 -20.51 16.15
CA GLU B 338 13.21 -20.30 16.75
C GLU B 338 14.32 -20.04 15.73
N ALA B 339 13.96 -20.00 14.45
CA ALA B 339 14.98 -19.92 13.41
C ALA B 339 14.75 -18.82 12.38
N GLY B 340 13.50 -18.61 11.99
CA GLY B 340 13.19 -17.60 10.99
C GLY B 340 12.20 -18.11 9.96
N ARG B 341 12.29 -17.59 8.75
CA ARG B 341 11.33 -17.96 7.73
C ARG B 341 11.85 -17.88 6.30
N ILE B 342 11.13 -18.49 5.37
CA ILE B 342 11.51 -18.55 3.99
C ILE B 342 10.24 -18.41 3.15
N LYS B 343 10.26 -17.57 2.13
CA LYS B 343 9.17 -17.54 1.18
C LYS B 343 9.75 -17.46 -0.22
N THR B 344 9.21 -18.26 -1.13
CA THR B 344 9.71 -18.24 -2.50
C THR B 344 8.55 -17.98 -3.43
N VAL B 345 8.86 -17.42 -4.59
CA VAL B 345 7.88 -17.25 -5.63
C VAL B 345 8.42 -17.95 -6.88
N THR B 346 7.58 -18.78 -7.50
CA THR B 346 7.96 -19.46 -8.70
C THR B 346 6.84 -19.28 -9.72
N SER B 347 6.97 -19.92 -10.88
CA SER B 347 5.91 -19.85 -11.87
C SER B 347 4.63 -20.47 -11.32
N LEU B 348 4.75 -21.23 -10.24
CA LEU B 348 3.57 -21.82 -9.59
C LEU B 348 2.76 -20.77 -8.81
N ASP B 349 3.37 -19.63 -8.53
CA ASP B 349 2.66 -18.55 -7.85
C ASP B 349 2.38 -17.43 -8.83
N LEU B 350 3.37 -17.16 -9.65
CA LEU B 350 3.30 -16.06 -10.59
C LEU B 350 3.59 -16.65 -11.95
N PRO B 351 2.54 -17.17 -12.60
CA PRO B 351 2.65 -17.89 -13.87
C PRO B 351 3.52 -17.19 -14.91
N VAL B 352 3.59 -15.87 -14.87
CA VAL B 352 4.34 -15.15 -15.90
C VAL B 352 5.83 -15.46 -15.78
N LEU B 353 6.26 -15.80 -14.57
CA LEU B 353 7.65 -16.18 -14.33
C LEU B 353 8.12 -17.26 -15.28
N ARG B 354 7.19 -18.07 -15.80
CA ARG B 354 7.56 -19.16 -16.70
C ARG B 354 8.11 -18.63 -18.02
N TRP B 355 7.72 -17.42 -18.39
CA TRP B 355 8.24 -16.81 -19.60
C TRP B 355 9.64 -16.23 -19.36
N LEU B 356 9.88 -15.73 -18.15
CA LEU B 356 11.15 -15.09 -17.82
C LEU B 356 12.21 -16.09 -17.40
N LYS B 357 11.76 -17.26 -16.94
CA LYS B 357 12.65 -18.27 -16.39
C LYS B 357 13.38 -17.71 -15.19
N LEU B 358 12.65 -17.03 -14.32
CA LEU B 358 13.21 -16.44 -13.11
C LEU B 358 12.37 -16.76 -11.88
N SER B 359 13.02 -16.83 -10.73
CA SER B 359 12.31 -16.92 -9.45
C SER B 359 13.12 -16.24 -8.35
N ALA B 360 12.55 -16.17 -7.15
CA ALA B 360 13.19 -15.46 -6.07
C ALA B 360 12.82 -16.08 -4.74
N GLU B 361 13.75 -16.04 -3.80
CA GLU B 361 13.54 -16.63 -2.48
C GLU B 361 13.86 -15.59 -1.44
N HIS B 362 12.88 -15.27 -0.59
CA HIS B 362 13.12 -14.36 0.50
C HIS B 362 13.34 -15.11 1.83
N GLY B 363 14.45 -14.83 2.49
CA GLY B 363 14.76 -15.48 3.75
C GLY B 363 14.97 -14.51 4.89
N SER B 364 14.80 -15.00 6.11
CA SER B 364 15.00 -14.21 7.31
C SER B 364 15.40 -15.13 8.47
N LEU B 365 16.56 -14.86 9.06
CA LEU B 365 17.09 -15.71 10.14
C LEU B 365 17.23 -14.98 11.47
N HIS B 366 16.73 -15.61 12.52
CA HIS B 366 17.02 -15.16 13.88
C HIS B 366 18.52 -15.29 14.12
N LYS B 367 19.01 -14.62 15.15
CA LYS B 367 20.44 -14.62 15.46
C LYS B 367 20.98 -16.01 15.74
N ASN B 368 22.11 -16.33 15.12
CA ASN B 368 22.78 -17.62 15.30
C ASN B 368 22.02 -18.79 14.67
N ALA B 369 20.87 -18.51 14.07
CA ALA B 369 20.18 -19.54 13.30
C ALA B 369 20.85 -19.67 11.92
N MET B 370 20.75 -20.83 11.32
CA MET B 370 21.33 -21.04 10.00
C MET B 370 20.39 -21.75 9.06
N PHE B 371 20.66 -21.69 7.75
CA PHE B 371 20.03 -22.63 6.85
C PHE B 371 21.03 -23.70 6.47
N VAL B 372 20.54 -24.93 6.36
CA VAL B 372 21.39 -26.08 6.09
C VAL B 372 22.19 -25.90 4.79
N PRO B 373 23.39 -26.47 4.75
CA PRO B 373 24.15 -26.57 3.51
C PRO B 373 23.24 -27.09 2.41
N HIS B 374 23.27 -26.45 1.24
CA HIS B 374 22.45 -26.94 0.15
C HIS B 374 22.99 -26.42 -1.17
N TYR B 375 22.48 -26.96 -2.26
CA TYR B 375 22.85 -26.46 -3.57
C TYR B 375 21.62 -26.38 -4.44
N ASN B 376 21.69 -25.54 -5.46
CA ASN B 376 20.62 -25.42 -6.44
C ASN B 376 20.88 -26.38 -7.61
N LEU B 377 19.87 -27.17 -7.96
CA LEU B 377 19.99 -28.17 -8.99
C LEU B 377 20.21 -27.54 -10.37
N ASN B 378 19.49 -26.47 -10.63
CA ASN B 378 19.32 -26.01 -11.99
C ASN B 378 19.15 -24.51 -12.10
N ALA B 379 19.90 -23.78 -11.28
CA ALA B 379 19.81 -22.34 -11.29
C ALA B 379 21.07 -21.74 -10.69
N ASN B 380 21.48 -20.60 -11.21
CA ASN B 380 22.45 -19.78 -10.51
C ASN B 380 21.68 -18.86 -9.57
N SER B 381 22.28 -18.56 -8.42
CA SER B 381 21.64 -17.69 -7.43
C SER B 381 22.43 -16.40 -7.25
N ILE B 382 21.71 -15.31 -7.07
CA ILE B 382 22.30 -14.07 -6.60
C ILE B 382 21.71 -13.74 -5.23
N ILE B 383 22.52 -13.84 -4.19
CA ILE B 383 22.03 -13.54 -2.86
C ILE B 383 22.28 -12.08 -2.56
N TYR B 384 21.20 -11.34 -2.37
CA TYR B 384 21.32 -9.94 -2.02
C TYR B 384 20.83 -9.75 -0.59
N ALA B 385 21.70 -9.17 0.25
CA ALA B 385 21.40 -9.05 1.68
C ALA B 385 20.61 -7.79 1.99
N LEU B 386 19.52 -7.96 2.73
CA LEU B 386 18.59 -6.88 3.01
C LEU B 386 18.78 -6.28 4.40
N LYS B 387 19.17 -7.11 5.36
CA LYS B 387 19.18 -6.68 6.76
C LYS B 387 20.18 -7.49 7.58
N GLY B 388 20.94 -6.82 8.43
CA GLY B 388 21.90 -7.50 9.27
C GLY B 388 23.03 -8.14 8.51
N ARG B 389 23.75 -9.04 9.18
CA ARG B 389 24.92 -9.69 8.60
C ARG B 389 24.80 -11.19 8.75
N ALA B 390 25.52 -11.92 7.89
CA ALA B 390 25.52 -13.37 7.97
C ALA B 390 26.89 -13.93 7.60
N ARG B 391 27.24 -15.06 8.22
CA ARG B 391 28.45 -15.78 7.86
C ARG B 391 28.05 -16.82 6.83
N LEU B 392 28.59 -16.70 5.62
CA LEU B 392 28.27 -17.65 4.56
C LEU B 392 29.48 -18.45 4.13
N GLN B 393 29.24 -19.70 3.78
CA GLN B 393 30.25 -20.47 3.09
C GLN B 393 29.67 -21.02 1.80
N VAL B 394 30.47 -21.01 0.75
CA VAL B 394 30.10 -21.71 -0.47
C VAL B 394 31.27 -22.52 -0.99
N VAL B 395 31.00 -23.76 -1.37
CA VAL B 395 32.06 -24.65 -1.81
C VAL B 395 31.81 -25.13 -3.23
N ASN B 396 32.89 -25.36 -3.97
CA ASN B 396 32.81 -25.77 -5.36
C ASN B 396 32.94 -27.28 -5.49
N CYS B 397 33.27 -27.75 -6.69
CA CYS B 397 33.29 -29.19 -6.94
C CYS B 397 34.58 -29.85 -6.47
N ASN B 398 35.49 -29.05 -5.90
CA ASN B 398 36.76 -29.59 -5.46
C ASN B 398 36.93 -29.53 -3.95
N GLY B 399 35.84 -29.32 -3.23
CA GLY B 399 35.89 -29.22 -1.79
C GLY B 399 36.55 -27.94 -1.31
N ASN B 400 36.65 -26.94 -2.20
CA ASN B 400 37.22 -25.66 -1.86
C ASN B 400 36.21 -24.61 -1.39
N THR B 401 36.62 -23.78 -0.45
CA THR B 401 35.78 -22.69 0.02
C THR B 401 36.02 -21.45 -0.83
N VAL B 402 35.15 -21.22 -1.80
CA VAL B 402 35.33 -20.10 -2.71
C VAL B 402 34.84 -18.80 -2.11
N PHE B 403 34.01 -18.90 -1.09
CA PHE B 403 33.66 -17.76 -0.24
C PHE B 403 33.55 -18.20 1.20
N ASP B 404 34.03 -17.36 2.10
CA ASP B 404 34.12 -17.71 3.51
C ASP B 404 34.28 -16.47 4.36
N GLY B 405 33.20 -15.73 4.54
CA GLY B 405 33.23 -14.48 5.26
C GLY B 405 31.84 -13.94 5.46
N GLU B 406 31.72 -12.64 5.69
CA GLU B 406 30.42 -12.06 6.01
C GLU B 406 29.69 -11.45 4.82
N LEU B 407 28.42 -11.77 4.72
CA LEU B 407 27.53 -11.10 3.78
C LEU B 407 26.64 -10.14 4.56
N GLU B 408 26.80 -8.84 4.36
CA GLU B 408 26.00 -7.87 5.10
C GLU B 408 25.09 -7.03 4.20
N ALA B 409 24.02 -6.51 4.80
CA ALA B 409 23.03 -5.70 4.10
C ALA B 409 23.63 -4.77 3.05
N GLY B 410 23.15 -4.90 1.82
CA GLY B 410 23.55 -4.03 0.73
C GLY B 410 24.50 -4.67 -0.26
N ARG B 411 24.99 -5.86 0.06
CA ARG B 411 25.97 -6.52 -0.79
C ARG B 411 25.39 -7.76 -1.44
N ALA B 412 25.84 -8.04 -2.66
CA ALA B 412 25.33 -9.18 -3.40
C ALA B 412 26.39 -10.25 -3.48
N LEU B 413 25.96 -11.51 -3.43
CA LEU B 413 26.86 -12.64 -3.61
C LEU B 413 26.25 -13.64 -4.59
N THR B 414 27.10 -14.20 -5.45
CA THR B 414 26.69 -15.18 -6.42
C THR B 414 26.95 -16.60 -5.91
N VAL B 415 25.93 -17.46 -5.99
CA VAL B 415 26.14 -18.88 -5.75
C VAL B 415 25.83 -19.64 -7.04
N PRO B 416 26.88 -20.09 -7.76
CA PRO B 416 26.62 -20.78 -9.02
C PRO B 416 25.90 -22.10 -8.81
N GLN B 417 25.20 -22.54 -9.86
CA GLN B 417 24.49 -23.82 -9.87
C GLN B 417 25.37 -24.93 -9.32
N ASN B 418 24.79 -25.74 -8.42
CA ASN B 418 25.47 -26.91 -7.87
C ASN B 418 26.55 -26.67 -6.82
N TYR B 419 26.94 -25.41 -6.62
CA TYR B 419 27.83 -25.06 -5.51
C TYR B 419 27.02 -25.13 -4.21
N ALA B 420 27.58 -25.74 -3.18
CA ALA B 420 26.86 -25.82 -1.91
C ALA B 420 26.99 -24.52 -1.15
N VAL B 421 25.91 -24.08 -0.51
CA VAL B 421 25.94 -22.87 0.28
C VAL B 421 25.28 -23.09 1.65
N ALA B 422 25.84 -22.44 2.67
CA ALA B 422 25.27 -22.45 4.02
C ALA B 422 25.53 -21.09 4.67
N ALA B 423 24.77 -20.78 5.72
CA ALA B 423 24.81 -19.44 6.31
C ALA B 423 24.38 -19.46 7.77
N LYS B 424 25.06 -18.66 8.58
CA LYS B 424 24.65 -18.47 9.97
C LYS B 424 24.54 -16.98 10.29
N SER B 425 23.33 -16.53 10.62
CA SER B 425 23.07 -15.13 10.96
C SER B 425 23.81 -14.65 12.21
N LEU B 426 24.37 -13.45 12.13
CA LEU B 426 25.11 -12.86 13.24
C LEU B 426 24.38 -11.66 13.83
N SER B 427 23.19 -11.38 13.29
CA SER B 427 22.39 -10.23 13.70
C SER B 427 21.07 -10.70 14.30
N ASP B 428 20.41 -9.83 15.06
CA ASP B 428 19.09 -10.14 15.56
C ASP B 428 18.25 -10.66 14.42
N ARG B 429 18.46 -10.09 13.24
CA ARG B 429 17.76 -10.55 12.06
C ARG B 429 18.62 -10.43 10.82
N PHE B 430 18.90 -11.57 10.18
CA PHE B 430 19.49 -11.52 8.85
C PHE B 430 18.44 -11.88 7.84
N SER B 431 18.12 -10.95 6.96
CA SER B 431 17.17 -11.25 5.91
C SER B 431 17.78 -10.96 4.53
N TYR B 432 17.38 -11.73 3.53
CA TYR B 432 17.99 -11.67 2.21
C TYR B 432 16.96 -12.02 1.13
N VAL B 433 17.22 -11.59 -0.09
CA VAL B 433 16.52 -12.10 -1.25
C VAL B 433 17.53 -12.72 -2.21
N ALA B 434 17.19 -13.90 -2.72
CA ALA B 434 18.06 -14.62 -3.64
C ALA B 434 17.33 -14.77 -4.96
N PHE B 435 17.90 -14.22 -6.03
CA PHE B 435 17.31 -14.38 -7.35
C PHE B 435 17.89 -15.64 -7.97
N LYS B 436 17.06 -16.41 -8.63
CA LYS B 436 17.54 -17.64 -9.25
C LYS B 436 17.15 -17.72 -10.71
N THR B 437 18.09 -18.16 -11.55
CA THR B 437 17.89 -18.19 -12.99
C THR B 437 17.03 -19.38 -13.47
N ASN B 438 15.88 -19.55 -12.84
CA ASN B 438 14.93 -20.57 -13.26
C ASN B 438 13.58 -20.33 -12.58
N ASP B 439 12.50 -20.40 -13.34
CA ASP B 439 11.16 -20.20 -12.77
C ASP B 439 10.76 -21.32 -11.80
N ARG B 440 11.40 -22.47 -11.92
CA ARG B 440 11.14 -23.58 -11.00
C ARG B 440 12.45 -24.06 -10.37
N ALA B 441 13.09 -23.19 -9.60
CA ALA B 441 14.37 -23.57 -9.00
C ALA B 441 14.18 -24.72 -8.01
N GLY B 442 15.16 -25.62 -7.98
CA GLY B 442 15.10 -26.76 -7.08
C GLY B 442 16.33 -26.79 -6.22
N ILE B 443 16.15 -26.89 -4.91
CA ILE B 443 17.27 -26.99 -4.01
C ILE B 443 17.38 -28.42 -3.49
N ALA B 444 18.60 -28.87 -3.29
CA ALA B 444 18.82 -30.12 -2.59
C ALA B 444 19.50 -29.75 -1.29
N ARG B 445 18.85 -30.11 -0.19
CA ARG B 445 19.37 -29.85 1.14
C ARG B 445 20.33 -30.98 1.49
N LEU B 446 21.51 -30.62 1.94
CA LEU B 446 22.49 -31.60 2.31
C LEU B 446 22.30 -32.06 3.77
N ALA B 447 21.47 -31.34 4.52
CA ALA B 447 21.19 -31.69 5.91
C ALA B 447 19.77 -31.34 6.29
N GLY B 448 19.27 -31.94 7.37
CA GLY B 448 17.89 -31.77 7.78
C GLY B 448 17.06 -32.95 7.31
N THR B 449 15.76 -32.93 7.61
CA THR B 449 14.93 -34.12 7.41
C THR B 449 14.78 -34.59 5.96
N SER B 450 14.54 -33.66 5.04
CA SER B 450 14.37 -34.05 3.64
C SER B 450 15.67 -33.94 2.87
N SER B 451 16.76 -34.42 3.47
CA SER B 451 18.09 -34.20 2.92
C SER B 451 18.50 -35.31 1.96
N VAL B 452 19.47 -35.01 1.10
CA VAL B 452 20.06 -35.98 0.21
C VAL B 452 20.51 -37.20 0.99
N ILE B 453 21.07 -36.96 2.17
CA ILE B 453 21.59 -38.04 3.00
C ILE B 453 20.47 -38.88 3.59
N ASN B 454 19.41 -38.21 4.00
CA ASN B 454 18.23 -38.90 4.49
C ASN B 454 17.61 -39.87 3.47
N ASN B 455 17.76 -39.56 2.19
CA ASN B 455 17.14 -40.36 1.15
C ASN B 455 18.03 -41.45 0.59
N LEU B 456 19.25 -41.56 1.12
CA LEU B 456 20.12 -42.67 0.77
C LEU B 456 19.86 -43.82 1.73
N PRO B 457 19.94 -45.06 1.24
CA PRO B 457 19.82 -46.21 2.13
C PRO B 457 20.84 -46.09 3.25
N LEU B 458 20.43 -46.40 4.47
CA LEU B 458 21.29 -46.30 5.64
C LEU B 458 22.66 -46.93 5.39
N ASP B 459 22.66 -48.09 4.74
CA ASP B 459 23.89 -48.86 4.54
C ASP B 459 24.86 -48.22 3.54
N VAL B 460 24.32 -47.61 2.49
CA VAL B 460 25.22 -46.90 1.58
C VAL B 460 25.78 -45.68 2.28
N VAL B 461 24.98 -45.09 3.17
CA VAL B 461 25.45 -43.98 3.99
C VAL B 461 26.62 -44.44 4.85
N ALA B 462 26.41 -45.51 5.61
CA ALA B 462 27.49 -46.09 6.40
C ALA B 462 28.75 -46.27 5.54
N ALA B 463 28.62 -46.98 4.43
CA ALA B 463 29.76 -47.28 3.57
C ALA B 463 30.38 -46.04 2.92
N THR B 464 29.53 -45.08 2.56
CA THR B 464 29.98 -43.87 1.88
C THR B 464 30.94 -43.08 2.73
N PHE B 465 30.59 -42.91 4.00
CA PHE B 465 31.30 -41.99 4.89
C PHE B 465 32.13 -42.71 5.93
N ASN B 466 32.15 -44.04 5.83
CA ASN B 466 32.85 -44.87 6.80
C ASN B 466 32.34 -44.63 8.21
N LEU B 467 31.05 -44.82 8.38
CA LEU B 467 30.40 -44.63 9.66
C LEU B 467 29.77 -45.93 10.14
N GLN B 468 29.69 -46.10 11.45
CA GLN B 468 28.93 -47.21 12.00
C GLN B 468 27.46 -46.99 11.61
N ARG B 469 26.68 -48.06 11.58
CA ARG B 469 25.24 -47.96 11.32
C ARG B 469 24.61 -46.90 12.22
N ASN B 470 24.84 -47.03 13.52
CA ASN B 470 24.24 -46.13 14.49
C ASN B 470 24.63 -44.66 14.27
N GLU B 471 25.84 -44.42 13.75
CA GLU B 471 26.29 -43.05 13.45
C GLU B 471 25.65 -42.53 12.18
N ALA B 472 25.46 -43.41 11.21
CA ALA B 472 24.78 -43.02 9.98
C ALA B 472 23.36 -42.64 10.33
N ARG B 473 22.78 -43.34 11.29
CA ARG B 473 21.43 -43.08 11.75
C ARG B 473 21.33 -41.66 12.33
N GLN B 474 22.33 -41.27 13.12
CA GLN B 474 22.33 -39.94 13.73
C GLN B 474 22.38 -38.89 12.64
N LEU B 475 23.21 -39.17 11.65
CA LEU B 475 23.43 -38.26 10.54
C LEU B 475 22.11 -38.00 9.83
N LYS B 476 21.24 -39.01 9.82
CA LYS B 476 19.92 -38.86 9.23
C LYS B 476 18.96 -38.16 10.18
N SER B 477 19.04 -38.52 11.45
CA SER B 477 17.94 -38.28 12.39
C SER B 477 18.09 -37.14 13.37
N ASN B 478 19.32 -36.85 13.80
CA ASN B 478 19.51 -35.87 14.86
C ASN B 478 18.88 -34.48 14.62
N ASN B 479 18.84 -34.03 13.37
CA ASN B 479 18.24 -32.74 13.05
C ASN B 479 16.82 -32.91 12.52
N PRO B 480 15.83 -32.55 13.36
CA PRO B 480 14.41 -32.75 13.07
C PRO B 480 13.82 -31.67 12.19
N PHE B 481 14.56 -30.60 11.92
CA PHE B 481 14.05 -29.50 11.10
C PHE B 481 14.46 -29.64 9.63
N LYS B 482 13.72 -29.00 8.74
CA LYS B 482 13.92 -29.20 7.30
C LYS B 482 15.03 -28.34 6.68
N PHE B 483 14.88 -27.02 6.76
CA PHE B 483 15.79 -26.12 6.07
C PHE B 483 16.47 -25.15 7.04
N LEU B 484 15.66 -24.63 7.96
CA LEU B 484 16.17 -23.73 8.98
C LEU B 484 16.61 -24.51 10.21
N VAL B 485 17.65 -24.05 10.86
CA VAL B 485 18.05 -24.65 12.13
C VAL B 485 18.30 -23.59 13.19
N PRO B 486 17.75 -23.79 14.40
CA PRO B 486 17.81 -22.88 15.55
C PRO B 486 19.22 -22.81 16.13
N ALA B 487 19.50 -21.75 16.87
CA ALA B 487 20.78 -21.60 17.56
C ALA B 487 20.98 -22.65 18.66
N ARG B 488 22.10 -23.36 18.60
CA ARG B 488 22.34 -24.49 19.51
C ARG B 488 22.37 -24.04 20.97
N ASN C 8 34.18 -21.61 -34.48
CA ASN C 8 34.34 -22.62 -35.53
C ASN C 8 34.78 -23.99 -35.00
N GLU C 9 34.30 -24.34 -33.80
CA GLU C 9 34.69 -25.57 -33.12
C GLU C 9 34.31 -26.85 -33.87
N CYS C 10 33.37 -26.76 -34.80
CA CYS C 10 32.91 -27.95 -35.53
C CYS C 10 33.38 -28.01 -36.97
N GLN C 11 34.22 -27.06 -37.37
CA GLN C 11 34.88 -27.15 -38.67
C GLN C 11 36.01 -28.17 -38.56
N LEU C 12 35.67 -29.40 -38.21
CA LEU C 12 36.65 -30.46 -38.03
C LEU C 12 37.04 -31.06 -39.36
N GLU C 13 38.34 -31.12 -39.63
CA GLU C 13 38.80 -31.70 -40.87
C GLU C 13 39.42 -33.08 -40.66
N ARG C 14 39.57 -33.45 -39.40
CA ARG C 14 40.15 -34.75 -39.06
C ARG C 14 39.53 -35.31 -37.79
N LEU C 15 38.80 -36.40 -37.92
CA LEU C 15 38.28 -37.07 -36.76
C LEU C 15 39.26 -38.18 -36.39
N ASP C 16 39.21 -38.62 -35.14
CA ASP C 16 40.04 -39.71 -34.66
C ASP C 16 39.24 -40.67 -33.79
N ALA C 17 39.62 -41.93 -33.80
CA ALA C 17 39.06 -42.91 -32.88
C ALA C 17 39.78 -42.74 -31.55
N LEU C 18 39.06 -42.26 -30.54
CA LEU C 18 39.66 -41.78 -29.30
C LEU C 18 39.63 -42.79 -28.17
N GLU C 19 40.77 -42.90 -27.48
CA GLU C 19 40.83 -43.68 -26.26
C GLU C 19 40.77 -42.71 -25.09
N PRO C 20 40.48 -43.24 -23.90
CA PRO C 20 40.64 -42.39 -22.70
C PRO C 20 42.12 -42.01 -22.51
N ASP C 21 42.35 -40.78 -22.06
CA ASP C 21 43.70 -40.29 -21.88
C ASP C 21 44.08 -40.23 -20.41
N ASN C 22 43.25 -40.85 -19.58
CA ASN C 22 43.47 -40.85 -18.14
C ASN C 22 42.72 -41.96 -17.43
N ARG C 23 43.43 -42.62 -16.53
CA ARG C 23 42.82 -43.65 -15.70
C ARG C 23 43.06 -43.33 -14.24
N ILE C 24 42.01 -43.45 -13.43
CA ILE C 24 42.11 -43.15 -12.00
C ILE C 24 41.70 -44.35 -11.17
N GLU C 25 42.68 -45.03 -10.59
CA GLU C 25 42.41 -46.24 -9.81
C GLU C 25 41.90 -45.93 -8.40
N SER C 26 40.91 -46.70 -7.96
CA SER C 26 40.40 -46.54 -6.61
C SER C 26 40.24 -47.91 -5.94
N GLU C 27 40.08 -47.91 -4.63
CA GLU C 27 40.02 -49.15 -3.88
C GLU C 27 39.16 -50.21 -4.56
N GLY C 28 38.01 -49.80 -5.09
CA GLY C 28 37.07 -50.75 -5.63
C GLY C 28 36.90 -50.75 -7.14
N GLY C 29 37.71 -49.97 -7.85
CA GLY C 29 37.57 -49.92 -9.29
C GLY C 29 38.43 -48.91 -10.01
N LEU C 30 37.91 -48.42 -11.11
CA LEU C 30 38.66 -47.57 -12.03
C LEU C 30 37.70 -46.65 -12.77
N ILE C 31 38.16 -45.44 -13.03
CA ILE C 31 37.40 -44.49 -13.84
C ILE C 31 38.31 -44.02 -14.94
N GLU C 32 37.88 -44.18 -16.19
CA GLU C 32 38.64 -43.66 -17.31
C GLU C 32 37.92 -42.48 -17.91
N THR C 33 38.65 -41.41 -18.22
CA THR C 33 38.03 -40.27 -18.86
C THR C 33 38.67 -39.94 -20.21
N TRP C 34 37.83 -39.54 -21.15
CA TRP C 34 38.31 -38.97 -22.40
C TRP C 34 38.44 -37.46 -22.19
N ASN C 35 39.41 -36.85 -22.87
CA ASN C 35 39.66 -35.43 -22.73
C ASN C 35 38.53 -34.57 -23.30
N PRO C 36 37.86 -33.79 -22.44
CA PRO C 36 36.78 -32.91 -22.90
C PRO C 36 37.29 -31.72 -23.70
N ASN C 37 38.57 -31.38 -23.55
CA ASN C 37 39.17 -30.26 -24.27
C ASN C 37 39.54 -30.62 -25.70
N ASN C 38 39.52 -31.91 -26.01
CA ASN C 38 39.78 -32.34 -27.37
C ASN C 38 38.72 -31.75 -28.30
N LYS C 39 39.14 -31.26 -29.46
CA LYS C 39 38.25 -30.52 -30.35
C LYS C 39 36.97 -31.28 -30.76
N GLN C 40 37.05 -32.60 -30.88
CA GLN C 40 35.91 -33.43 -31.23
C GLN C 40 34.80 -33.44 -30.17
N PHE C 41 35.18 -33.60 -28.90
CA PHE C 41 34.21 -33.56 -27.80
C PHE C 41 33.69 -32.15 -27.54
N ARG C 42 34.51 -31.15 -27.82
CA ARG C 42 34.06 -29.76 -27.67
C ARG C 42 33.03 -29.39 -28.73
N CYS C 43 33.24 -29.86 -29.96
CA CYS C 43 32.26 -29.68 -31.03
C CYS C 43 30.95 -30.36 -30.62
N ALA C 44 31.08 -31.56 -30.09
CA ALA C 44 29.93 -32.36 -29.69
C ALA C 44 29.19 -31.71 -28.53
N GLY C 45 29.94 -31.01 -27.68
CA GLY C 45 29.37 -30.42 -26.48
C GLY C 45 29.22 -31.43 -25.36
N VAL C 46 30.11 -32.41 -25.30
CA VAL C 46 29.99 -33.48 -24.31
C VAL C 46 31.32 -33.96 -23.73
N ALA C 47 31.22 -34.84 -22.74
CA ALA C 47 32.37 -35.56 -22.20
C ALA C 47 32.01 -37.02 -21.96
N LEU C 48 33.02 -37.89 -21.98
CA LEU C 48 32.82 -39.32 -21.95
C LEU C 48 33.72 -39.91 -20.86
N SER C 49 33.20 -40.82 -20.06
CA SER C 49 33.98 -41.48 -19.04
C SER C 49 33.52 -42.92 -18.88
N ARG C 50 34.35 -43.74 -18.24
CA ARG C 50 34.06 -45.15 -18.11
C ARG C 50 34.42 -45.60 -16.70
N ALA C 51 33.45 -46.21 -16.03
CA ALA C 51 33.64 -46.68 -14.66
C ALA C 51 33.59 -48.21 -14.56
N THR C 52 34.58 -48.78 -13.89
CA THR C 52 34.62 -50.22 -13.64
C THR C 52 34.51 -50.49 -12.14
N LEU C 53 33.51 -51.28 -11.77
CA LEU C 53 33.29 -51.64 -10.37
C LEU C 53 33.56 -53.12 -10.12
N GLN C 54 34.54 -53.40 -9.25
CA GLN C 54 34.82 -54.78 -8.87
C GLN C 54 33.74 -55.32 -7.95
N ARG C 55 33.95 -56.55 -7.49
CA ARG C 55 32.99 -57.22 -6.60
C ARG C 55 32.83 -56.45 -5.31
N ASN C 56 31.59 -56.14 -4.96
CA ASN C 56 31.29 -55.40 -3.75
C ASN C 56 31.83 -53.98 -3.79
N ALA C 57 31.84 -53.38 -4.97
CA ALA C 57 32.30 -52.01 -5.12
C ALA C 57 31.14 -51.02 -5.13
N LEU C 58 31.33 -49.90 -4.43
CA LEU C 58 30.34 -48.85 -4.34
C LEU C 58 30.87 -47.63 -5.09
N ARG C 59 30.21 -47.27 -6.18
CA ARG C 59 30.43 -45.96 -6.79
C ARG C 59 29.79 -44.93 -5.86
N ARG C 60 30.60 -44.31 -5.00
CA ARG C 60 30.02 -43.37 -4.02
C ARG C 60 29.21 -42.24 -4.67
N PRO C 61 28.16 -41.78 -3.98
CA PRO C 61 27.22 -40.79 -4.51
C PRO C 61 27.90 -39.52 -5.03
N TYR C 62 27.51 -39.06 -6.21
CA TYR C 62 28.00 -37.81 -6.73
C TYR C 62 26.91 -37.14 -7.57
N TYR C 63 27.07 -35.85 -7.84
CA TYR C 63 26.19 -35.18 -8.78
C TYR C 63 26.98 -34.35 -9.77
N SER C 64 26.29 -33.88 -10.80
CA SER C 64 26.94 -33.11 -11.84
C SER C 64 25.99 -32.04 -12.34
N ASN C 65 26.56 -30.98 -12.90
CA ASN C 65 25.75 -29.86 -13.36
C ASN C 65 25.28 -30.02 -14.80
N ALA C 66 25.26 -31.25 -15.28
CA ALA C 66 24.78 -31.53 -16.63
C ALA C 66 24.15 -32.93 -16.69
N PRO C 67 23.25 -33.15 -17.66
CA PRO C 67 22.61 -34.46 -17.74
C PRO C 67 23.63 -35.56 -18.00
N GLN C 68 23.36 -36.74 -17.48
CA GLN C 68 24.18 -37.91 -17.76
C GLN C 68 23.34 -39.01 -18.38
N GLU C 69 23.95 -39.73 -19.32
CA GLU C 69 23.36 -40.93 -19.87
C GLU C 69 24.41 -42.01 -19.67
N ILE C 70 24.04 -43.09 -18.99
CA ILE C 70 24.99 -44.11 -18.63
C ILE C 70 24.60 -45.43 -19.29
N PHE C 71 25.52 -46.01 -20.03
CA PHE C 71 25.27 -47.32 -20.65
C PHE C 71 26.00 -48.43 -19.90
N ILE C 72 25.25 -49.43 -19.45
CA ILE C 72 25.86 -50.56 -18.75
C ILE C 72 26.47 -51.53 -19.75
N GLN C 73 27.77 -51.42 -19.95
CA GLN C 73 28.47 -52.22 -20.94
C GLN C 73 28.63 -53.66 -20.46
N GLN C 74 28.76 -53.84 -19.16
CA GLN C 74 29.01 -55.16 -18.58
C GLN C 74 28.57 -55.21 -17.12
N GLY C 75 28.08 -56.37 -16.70
CA GLY C 75 27.71 -56.58 -15.30
C GLY C 75 26.28 -56.26 -14.94
N ASN C 76 25.95 -56.48 -13.67
CA ASN C 76 24.61 -56.20 -13.15
C ASN C 76 24.78 -55.65 -11.74
N GLY C 77 23.82 -54.86 -11.27
CA GLY C 77 23.92 -54.31 -9.93
C GLY C 77 22.76 -53.43 -9.52
N TYR C 78 23.05 -52.51 -8.60
CA TYR C 78 22.05 -51.60 -8.06
C TYR C 78 22.45 -50.13 -8.23
N PHE C 79 21.44 -49.26 -8.28
CA PHE C 79 21.70 -47.83 -8.32
C PHE C 79 20.59 -47.07 -7.60
N GLY C 80 20.92 -45.90 -7.09
CA GLY C 80 19.93 -45.02 -6.51
C GLY C 80 20.11 -43.59 -6.97
N MET C 81 19.00 -42.85 -7.00
CA MET C 81 19.02 -41.43 -7.28
C MET C 81 18.21 -40.68 -6.24
N VAL C 82 18.69 -39.50 -5.85
CA VAL C 82 17.97 -38.68 -4.90
C VAL C 82 17.31 -37.48 -5.58
N PHE C 83 15.98 -37.51 -5.65
CA PHE C 83 15.21 -36.42 -6.22
C PHE C 83 14.63 -35.58 -5.11
N PRO C 84 15.14 -34.36 -4.94
CA PRO C 84 14.66 -33.46 -3.88
C PRO C 84 13.14 -33.29 -3.91
N GLY C 85 12.51 -33.46 -2.76
CA GLY C 85 11.07 -33.35 -2.66
C GLY C 85 10.38 -34.49 -3.37
N CYS C 86 10.55 -35.70 -2.85
CA CYS C 86 9.91 -36.89 -3.39
C CYS C 86 9.66 -37.92 -2.30
N PRO C 87 8.41 -38.39 -2.20
CA PRO C 87 7.98 -39.49 -1.31
C PRO C 87 8.92 -40.71 -1.36
N GLU C 88 9.03 -41.42 -0.23
CA GLU C 88 10.02 -42.48 -0.08
C GLU C 88 9.47 -43.91 -0.16
N THR C 89 10.28 -44.85 0.35
CA THR C 89 9.93 -46.26 0.36
C THR C 89 10.47 -46.94 1.62
N ASP C 106 15.30 -48.91 7.32
CA ASP C 106 15.07 -47.47 7.47
C ASP C 106 14.20 -46.93 6.33
N ARG C 107 14.23 -45.61 6.16
CA ARG C 107 13.52 -44.97 5.05
C ARG C 107 14.50 -44.37 4.05
N HIS C 108 14.21 -44.54 2.76
CA HIS C 108 15.05 -44.00 1.72
C HIS C 108 14.27 -43.90 0.41
N GLN C 109 14.91 -43.39 -0.64
CA GLN C 109 14.28 -43.36 -1.95
C GLN C 109 14.61 -44.64 -2.71
N LYS C 110 13.97 -44.81 -3.87
CA LYS C 110 14.02 -46.09 -4.58
C LYS C 110 15.42 -46.53 -5.02
N VAL C 111 15.79 -47.73 -4.60
CA VAL C 111 16.96 -48.42 -5.12
C VAL C 111 16.53 -49.39 -6.22
N ASN C 112 17.20 -49.33 -7.35
CA ASN C 112 16.84 -50.16 -8.49
C ASN C 112 17.92 -51.12 -8.88
N ARG C 113 17.52 -52.09 -9.70
CA ARG C 113 18.45 -53.01 -10.31
C ARG C 113 18.78 -52.47 -11.69
N PHE C 114 20.02 -52.68 -12.13
CA PHE C 114 20.38 -52.42 -13.51
C PHE C 114 21.00 -53.69 -14.05
N ARG C 115 20.90 -53.88 -15.36
CA ARG C 115 21.54 -55.02 -16.01
C ARG C 115 22.34 -54.59 -17.23
N GLU C 116 23.22 -55.46 -17.68
CA GLU C 116 23.93 -55.25 -18.93
C GLU C 116 22.99 -54.77 -20.04
N GLY C 117 23.39 -53.72 -20.73
CA GLY C 117 22.62 -53.21 -21.86
C GLY C 117 21.62 -52.15 -21.46
N ASP C 118 21.61 -51.81 -20.17
CA ASP C 118 20.72 -50.79 -19.65
C ASP C 118 21.22 -49.41 -20.04
N ILE C 119 20.28 -48.49 -20.26
CA ILE C 119 20.58 -47.07 -20.31
C ILE C 119 19.93 -46.44 -19.09
N ILE C 120 20.75 -45.80 -18.25
CA ILE C 120 20.25 -45.07 -17.08
C ILE C 120 20.33 -43.56 -17.30
N ALA C 121 19.24 -42.86 -17.00
CA ALA C 121 19.16 -41.41 -17.19
C ALA C 121 19.29 -40.67 -15.86
N VAL C 122 20.36 -39.91 -15.71
CA VAL C 122 20.58 -39.10 -14.51
C VAL C 122 20.39 -37.60 -14.80
N PRO C 123 19.28 -37.03 -14.33
CA PRO C 123 19.03 -35.60 -14.60
C PRO C 123 20.05 -34.68 -13.94
N THR C 124 20.14 -33.46 -14.45
CA THR C 124 21.07 -32.45 -13.95
C THR C 124 20.89 -32.21 -12.46
N GLY C 125 21.97 -32.38 -11.70
CA GLY C 125 22.00 -32.04 -10.29
C GLY C 125 21.54 -33.13 -9.35
N ILE C 126 21.03 -34.23 -9.89
CA ILE C 126 20.55 -35.35 -9.10
C ILE C 126 21.69 -36.24 -8.59
N VAL C 127 21.68 -36.56 -7.31
CA VAL C 127 22.70 -37.45 -6.74
C VAL C 127 22.50 -38.90 -7.18
N PHE C 128 23.59 -39.57 -7.55
CA PHE C 128 23.53 -40.89 -8.15
C PHE C 128 24.61 -41.78 -7.55
N TRP C 129 24.25 -43.04 -7.28
CA TRP C 129 25.23 -44.03 -6.81
C TRP C 129 24.98 -45.40 -7.44
N MET C 130 26.05 -46.17 -7.61
CA MET C 130 25.97 -47.52 -8.18
C MET C 130 26.62 -48.55 -7.28
N TYR C 131 26.14 -49.79 -7.35
CA TYR C 131 26.72 -50.87 -6.55
C TYR C 131 26.79 -52.21 -7.30
N ASN C 132 27.92 -52.89 -7.14
CA ASN C 132 28.13 -54.20 -7.74
C ASN C 132 28.20 -55.27 -6.65
N ASP C 133 27.24 -56.19 -6.62
CA ASP C 133 27.30 -57.26 -5.63
C ASP C 133 27.65 -58.62 -6.25
N GLN C 134 28.21 -58.60 -7.45
CA GLN C 134 28.58 -59.84 -8.13
C GLN C 134 30.03 -59.84 -8.63
N ASP C 135 30.50 -61.00 -9.08
CA ASP C 135 31.91 -61.19 -9.41
C ASP C 135 32.31 -60.49 -10.71
N THR C 136 31.42 -60.56 -11.70
CA THR C 136 31.63 -59.88 -12.96
C THR C 136 31.71 -58.38 -12.69
N PRO C 137 32.83 -57.75 -13.07
CA PRO C 137 32.93 -56.31 -12.82
C PRO C 137 31.87 -55.57 -13.61
N VAL C 138 31.28 -54.54 -13.01
CA VAL C 138 30.36 -53.67 -13.73
C VAL C 138 31.19 -52.70 -14.56
N ILE C 139 30.81 -52.50 -15.81
CA ILE C 139 31.45 -51.50 -16.65
C ILE C 139 30.38 -50.57 -17.20
N ALA C 140 30.46 -49.30 -16.84
CA ALA C 140 29.45 -48.33 -17.20
C ALA C 140 30.11 -47.17 -17.92
N VAL C 141 29.66 -46.88 -19.14
CA VAL C 141 30.17 -45.72 -19.86
C VAL C 141 29.19 -44.55 -19.82
N SER C 142 29.71 -43.37 -19.47
CA SER C 142 28.87 -42.22 -19.16
C SER C 142 29.04 -41.08 -20.16
N LEU C 143 27.93 -40.51 -20.59
CA LEU C 143 27.99 -39.31 -21.40
C LEU C 143 27.40 -38.13 -20.64
N THR C 144 28.24 -37.14 -20.37
CA THR C 144 27.83 -35.92 -19.71
C THR C 144 27.55 -34.85 -20.76
N ASP C 145 26.32 -34.37 -20.76
CA ASP C 145 25.85 -33.45 -21.81
C ASP C 145 26.05 -31.99 -21.42
N ILE C 146 27.29 -31.53 -21.52
CA ILE C 146 27.68 -30.17 -21.15
C ILE C 146 26.89 -29.07 -21.87
N ARG C 147 26.64 -29.27 -23.17
CA ARG C 147 25.93 -28.31 -23.99
C ARG C 147 24.46 -28.20 -23.60
N SER C 148 24.03 -29.02 -22.65
CA SER C 148 22.62 -29.01 -22.24
C SER C 148 22.19 -27.61 -21.81
N SER C 149 20.97 -27.26 -22.19
CA SER C 149 20.36 -26.00 -21.75
C SER C 149 20.22 -25.98 -20.23
N ASN C 150 20.27 -27.16 -19.59
CA ASN C 150 20.10 -27.26 -18.15
C ASN C 150 21.40 -27.05 -17.41
N ASN C 151 22.47 -26.89 -18.17
CA ASN C 151 23.77 -26.62 -17.58
C ASN C 151 24.04 -25.11 -17.59
N GLN C 152 23.85 -24.45 -16.45
CA GLN C 152 24.04 -23.00 -16.38
C GLN C 152 25.43 -22.58 -15.91
N LEU C 153 26.35 -23.54 -15.78
CA LEU C 153 27.75 -23.20 -15.54
C LEU C 153 28.45 -22.98 -16.88
N ASP C 154 29.64 -23.54 -17.06
CA ASP C 154 30.36 -23.40 -18.32
C ASP C 154 30.58 -24.74 -19.05
N GLN C 155 31.53 -24.75 -19.98
CA GLN C 155 31.77 -25.95 -20.80
C GLN C 155 32.59 -27.07 -20.15
N MET C 156 33.09 -26.85 -18.94
CA MET C 156 33.87 -27.88 -18.24
C MET C 156 32.97 -28.88 -17.53
N PRO C 157 33.21 -30.17 -17.76
CA PRO C 157 32.53 -31.20 -16.97
C PRO C 157 32.93 -31.08 -15.50
N ARG C 158 31.94 -31.24 -14.63
CA ARG C 158 32.20 -31.23 -13.21
C ARG C 158 31.45 -32.37 -12.55
N ARG C 159 32.07 -32.99 -11.56
CA ARG C 159 31.34 -33.88 -10.68
C ARG C 159 31.56 -33.46 -9.24
N PHE C 160 30.49 -33.50 -8.44
CA PHE C 160 30.54 -33.15 -7.03
C PHE C 160 30.33 -34.37 -6.17
N TYR C 161 31.37 -34.76 -5.44
CA TYR C 161 31.28 -35.92 -4.57
C TYR C 161 30.85 -35.55 -3.18
N LEU C 162 29.87 -36.30 -2.66
CA LEU C 162 29.40 -36.13 -1.30
C LEU C 162 30.46 -36.55 -0.29
N ALA C 163 31.39 -37.39 -0.71
CA ALA C 163 32.25 -38.07 0.25
C ALA C 163 33.62 -38.37 -0.26
N GLY C 164 34.49 -38.73 0.68
CA GLY C 164 35.83 -39.16 0.37
C GLY C 164 36.80 -38.01 0.43
N ASN C 165 37.99 -38.24 -0.12
CA ASN C 165 39.05 -37.27 -0.10
C ASN C 165 39.87 -37.48 -1.36
N HIS C 166 39.16 -37.48 -2.49
CA HIS C 166 39.81 -37.66 -3.78
C HIS C 166 39.41 -36.52 -4.68
N GLU C 167 40.23 -36.24 -5.68
CA GLU C 167 39.85 -35.27 -6.70
C GLU C 167 38.79 -35.87 -7.60
N GLN C 168 37.93 -35.01 -8.12
CA GLN C 168 36.90 -35.42 -9.08
C GLN C 168 37.54 -35.62 -10.46
N GLU C 169 37.02 -36.60 -11.23
CA GLU C 169 37.59 -37.06 -12.50
C GLU C 169 38.01 -35.99 -13.51
N PHE C 170 37.38 -34.83 -13.46
CA PHE C 170 37.57 -33.86 -14.53
C PHE C 170 38.40 -32.65 -14.09
N LEU C 171 38.81 -32.62 -12.84
CA LEU C 171 39.59 -31.50 -12.33
C LEU C 171 40.80 -31.27 -13.23
N GLN C 172 41.44 -32.37 -13.63
CA GLN C 172 42.68 -32.32 -14.38
C GLN C 172 42.59 -31.68 -15.76
N TYR C 173 41.37 -31.34 -16.21
CA TYR C 173 41.18 -30.74 -17.52
C TYR C 173 40.84 -29.24 -17.45
N GLN C 174 40.77 -28.72 -16.23
CA GLN C 174 40.40 -27.31 -16.02
C GLN C 174 41.53 -26.35 -16.35
N GLY C 187 40.23 -31.58 2.68
CA GLY C 187 39.44 -32.61 2.01
C GLY C 187 39.02 -32.17 0.62
N ASN C 188 38.28 -33.02 -0.07
CA ASN C 188 37.88 -32.72 -1.45
C ASN C 188 36.39 -32.83 -1.75
N ASN C 189 35.59 -33.26 -0.77
CA ASN C 189 34.15 -33.35 -0.98
C ASN C 189 33.43 -32.04 -0.60
N ILE C 190 32.15 -31.92 -0.92
CA ILE C 190 31.45 -30.66 -0.64
C ILE C 190 31.43 -30.36 0.85
N PHE C 191 31.36 -31.40 1.66
CA PHE C 191 31.29 -31.20 3.10
C PHE C 191 32.59 -30.66 3.67
N SER C 192 33.70 -31.04 3.05
CA SER C 192 35.01 -30.67 3.59
C SER C 192 35.27 -29.16 3.47
N GLY C 193 34.56 -28.50 2.56
CA GLY C 193 34.72 -27.08 2.36
C GLY C 193 33.97 -26.21 3.34
N PHE C 194 33.24 -26.83 4.26
CA PHE C 194 32.49 -26.11 5.28
C PHE C 194 33.18 -26.23 6.63
N LYS C 195 33.01 -25.22 7.49
CA LYS C 195 33.50 -25.30 8.86
C LYS C 195 32.82 -26.48 9.55
N ARG C 196 33.53 -27.12 10.45
CA ARG C 196 32.96 -28.22 11.22
C ARG C 196 31.81 -27.77 12.12
N ASP C 197 31.88 -26.54 12.63
CA ASP C 197 30.82 -26.00 13.46
C ASP C 197 29.51 -25.87 12.69
N PHE C 198 29.60 -25.45 11.43
CA PHE C 198 28.43 -25.39 10.56
C PHE C 198 27.79 -26.77 10.42
N LEU C 199 28.61 -27.77 10.14
CA LEU C 199 28.14 -29.12 9.97
C LEU C 199 27.66 -29.74 11.29
N GLU C 200 28.35 -29.44 12.39
CA GLU C 200 27.94 -29.90 13.71
C GLU C 200 26.53 -29.44 14.02
N ASP C 201 26.24 -28.17 13.73
CA ASP C 201 24.93 -27.61 14.01
C ASP C 201 23.88 -28.02 12.97
N ALA C 202 24.28 -28.13 11.71
CA ALA C 202 23.34 -28.48 10.66
C ALA C 202 22.84 -29.92 10.75
N PHE C 203 23.73 -30.83 11.16
CA PHE C 203 23.36 -32.24 11.32
C PHE C 203 23.04 -32.57 12.75
N ASN C 204 23.48 -31.73 13.67
CA ASN C 204 23.34 -32.00 15.09
C ASN C 204 24.08 -33.27 15.48
N VAL C 205 25.37 -33.34 15.15
CA VAL C 205 26.20 -34.49 15.48
C VAL C 205 27.55 -34.05 16.03
N ASN C 206 28.26 -34.99 16.66
CA ASN C 206 29.57 -34.69 17.24
C ASN C 206 30.64 -34.43 16.18
N ARG C 207 31.79 -33.93 16.62
CA ARG C 207 32.87 -33.57 15.72
C ARG C 207 33.42 -34.77 14.94
N HIS C 208 33.28 -35.97 15.50
CA HIS C 208 33.84 -37.18 14.86
C HIS C 208 33.05 -37.57 13.62
N ILE C 209 31.72 -37.49 13.71
CA ILE C 209 30.87 -37.75 12.56
C ILE C 209 31.15 -36.74 11.45
N VAL C 210 31.27 -35.47 11.82
CA VAL C 210 31.61 -34.44 10.85
C VAL C 210 32.98 -34.67 10.21
N ASP C 211 33.92 -35.19 11.00
CA ASP C 211 35.26 -35.48 10.47
C ASP C 211 35.18 -36.53 9.36
N ARG C 212 34.43 -37.60 9.63
CA ARG C 212 34.23 -38.66 8.66
C ARG C 212 33.42 -38.16 7.48
N LEU C 213 32.42 -37.35 7.81
CA LEU C 213 31.61 -36.68 6.81
C LEU C 213 32.51 -35.90 5.86
N GLN C 214 33.61 -35.36 6.40
CA GLN C 214 34.52 -34.52 5.62
C GLN C 214 35.69 -35.27 4.98
N GLY C 215 35.74 -36.58 5.16
CA GLY C 215 36.80 -37.38 4.58
C GLY C 215 38.20 -37.05 5.09
N ARG C 216 38.27 -36.49 6.31
CA ARG C 216 39.54 -36.06 6.87
C ARG C 216 40.61 -37.13 6.98
N ASN C 217 40.24 -38.28 7.56
CA ASN C 217 41.20 -39.34 7.85
C ASN C 217 41.39 -40.33 6.71
N GLU C 218 40.64 -40.13 5.63
CA GLU C 218 40.67 -41.04 4.49
C GLU C 218 41.90 -40.78 3.61
N ASP C 219 42.63 -41.85 3.27
CA ASP C 219 43.75 -41.74 2.36
C ASP C 219 43.26 -41.52 0.94
N GLU C 220 43.82 -40.52 0.26
CA GLU C 220 43.26 -40.04 -1.00
C GLU C 220 43.37 -41.03 -2.17
N GLU C 221 43.70 -42.28 -1.84
CA GLU C 221 43.73 -43.35 -2.84
C GLU C 221 42.48 -44.21 -2.79
N LYS C 222 41.72 -44.12 -1.69
CA LYS C 222 40.47 -44.86 -1.60
C LYS C 222 39.60 -44.52 -2.80
N GLY C 223 39.45 -43.23 -3.08
CA GLY C 223 38.86 -42.77 -4.33
C GLY C 223 37.35 -42.91 -4.44
N ALA C 224 36.86 -42.69 -5.66
CA ALA C 224 35.42 -42.66 -5.94
C ALA C 224 34.73 -44.01 -5.73
N ILE C 225 35.36 -45.08 -6.19
CA ILE C 225 34.75 -46.39 -6.12
C ILE C 225 35.39 -47.20 -5.00
N VAL C 226 34.57 -47.58 -4.04
CA VAL C 226 35.03 -48.11 -2.76
C VAL C 226 34.56 -49.55 -2.53
N LYS C 227 35.42 -50.36 -1.90
CA LYS C 227 35.06 -51.74 -1.53
C LYS C 227 34.24 -51.75 -0.25
N VAL C 228 33.05 -52.33 -0.30
CA VAL C 228 32.27 -52.48 0.91
C VAL C 228 32.57 -53.83 1.55
N LYS C 229 33.32 -53.77 2.63
CA LYS C 229 33.89 -54.95 3.29
C LYS C 229 33.03 -56.21 3.22
N GLY C 230 31.82 -56.15 3.76
CA GLY C 230 30.94 -57.33 3.74
C GLY C 230 29.79 -57.26 2.76
N GLY C 231 29.92 -56.43 1.72
CA GLY C 231 28.82 -56.19 0.81
C GLY C 231 27.79 -55.27 1.44
N LEU C 232 26.71 -54.97 0.72
CA LEU C 232 25.68 -54.09 1.24
C LEU C 232 24.43 -54.83 1.67
N SER C 233 23.50 -54.10 2.29
CA SER C 233 22.25 -54.67 2.74
C SER C 233 21.14 -54.43 1.70
N ILE C 234 21.19 -55.20 0.62
CA ILE C 234 20.23 -55.10 -0.47
C ILE C 234 18.79 -55.11 0.04
N ILE C 235 17.88 -54.49 -0.73
CA ILE C 235 16.45 -54.57 -0.43
C ILE C 235 15.62 -54.69 -1.71
N SER C 236 16.19 -55.29 -2.74
CA SER C 236 15.48 -55.51 -4.01
C SER C 236 15.75 -56.90 -4.58
N THR C 316 9.72 -32.87 -11.83
CA THR C 316 8.31 -32.76 -11.46
C THR C 316 7.65 -34.13 -11.32
N VAL C 317 8.42 -35.19 -11.51
CA VAL C 317 7.89 -36.55 -11.38
C VAL C 317 8.89 -37.56 -10.78
N CYS C 318 8.50 -38.16 -9.65
CA CYS C 318 9.29 -39.18 -8.99
C CYS C 318 8.69 -40.54 -9.27
N THR C 319 7.86 -40.59 -10.30
CA THR C 319 7.27 -41.85 -10.74
C THR C 319 7.97 -42.28 -12.01
N ALA C 320 8.83 -41.41 -12.53
CA ALA C 320 9.50 -41.66 -13.81
C ALA C 320 10.31 -42.94 -13.81
N LYS C 321 10.26 -43.65 -14.94
CA LYS C 321 11.18 -44.74 -15.18
C LYS C 321 12.56 -44.10 -15.41
N LEU C 322 13.59 -44.63 -14.78
CA LEU C 322 14.91 -44.03 -14.87
C LEU C 322 15.87 -44.89 -15.69
N ARG C 323 15.32 -45.96 -16.26
CA ARG C 323 16.12 -47.05 -16.74
C ARG C 323 15.45 -47.69 -17.94
N LEU C 324 16.23 -48.20 -18.88
CA LEU C 324 15.66 -48.97 -19.98
C LEU C 324 16.73 -49.77 -20.73
N ASN C 325 16.45 -51.06 -20.96
CA ASN C 325 17.42 -51.93 -21.61
C ASN C 325 17.34 -51.84 -23.13
N ILE C 326 18.47 -51.62 -23.78
CA ILE C 326 18.52 -51.57 -25.23
C ILE C 326 19.47 -52.63 -25.79
N GLY C 327 19.82 -53.61 -24.95
CA GLY C 327 20.65 -54.71 -25.38
C GLY C 327 19.84 -55.79 -26.06
N PRO C 328 20.50 -56.89 -26.46
CA PRO C 328 19.96 -58.03 -27.21
C PRO C 328 18.67 -58.63 -26.63
N SER C 329 18.51 -58.61 -25.31
CA SER C 329 17.35 -59.21 -24.68
C SER C 329 16.06 -58.44 -24.97
N SER C 330 16.18 -57.24 -25.53
CA SER C 330 15.00 -56.39 -25.74
C SER C 330 14.44 -56.52 -27.15
N SER C 331 13.24 -55.99 -27.36
CA SER C 331 12.64 -55.94 -28.68
C SER C 331 13.35 -54.90 -29.54
N PRO C 332 13.94 -55.33 -30.67
CA PRO C 332 14.72 -54.43 -31.52
C PRO C 332 13.81 -53.48 -32.28
N ASP C 333 14.37 -52.41 -32.84
CA ASP C 333 13.64 -51.54 -33.75
C ASP C 333 13.88 -52.00 -35.17
N ILE C 334 15.09 -52.49 -35.41
CA ILE C 334 15.43 -53.07 -36.71
C ILE C 334 16.19 -54.38 -36.52
N TYR C 335 15.74 -55.43 -37.21
CA TYR C 335 16.41 -56.72 -37.12
C TYR C 335 16.54 -57.42 -38.47
N ASN C 336 17.79 -57.66 -38.88
CA ASN C 336 18.05 -58.44 -40.07
C ASN C 336 19.03 -59.58 -39.79
N PRO C 337 18.58 -60.83 -40.05
CA PRO C 337 19.23 -62.10 -39.72
C PRO C 337 20.66 -62.21 -40.23
N GLU C 338 20.96 -61.61 -41.37
CA GLU C 338 22.33 -61.66 -41.89
C GLU C 338 23.03 -60.31 -41.87
N ALA C 339 22.62 -59.44 -40.93
CA ALA C 339 23.23 -58.13 -40.79
C ALA C 339 23.43 -57.72 -39.33
N GLY C 340 22.34 -57.76 -38.55
CA GLY C 340 22.44 -57.46 -37.14
C GLY C 340 21.14 -56.90 -36.58
N ARG C 341 21.27 -55.90 -35.71
CA ARG C 341 20.08 -55.32 -35.09
C ARG C 341 20.33 -53.92 -34.51
N ILE C 342 19.26 -53.15 -34.41
CA ILE C 342 19.33 -51.82 -33.84
C ILE C 342 18.24 -51.65 -32.80
N LYS C 343 18.58 -51.03 -31.68
CA LYS C 343 17.59 -50.65 -30.68
C LYS C 343 17.90 -49.24 -30.22
N THR C 344 16.89 -48.38 -30.22
CA THR C 344 17.07 -47.01 -29.82
C THR C 344 16.16 -46.69 -28.66
N VAL C 345 16.61 -45.83 -27.76
CA VAL C 345 15.74 -45.34 -26.70
C VAL C 345 15.64 -43.82 -26.79
N THR C 346 14.40 -43.34 -26.82
CA THR C 346 14.13 -41.92 -26.93
C THR C 346 13.23 -41.52 -25.79
N SER C 347 12.82 -40.26 -25.78
CA SER C 347 11.86 -39.80 -24.79
C SER C 347 10.50 -40.50 -24.96
N LEU C 348 10.26 -41.07 -26.14
CA LEU C 348 9.06 -41.88 -26.34
C LEU C 348 9.10 -43.16 -25.52
N ASP C 349 10.29 -43.74 -25.39
CA ASP C 349 10.46 -44.99 -24.67
C ASP C 349 10.66 -44.74 -23.19
N LEU C 350 11.26 -43.61 -22.88
CA LEU C 350 11.67 -43.27 -21.52
C LEU C 350 11.49 -41.78 -21.34
N PRO C 351 10.29 -41.36 -20.91
CA PRO C 351 9.88 -39.95 -20.88
C PRO C 351 10.86 -39.03 -20.15
N VAL C 352 11.50 -39.50 -19.10
CA VAL C 352 12.44 -38.65 -18.37
C VAL C 352 13.55 -38.11 -19.27
N LEU C 353 13.77 -38.78 -20.41
CA LEU C 353 14.79 -38.36 -21.37
C LEU C 353 14.46 -37.00 -21.96
N ARG C 354 13.18 -36.63 -21.87
CA ARG C 354 12.67 -35.34 -22.34
C ARG C 354 13.37 -34.16 -21.64
N TRP C 355 13.74 -34.36 -20.38
CA TRP C 355 14.46 -33.35 -19.62
C TRP C 355 15.96 -33.33 -19.94
N LEU C 356 16.54 -34.49 -20.19
CA LEU C 356 17.97 -34.56 -20.47
C LEU C 356 18.28 -34.07 -21.87
N LYS C 357 17.30 -34.14 -22.76
CA LYS C 357 17.51 -33.91 -24.18
C LYS C 357 18.61 -34.82 -24.73
N LEU C 358 18.54 -36.09 -24.32
CA LEU C 358 19.50 -37.09 -24.75
C LEU C 358 18.79 -38.37 -25.18
N SER C 359 19.48 -39.16 -25.99
CA SER C 359 18.98 -40.48 -26.37
C SER C 359 20.15 -41.38 -26.71
N ALA C 360 19.87 -42.64 -27.03
CA ALA C 360 20.92 -43.59 -27.32
C ALA C 360 20.45 -44.72 -28.23
N GLU C 361 21.35 -45.17 -29.10
CA GLU C 361 21.06 -46.26 -30.01
C GLU C 361 22.08 -47.37 -29.79
N HIS C 362 21.59 -48.59 -29.55
CA HIS C 362 22.47 -49.75 -29.47
C HIS C 362 22.51 -50.48 -30.81
N GLY C 363 23.72 -50.74 -31.29
CA GLY C 363 23.87 -51.41 -32.58
C GLY C 363 24.75 -52.65 -32.57
N SER C 364 24.36 -53.63 -33.39
CA SER C 364 25.16 -54.82 -33.58
C SER C 364 25.26 -55.13 -35.07
N LEU C 365 26.46 -55.45 -35.54
CA LEU C 365 26.66 -55.80 -36.95
C LEU C 365 27.45 -57.10 -37.15
N HIS C 366 26.86 -58.01 -37.92
CA HIS C 366 27.58 -59.21 -38.34
C HIS C 366 28.74 -58.83 -39.25
N LYS C 367 29.77 -59.67 -39.30
CA LYS C 367 30.93 -59.43 -40.17
C LYS C 367 30.53 -59.03 -41.60
N ASN C 368 31.17 -57.99 -42.11
CA ASN C 368 30.95 -57.54 -43.49
C ASN C 368 29.58 -56.95 -43.76
N ALA C 369 28.72 -56.96 -42.75
CA ALA C 369 27.45 -56.26 -42.85
C ALA C 369 27.72 -54.81 -42.49
N MET C 370 26.78 -53.92 -42.81
CA MET C 370 26.99 -52.52 -42.52
C MET C 370 25.70 -51.81 -42.16
N PHE C 371 25.83 -50.55 -41.72
CA PHE C 371 24.68 -49.65 -41.73
C PHE C 371 24.86 -48.60 -42.83
N VAL C 372 23.75 -48.22 -43.45
CA VAL C 372 23.76 -47.34 -44.60
C VAL C 372 24.36 -45.97 -44.27
N PRO C 373 24.91 -45.29 -45.29
CA PRO C 373 25.26 -43.88 -45.12
C PRO C 373 24.05 -43.16 -44.54
N HIS C 374 24.29 -42.28 -43.57
CA HIS C 374 23.21 -41.50 -43.00
C HIS C 374 23.79 -40.35 -42.20
N TYR C 375 22.92 -39.43 -41.79
CA TYR C 375 23.31 -38.35 -40.91
C TYR C 375 22.22 -38.12 -39.89
N ASN C 376 22.56 -37.52 -38.77
CA ASN C 376 21.57 -37.14 -37.77
C ASN C 376 21.09 -35.71 -38.01
N LEU C 377 19.78 -35.53 -38.01
CA LEU C 377 19.16 -34.25 -38.33
C LEU C 377 19.51 -33.17 -37.34
N ASN C 378 19.45 -33.56 -36.07
CA ASN C 378 19.25 -32.62 -34.99
C ASN C 378 20.01 -33.05 -33.76
N ALA C 379 21.18 -33.62 -33.95
CA ALA C 379 21.96 -34.05 -32.81
C ALA C 379 23.40 -34.38 -33.19
N ASN C 380 24.31 -34.18 -32.25
CA ASN C 380 25.65 -34.71 -32.38
C ASN C 380 25.65 -36.14 -31.84
N SER C 381 26.54 -36.97 -32.36
CA SER C 381 26.61 -38.36 -31.94
C SER C 381 28.01 -38.76 -31.48
N ILE C 382 28.07 -39.50 -30.38
CA ILE C 382 29.32 -40.11 -29.94
C ILE C 382 29.14 -41.61 -30.11
N ILE C 383 29.88 -42.19 -31.07
CA ILE C 383 29.86 -43.63 -31.28
C ILE C 383 30.91 -44.30 -30.42
N TYR C 384 30.45 -45.13 -29.48
CA TYR C 384 31.35 -45.88 -28.60
C TYR C 384 31.36 -47.37 -28.93
N ALA C 385 32.54 -47.91 -29.26
CA ALA C 385 32.62 -49.30 -29.68
C ALA C 385 32.62 -50.23 -28.48
N LEU C 386 31.68 -51.18 -28.49
CA LEU C 386 31.53 -52.12 -27.39
C LEU C 386 32.32 -53.41 -27.60
N LYS C 387 32.39 -53.86 -28.86
CA LYS C 387 33.03 -55.13 -29.16
C LYS C 387 33.41 -55.21 -30.63
N GLY C 388 34.60 -55.74 -30.89
CA GLY C 388 35.03 -55.98 -32.26
C GLY C 388 35.57 -54.75 -32.95
N ARG C 389 35.59 -54.78 -34.27
CA ARG C 389 36.15 -53.68 -35.05
C ARG C 389 35.22 -53.37 -36.20
N ALA C 390 35.34 -52.15 -36.73
CA ALA C 390 34.53 -51.75 -37.87
C ALA C 390 35.27 -50.72 -38.70
N ARG C 391 34.91 -50.63 -39.96
CA ARG C 391 35.38 -49.56 -40.83
C ARG C 391 34.32 -48.47 -40.83
N LEU C 392 34.72 -47.25 -40.49
CA LEU C 392 33.81 -46.14 -40.55
C LEU C 392 34.34 -45.06 -41.47
N GLN C 393 33.43 -44.43 -42.20
CA GLN C 393 33.76 -43.20 -42.90
C GLN C 393 32.75 -42.15 -42.49
N VAL C 394 33.20 -40.91 -42.32
CA VAL C 394 32.25 -39.82 -42.15
C VAL C 394 32.66 -38.63 -43.00
N VAL C 395 31.67 -38.03 -43.68
CA VAL C 395 31.97 -36.93 -44.58
C VAL C 395 31.27 -35.63 -44.18
N ASN C 396 31.97 -34.51 -44.38
CA ASN C 396 31.47 -33.20 -43.99
C ASN C 396 30.63 -32.56 -45.09
N CYS C 397 30.40 -31.26 -45.01
CA CYS C 397 29.51 -30.57 -45.94
C CYS C 397 30.15 -30.31 -47.29
N ASN C 398 31.43 -30.63 -47.42
CA ASN C 398 32.13 -30.36 -48.68
C ASN C 398 32.57 -31.63 -49.39
N GLY C 399 32.04 -32.76 -48.95
CA GLY C 399 32.37 -34.05 -49.55
C GLY C 399 33.70 -34.62 -49.12
N ASN C 400 34.32 -33.99 -48.12
CA ASN C 400 35.62 -34.47 -47.62
C ASN C 400 35.48 -35.60 -46.61
N THR C 401 36.36 -36.59 -46.72
CA THR C 401 36.36 -37.70 -45.77
C THR C 401 37.15 -37.27 -44.54
N VAL C 402 36.43 -37.00 -43.45
CA VAL C 402 37.07 -36.49 -42.25
C VAL C 402 37.46 -37.64 -41.34
N PHE C 403 36.90 -38.80 -41.62
CA PHE C 403 37.33 -40.02 -40.96
C PHE C 403 37.14 -41.18 -41.92
N ASP C 404 38.19 -41.99 -42.04
CA ASP C 404 38.19 -43.12 -42.94
C ASP C 404 39.14 -44.14 -42.33
N GLY C 405 38.62 -44.99 -41.46
CA GLY C 405 39.49 -45.89 -40.74
C GLY C 405 38.78 -46.80 -39.78
N GLU C 406 39.54 -47.33 -38.83
CA GLU C 406 39.05 -48.38 -37.97
C GLU C 406 38.60 -47.88 -36.60
N LEU C 407 37.42 -48.34 -36.18
CA LEU C 407 36.96 -48.09 -34.83
C LEU C 407 36.87 -49.42 -34.08
N GLU C 408 37.81 -49.65 -33.16
CA GLU C 408 37.81 -50.87 -32.36
C GLU C 408 37.13 -50.67 -30.99
N ALA C 409 36.82 -51.78 -30.34
CA ALA C 409 36.12 -51.71 -29.06
C ALA C 409 36.89 -50.87 -28.05
N GLY C 410 36.16 -50.08 -27.28
CA GLY C 410 36.76 -49.28 -26.24
C GLY C 410 37.19 -47.89 -26.68
N ARG C 411 36.94 -47.57 -27.95
CA ARG C 411 37.24 -46.24 -28.46
C ARG C 411 35.96 -45.52 -28.88
N ALA C 412 36.02 -44.19 -28.99
CA ALA C 412 34.86 -43.41 -29.36
C ALA C 412 35.12 -42.60 -30.62
N LEU C 413 34.07 -42.36 -31.40
CA LEU C 413 34.19 -41.50 -32.58
C LEU C 413 33.04 -40.49 -32.59
N THR C 414 33.39 -39.23 -32.70
CA THR C 414 32.43 -38.16 -32.78
C THR C 414 31.87 -38.03 -34.20
N VAL C 415 30.54 -38.03 -34.33
CA VAL C 415 29.91 -37.71 -35.59
C VAL C 415 28.99 -36.49 -35.43
N PRO C 416 29.45 -35.32 -35.90
CA PRO C 416 28.68 -34.08 -35.75
C PRO C 416 27.37 -34.10 -36.51
N GLN C 417 26.39 -33.34 -36.00
CA GLN C 417 25.12 -33.16 -36.69
C GLN C 417 25.31 -32.93 -38.19
N ASN C 418 24.43 -33.53 -38.98
CA ASN C 418 24.43 -33.37 -40.44
C ASN C 418 25.60 -33.97 -41.20
N TYR C 419 26.69 -34.32 -40.51
CA TYR C 419 27.74 -35.15 -41.09
C TYR C 419 27.20 -36.55 -41.39
N ALA C 420 27.55 -37.11 -42.54
CA ALA C 420 27.12 -38.47 -42.87
C ALA C 420 28.12 -39.53 -42.40
N VAL C 421 27.60 -40.65 -41.92
CA VAL C 421 28.45 -41.72 -41.44
C VAL C 421 28.02 -43.04 -42.06
N ALA C 422 28.99 -43.92 -42.29
CA ALA C 422 28.70 -45.28 -42.76
C ALA C 422 29.66 -46.23 -42.05
N ALA C 423 29.22 -47.46 -41.79
CA ALA C 423 30.07 -48.43 -41.10
C ALA C 423 29.98 -49.83 -41.69
N LYS C 424 31.10 -50.54 -41.75
CA LYS C 424 31.11 -51.94 -42.13
C LYS C 424 31.89 -52.79 -41.12
N SER C 425 31.25 -53.82 -40.58
CA SER C 425 31.90 -54.64 -39.58
C SER C 425 33.07 -55.46 -40.12
N LEU C 426 34.17 -55.46 -39.37
CA LEU C 426 35.30 -56.32 -39.69
C LEU C 426 35.37 -57.55 -38.76
N SER C 427 34.39 -57.67 -37.87
CA SER C 427 34.38 -58.75 -36.88
C SER C 427 33.12 -59.59 -37.03
N ASP C 428 33.19 -60.81 -36.53
CA ASP C 428 32.03 -61.70 -36.57
C ASP C 428 30.83 -60.96 -35.96
N ARG C 429 31.11 -60.11 -34.99
CA ARG C 429 30.10 -59.25 -34.40
C ARG C 429 30.76 -57.97 -33.96
N PHE C 430 30.25 -56.84 -34.46
CA PHE C 430 30.69 -55.54 -34.00
C PHE C 430 29.52 -54.82 -33.36
N SER C 431 29.67 -54.39 -32.13
CA SER C 431 28.58 -53.73 -31.43
C SER C 431 29.02 -52.39 -30.86
N TYR C 432 28.05 -51.47 -30.77
CA TYR C 432 28.33 -50.11 -30.33
C TYR C 432 27.10 -49.53 -29.65
N VAL C 433 27.35 -48.54 -28.81
CA VAL C 433 26.30 -47.67 -28.33
C VAL C 433 26.62 -46.27 -28.85
N ALA C 434 25.62 -45.63 -29.45
CA ALA C 434 25.78 -44.26 -29.93
C ALA C 434 24.92 -43.33 -29.07
N PHE C 435 25.59 -42.41 -28.37
CA PHE C 435 24.89 -41.39 -27.60
C PHE C 435 24.58 -40.21 -28.49
N LYS C 436 23.39 -39.63 -28.31
CA LYS C 436 22.98 -38.52 -29.15
C LYS C 436 22.45 -37.35 -28.33
N THR C 437 22.82 -36.14 -28.72
CA THR C 437 22.49 -34.93 -27.97
C THR C 437 21.10 -34.39 -28.29
N ASN C 438 20.13 -35.28 -28.33
CA ASN C 438 18.74 -34.93 -28.49
C ASN C 438 17.88 -36.14 -28.13
N ASP C 439 16.73 -35.89 -27.49
CA ASP C 439 15.89 -36.99 -27.00
C ASP C 439 15.04 -37.64 -28.09
N ARG C 440 14.80 -36.90 -29.17
CA ARG C 440 14.06 -37.43 -30.31
C ARG C 440 14.94 -37.31 -31.54
N ALA C 441 16.17 -37.80 -31.44
CA ALA C 441 17.10 -37.69 -32.56
C ALA C 441 16.52 -38.40 -33.78
N GLY C 442 16.59 -37.73 -34.93
CA GLY C 442 16.10 -38.30 -36.16
C GLY C 442 17.27 -38.57 -37.09
N ILE C 443 17.42 -39.81 -37.52
CA ILE C 443 18.40 -40.09 -38.54
C ILE C 443 17.74 -39.93 -39.91
N ALA C 444 18.50 -39.46 -40.88
CA ALA C 444 18.03 -39.40 -42.24
C ALA C 444 18.89 -40.38 -43.01
N ARG C 445 18.28 -41.45 -43.47
CA ARG C 445 19.02 -42.49 -44.20
C ARG C 445 19.30 -42.09 -45.66
N LEU C 446 20.56 -42.22 -46.06
CA LEU C 446 20.95 -41.86 -47.41
C LEU C 446 20.74 -43.03 -48.38
N ALA C 447 20.63 -44.24 -47.84
CA ALA C 447 20.30 -45.39 -48.67
C ALA C 447 19.35 -46.33 -47.96
N GLY C 448 19.03 -47.45 -48.61
CA GLY C 448 18.13 -48.42 -48.03
C GLY C 448 16.69 -47.97 -48.10
N THR C 449 15.85 -48.66 -47.35
CA THR C 449 14.39 -48.52 -47.46
C THR C 449 13.84 -47.11 -47.21
N SER C 450 13.85 -46.65 -45.97
CA SER C 450 13.24 -45.35 -45.68
C SER C 450 14.22 -44.21 -45.89
N SER C 451 14.66 -44.04 -47.14
CA SER C 451 15.79 -43.16 -47.43
C SER C 451 15.38 -41.85 -48.07
N VAL C 452 16.30 -40.90 -48.07
CA VAL C 452 16.09 -39.64 -48.76
C VAL C 452 15.85 -39.90 -50.25
N ILE C 453 16.73 -40.68 -50.89
CA ILE C 453 16.57 -41.02 -52.30
C ILE C 453 15.20 -41.66 -52.56
N ASN C 454 14.80 -42.58 -51.69
CA ASN C 454 13.49 -43.21 -51.78
C ASN C 454 12.31 -42.24 -51.81
N ASN C 455 12.40 -41.14 -51.09
CA ASN C 455 11.26 -40.25 -50.94
C ASN C 455 11.28 -39.08 -51.89
N LEU C 456 12.30 -39.03 -52.73
CA LEU C 456 12.28 -38.11 -53.84
C LEU C 456 11.50 -38.77 -54.97
N PRO C 457 10.69 -37.97 -55.69
CA PRO C 457 10.00 -38.50 -56.87
C PRO C 457 11.02 -39.07 -57.85
N LEU C 458 10.61 -40.07 -58.62
CA LEU C 458 11.53 -40.74 -59.54
C LEU C 458 12.25 -39.75 -60.44
N ASP C 459 11.51 -38.79 -60.97
CA ASP C 459 12.09 -37.81 -61.90
C ASP C 459 13.13 -36.88 -61.28
N VAL C 460 12.88 -36.39 -60.06
CA VAL C 460 13.88 -35.50 -59.47
C VAL C 460 15.16 -36.27 -59.16
N VAL C 461 15.02 -37.54 -58.76
CA VAL C 461 16.17 -38.40 -58.57
C VAL C 461 16.95 -38.53 -59.88
N ALA C 462 16.23 -38.80 -60.96
CA ALA C 462 16.83 -38.94 -62.27
C ALA C 462 17.62 -37.70 -62.65
N ALA C 463 17.00 -36.54 -62.48
CA ALA C 463 17.61 -35.26 -62.86
C ALA C 463 18.73 -34.86 -61.90
N THR C 464 18.56 -35.20 -60.62
CA THR C 464 19.52 -34.84 -59.58
C THR C 464 20.89 -35.46 -59.82
N PHE C 465 20.93 -36.75 -60.10
CA PHE C 465 22.21 -37.42 -60.30
C PHE C 465 22.51 -37.66 -61.79
N ASN C 466 21.54 -37.34 -62.64
CA ASN C 466 21.64 -37.53 -64.08
C ASN C 466 21.61 -38.99 -64.49
N LEU C 467 20.52 -39.67 -64.16
CA LEU C 467 20.37 -41.08 -64.45
C LEU C 467 19.15 -41.27 -65.34
N GLN C 468 19.08 -42.40 -66.01
CA GLN C 468 17.87 -42.78 -66.73
C GLN C 468 16.85 -43.29 -65.71
N ARG C 469 15.58 -43.24 -66.07
CA ARG C 469 14.53 -43.58 -65.12
C ARG C 469 14.80 -44.90 -64.39
N ASN C 470 15.14 -45.93 -65.15
CA ASN C 470 15.32 -47.28 -64.61
C ASN C 470 16.54 -47.38 -63.71
N GLU C 471 17.57 -46.59 -64.04
CA GLU C 471 18.72 -46.45 -63.17
C GLU C 471 18.27 -45.84 -61.83
N ALA C 472 17.44 -44.81 -61.91
CA ALA C 472 16.89 -44.18 -60.74
C ALA C 472 16.08 -45.20 -59.96
N ARG C 473 15.23 -45.94 -60.67
CA ARG C 473 14.44 -47.00 -60.06
C ARG C 473 15.32 -47.95 -59.23
N GLN C 474 16.49 -48.30 -59.76
CA GLN C 474 17.39 -49.22 -59.06
C GLN C 474 17.95 -48.57 -57.80
N LEU C 475 18.35 -47.32 -57.91
CA LEU C 475 18.82 -46.54 -56.77
C LEU C 475 17.80 -46.58 -55.64
N LYS C 476 16.52 -46.45 -55.97
CA LYS C 476 15.45 -46.40 -54.98
C LYS C 476 14.97 -47.76 -54.47
N SER C 477 15.48 -48.85 -55.04
CA SER C 477 14.83 -50.14 -54.80
C SER C 477 15.73 -51.37 -54.64
N ASN C 478 16.94 -51.33 -55.18
CA ASN C 478 17.80 -52.51 -55.14
C ASN C 478 18.14 -53.00 -53.73
N ASN C 479 18.00 -52.13 -52.74
CA ASN C 479 18.17 -52.50 -51.33
C ASN C 479 16.85 -52.30 -50.61
N PRO C 480 16.20 -53.40 -50.21
CA PRO C 480 14.89 -53.29 -49.56
C PRO C 480 14.97 -53.30 -48.04
N PHE C 481 16.17 -53.26 -47.49
CA PHE C 481 16.32 -53.25 -46.03
C PHE C 481 16.36 -51.83 -45.50
N LYS C 482 15.89 -51.63 -44.27
CA LYS C 482 15.76 -50.28 -43.73
C LYS C 482 17.07 -49.55 -43.52
N PHE C 483 17.92 -50.10 -42.65
CA PHE C 483 19.07 -49.34 -42.16
C PHE C 483 20.30 -50.23 -42.20
N LEU C 484 20.12 -51.47 -41.76
CA LEU C 484 21.16 -52.48 -41.85
C LEU C 484 21.26 -52.99 -43.28
N VAL C 485 22.49 -53.19 -43.74
CA VAL C 485 22.71 -53.88 -45.01
C VAL C 485 23.53 -55.15 -44.80
N PRO C 486 22.96 -56.30 -45.19
CA PRO C 486 23.55 -57.62 -44.98
C PRO C 486 24.87 -57.78 -45.72
N ALA C 487 25.71 -58.67 -45.22
CA ALA C 487 26.94 -59.02 -45.91
C ALA C 487 26.67 -59.51 -47.34
N ARG C 488 27.65 -59.35 -48.21
CA ARG C 488 27.60 -59.91 -49.55
C ARG C 488 28.15 -61.34 -49.54
N GLU C 489 28.50 -61.85 -50.72
CA GLU C 489 29.03 -63.21 -50.82
C GLU C 489 30.38 -63.25 -51.53
N ASN D 8 -17.40 27.10 42.29
CA ASN D 8 -18.63 27.77 42.70
C ASN D 8 -18.67 29.24 42.28
N GLU D 9 -18.30 29.51 41.04
CA GLU D 9 -18.24 30.88 40.51
C GLU D 9 -19.59 31.61 40.61
N CYS D 10 -20.68 30.87 40.55
CA CYS D 10 -22.02 31.48 40.49
C CYS D 10 -22.78 31.41 41.81
N GLN D 11 -22.05 31.25 42.90
CA GLN D 11 -22.67 31.30 44.22
C GLN D 11 -22.58 32.74 44.73
N LEU D 12 -23.18 33.65 43.97
CA LEU D 12 -23.07 35.07 44.27
C LEU D 12 -24.14 35.47 45.26
N GLU D 13 -23.71 36.03 46.40
CA GLU D 13 -24.68 36.47 47.40
C GLU D 13 -24.94 37.96 47.26
N ARG D 14 -24.10 38.63 46.48
CA ARG D 14 -24.20 40.08 46.31
C ARG D 14 -23.89 40.47 44.88
N LEU D 15 -24.73 41.32 44.30
CA LEU D 15 -24.49 41.87 42.97
C LEU D 15 -24.37 43.38 43.04
N ASP D 16 -23.73 43.96 42.03
CA ASP D 16 -23.51 45.39 41.99
C ASP D 16 -23.91 45.91 40.62
N ALA D 17 -24.31 47.17 40.57
CA ALA D 17 -24.40 47.91 39.33
C ALA D 17 -22.97 48.39 39.03
N LEU D 18 -22.34 47.78 38.04
CA LEU D 18 -20.89 47.96 37.82
C LEU D 18 -20.53 49.02 36.76
N GLU D 19 -19.51 49.81 37.07
CA GLU D 19 -18.89 50.71 36.11
C GLU D 19 -17.60 50.09 35.60
N PRO D 20 -17.12 50.52 34.41
CA PRO D 20 -15.78 50.11 34.00
C PRO D 20 -14.76 50.46 35.08
N ASP D 21 -13.69 49.70 35.17
CA ASP D 21 -12.65 49.94 36.15
C ASP D 21 -11.37 50.39 35.45
N ASN D 22 -11.49 50.67 34.15
CA ASN D 22 -10.34 50.94 33.32
C ASN D 22 -10.76 51.79 32.13
N ARG D 23 -10.04 52.88 31.90
CA ARG D 23 -10.34 53.75 30.77
C ARG D 23 -9.07 54.13 30.02
N ILE D 24 -9.07 53.88 28.72
CA ILE D 24 -7.88 54.06 27.92
C ILE D 24 -8.13 55.03 26.78
N GLU D 25 -7.34 56.10 26.75
CA GLU D 25 -7.53 57.15 25.76
C GLU D 25 -6.61 56.96 24.57
N SER D 26 -7.15 57.17 23.38
CA SER D 26 -6.36 57.19 22.16
C SER D 26 -6.70 58.49 21.46
N GLU D 27 -5.97 58.83 20.40
CA GLU D 27 -6.10 60.15 19.80
C GLU D 27 -7.53 60.41 19.31
N GLY D 28 -8.21 59.35 18.89
CA GLY D 28 -9.52 59.52 18.28
C GLY D 28 -10.66 59.07 19.17
N GLY D 29 -10.35 58.63 20.39
CA GLY D 29 -11.41 58.14 21.24
C GLY D 29 -10.99 57.43 22.50
N LEU D 30 -11.90 56.59 22.99
CA LEU D 30 -11.75 56.00 24.32
C LEU D 30 -12.29 54.57 24.35
N ILE D 31 -11.58 53.71 25.07
CA ILE D 31 -12.05 52.37 25.30
C ILE D 31 -12.13 52.14 26.80
N GLU D 32 -13.28 51.67 27.26
CA GLU D 32 -13.49 51.40 28.67
C GLU D 32 -13.79 49.92 28.83
N THR D 33 -13.17 49.30 29.82
CA THR D 33 -13.42 47.88 30.05
C THR D 33 -13.92 47.65 31.46
N TRP D 34 -14.87 46.73 31.59
CA TRP D 34 -15.28 46.25 32.90
C TRP D 34 -14.34 45.11 33.28
N ASN D 35 -14.22 44.87 34.58
CA ASN D 35 -13.33 43.83 35.12
C ASN D 35 -13.79 42.41 34.80
N PRO D 36 -13.11 41.73 33.85
CA PRO D 36 -13.48 40.35 33.56
C PRO D 36 -13.20 39.42 34.73
N ASN D 37 -12.42 39.88 35.70
CA ASN D 37 -12.05 39.05 36.84
C ASN D 37 -13.06 39.16 37.97
N ASN D 38 -13.96 40.13 37.84
CA ASN D 38 -15.04 40.32 38.79
C ASN D 38 -15.95 39.10 38.90
N LYS D 39 -16.17 38.63 40.12
CA LYS D 39 -17.08 37.51 40.39
C LYS D 39 -18.30 37.49 39.47
N GLN D 40 -19.00 38.62 39.38
CA GLN D 40 -20.20 38.71 38.57
C GLN D 40 -19.96 38.38 37.11
N PHE D 41 -18.85 38.84 36.55
CA PHE D 41 -18.55 38.55 35.16
C PHE D 41 -18.03 37.14 34.96
N ARG D 42 -17.27 36.64 35.92
CA ARG D 42 -16.77 35.26 35.85
C ARG D 42 -17.93 34.29 35.80
N CYS D 43 -18.91 34.50 36.66
CA CYS D 43 -20.10 33.65 36.67
C CYS D 43 -20.77 33.71 35.31
N ALA D 44 -20.99 34.92 34.81
CA ALA D 44 -21.67 35.12 33.54
C ALA D 44 -20.87 34.46 32.43
N GLY D 45 -19.56 34.40 32.63
CA GLY D 45 -18.66 33.88 31.62
C GLY D 45 -18.44 34.86 30.48
N VAL D 46 -18.55 36.16 30.76
CA VAL D 46 -18.36 37.16 29.71
C VAL D 46 -17.45 38.32 30.12
N ALA D 47 -17.21 39.21 29.18
CA ALA D 47 -16.51 40.45 29.43
C ALA D 47 -17.29 41.55 28.72
N LEU D 48 -17.22 42.77 29.27
CA LEU D 48 -17.96 43.88 28.73
C LEU D 48 -17.01 45.04 28.45
N SER D 49 -17.24 45.75 27.35
CA SER D 49 -16.47 46.94 27.06
C SER D 49 -17.28 47.98 26.30
N ARG D 50 -16.76 49.20 26.26
CA ARG D 50 -17.45 50.32 25.65
C ARG D 50 -16.45 51.21 24.93
N ALA D 51 -16.67 51.40 23.63
CA ALA D 51 -15.78 52.22 22.80
C ALA D 51 -16.45 53.49 22.32
N THR D 52 -15.77 54.61 22.50
CA THR D 52 -16.25 55.90 22.02
C THR D 52 -15.34 56.43 20.93
N LEU D 53 -15.85 56.54 19.71
CA LEU D 53 -15.08 57.09 18.62
C LEU D 53 -15.54 58.51 18.35
N GLN D 54 -14.62 59.46 18.46
CA GLN D 54 -14.90 60.85 18.14
C GLN D 54 -15.11 61.02 16.64
N ARG D 55 -15.38 62.26 16.22
CA ARG D 55 -15.64 62.53 14.81
C ARG D 55 -14.40 62.22 13.96
N ASN D 56 -14.63 61.66 12.77
CA ASN D 56 -13.53 61.31 11.87
C ASN D 56 -12.49 60.37 12.49
N ALA D 57 -12.96 59.31 13.14
CA ALA D 57 -12.10 58.40 13.88
C ALA D 57 -12.19 56.98 13.37
N LEU D 58 -11.07 56.26 13.44
CA LEU D 58 -10.97 54.89 12.94
C LEU D 58 -10.62 53.96 14.08
N ARG D 59 -11.57 53.05 14.40
CA ARG D 59 -11.32 51.93 15.27
C ARG D 59 -10.50 50.94 14.44
N ARG D 60 -9.18 50.95 14.62
CA ARG D 60 -8.28 50.17 13.77
C ARG D 60 -8.49 48.66 13.93
N PRO D 61 -8.18 47.90 12.87
CA PRO D 61 -8.46 46.46 12.80
C PRO D 61 -7.95 45.69 14.01
N TYR D 62 -8.80 44.82 14.55
CA TYR D 62 -8.45 43.96 15.67
C TYR D 62 -9.33 42.71 15.65
N TYR D 63 -8.87 41.64 16.28
CA TYR D 63 -9.67 40.43 16.37
C TYR D 63 -9.58 39.82 17.77
N SER D 64 -10.53 38.95 18.09
CA SER D 64 -10.59 38.41 19.44
C SER D 64 -10.83 36.90 19.41
N ASN D 65 -10.40 36.21 20.46
CA ASN D 65 -10.48 34.76 20.54
C ASN D 65 -11.84 34.29 21.04
N ALA D 66 -12.83 35.17 21.00
CA ALA D 66 -14.17 34.82 21.39
C ALA D 66 -15.14 35.72 20.64
N PRO D 67 -16.40 35.28 20.49
CA PRO D 67 -17.43 36.03 19.78
C PRO D 67 -17.77 37.33 20.48
N GLN D 68 -18.06 38.35 19.70
CA GLN D 68 -18.52 39.61 20.26
C GLN D 68 -19.89 39.95 19.73
N GLU D 69 -20.72 40.46 20.62
CA GLU D 69 -21.96 41.07 20.23
C GLU D 69 -21.81 42.55 20.58
N ILE D 70 -22.07 43.43 19.62
CA ILE D 70 -21.78 44.83 19.75
C ILE D 70 -23.04 45.69 19.58
N PHE D 71 -23.39 46.47 20.62
CA PHE D 71 -24.54 47.37 20.53
C PHE D 71 -24.16 48.83 20.28
N ILE D 72 -24.77 49.43 19.27
CA ILE D 72 -24.52 50.83 18.96
C ILE D 72 -25.45 51.70 19.78
N GLN D 73 -24.97 52.08 20.97
CA GLN D 73 -25.70 52.96 21.88
C GLN D 73 -25.89 54.36 21.27
N GLN D 74 -25.02 54.75 20.35
CA GLN D 74 -25.07 56.09 19.78
C GLN D 74 -24.24 56.16 18.51
N GLY D 75 -24.71 56.91 17.53
CA GLY D 75 -23.88 57.20 16.38
C GLY D 75 -24.15 56.36 15.16
N ASN D 76 -23.35 56.60 14.12
CA ASN D 76 -23.50 55.98 12.81
C ASN D 76 -22.14 55.94 12.15
N GLY D 77 -21.96 55.06 11.18
CA GLY D 77 -20.66 54.96 10.54
C GLY D 77 -20.52 53.72 9.69
N TYR D 78 -19.28 53.28 9.49
CA TYR D 78 -19.03 52.09 8.70
C TYR D 78 -18.27 51.07 9.53
N PHE D 79 -18.39 49.81 9.14
CA PHE D 79 -17.55 48.77 9.71
C PHE D 79 -17.22 47.73 8.67
N GLY D 80 -16.08 47.10 8.84
CA GLY D 80 -15.68 46.01 7.97
C GLY D 80 -15.34 44.79 8.78
N MET D 81 -15.61 43.63 8.20
CA MET D 81 -15.10 42.40 8.75
C MET D 81 -14.30 41.73 7.66
N VAL D 82 -13.30 40.96 8.06
CA VAL D 82 -12.56 40.16 7.10
C VAL D 82 -12.73 38.68 7.41
N PHE D 83 -13.41 37.97 6.51
CA PHE D 83 -13.59 36.52 6.63
C PHE D 83 -12.63 35.78 5.72
N PRO D 84 -11.84 34.87 6.30
CA PRO D 84 -10.83 34.11 5.54
C PRO D 84 -11.45 33.36 4.37
N GLY D 85 -10.72 33.31 3.25
CA GLY D 85 -11.14 32.56 2.09
C GLY D 85 -12.49 33.01 1.53
N CYS D 86 -12.86 34.25 1.81
CA CYS D 86 -14.15 34.76 1.39
C CYS D 86 -14.01 35.65 0.15
N PRO D 87 -14.96 35.51 -0.79
CA PRO D 87 -15.07 36.36 -1.98
C PRO D 87 -15.07 37.86 -1.67
N GLU D 88 -14.34 38.61 -2.51
CA GLU D 88 -14.15 40.05 -2.33
C GLU D 88 -14.96 40.83 -3.38
N THR D 89 -14.73 42.13 -3.44
CA THR D 89 -15.43 42.98 -4.41
C THR D 89 -14.45 43.61 -5.41
N ASP D 106 -8.91 48.63 -6.54
CA ASP D 106 -8.94 48.27 -5.12
C ASP D 106 -9.84 47.06 -4.86
N ARG D 107 -9.25 45.99 -4.35
CA ARG D 107 -9.99 44.82 -3.91
C ARG D 107 -10.17 44.85 -2.39
N HIS D 108 -11.37 44.50 -1.92
CA HIS D 108 -11.65 44.49 -0.49
C HIS D 108 -12.94 43.73 -0.19
N GLN D 109 -13.21 43.51 1.10
CA GLN D 109 -14.37 42.71 1.49
C GLN D 109 -15.54 43.56 1.97
N LYS D 110 -16.46 42.91 2.68
CA LYS D 110 -17.70 43.55 3.13
C LYS D 110 -17.48 44.80 3.98
N VAL D 111 -17.85 45.95 3.41
CA VAL D 111 -17.99 47.19 4.16
C VAL D 111 -19.47 47.50 4.37
N ASN D 112 -19.87 47.71 5.62
CA ASN D 112 -21.27 47.95 5.95
C ASN D 112 -21.51 49.29 6.66
N ARG D 113 -22.75 49.78 6.58
CA ARG D 113 -23.15 50.92 7.38
C ARG D 113 -23.76 50.39 8.67
N PHE D 114 -23.40 50.96 9.81
CA PHE D 114 -24.12 50.67 11.05
C PHE D 114 -24.86 51.91 11.49
N ARG D 115 -25.89 51.75 12.30
CA ARG D 115 -26.64 52.88 12.82
C ARG D 115 -27.08 52.67 14.26
N GLU D 116 -27.43 53.76 14.93
CA GLU D 116 -27.90 53.73 16.30
C GLU D 116 -28.92 52.61 16.53
N GLY D 117 -28.72 51.82 17.59
CA GLY D 117 -29.63 50.71 17.88
C GLY D 117 -29.27 49.39 17.23
N ASP D 118 -28.23 49.39 16.40
CA ASP D 118 -27.79 48.17 15.75
C ASP D 118 -27.14 47.21 16.73
N ILE D 119 -27.40 45.92 16.53
CA ILE D 119 -26.57 44.87 17.09
C ILE D 119 -25.69 44.34 15.96
N ILE D 120 -24.38 44.26 16.22
CA ILE D 120 -23.42 43.70 15.27
C ILE D 120 -22.81 42.41 15.80
N ALA D 121 -22.84 41.36 14.99
CA ALA D 121 -22.26 40.08 15.38
C ALA D 121 -20.88 39.92 14.77
N VAL D 122 -19.88 39.74 15.62
CA VAL D 122 -18.51 39.50 15.17
C VAL D 122 -18.09 38.10 15.61
N PRO D 123 -18.01 37.17 14.67
CA PRO D 123 -17.63 35.79 15.01
C PRO D 123 -16.19 35.70 15.51
N THR D 124 -15.89 34.65 16.25
CA THR D 124 -14.55 34.41 16.79
C THR D 124 -13.43 34.59 15.77
N GLY D 125 -12.44 35.38 16.13
CA GLY D 125 -11.22 35.52 15.35
C GLY D 125 -11.35 36.36 14.09
N ILE D 126 -12.53 36.86 13.81
CA ILE D 126 -12.74 37.72 12.65
C ILE D 126 -12.23 39.14 12.92
N VAL D 127 -11.39 39.64 12.03
CA VAL D 127 -10.88 41.00 12.13
C VAL D 127 -12.01 42.01 11.92
N PHE D 128 -12.03 43.04 12.75
CA PHE D 128 -13.12 44.01 12.76
C PHE D 128 -12.59 45.43 12.89
N TRP D 129 -13.25 46.37 12.19
CA TRP D 129 -12.91 47.79 12.28
C TRP D 129 -14.15 48.67 12.11
N MET D 130 -14.16 49.81 12.79
CA MET D 130 -15.24 50.80 12.71
C MET D 130 -14.70 52.17 12.30
N TYR D 131 -15.51 52.91 11.55
CA TYR D 131 -15.12 54.24 11.11
C TYR D 131 -16.25 55.25 11.32
N ASN D 132 -16.02 56.21 12.21
CA ASN D 132 -16.99 57.27 12.44
C ASN D 132 -16.76 58.41 11.47
N ASP D 133 -17.53 58.42 10.39
CA ASP D 133 -17.40 59.44 9.37
C ASP D 133 -18.27 60.67 9.66
N GLN D 134 -18.92 60.68 10.82
CA GLN D 134 -19.85 61.75 11.13
C GLN D 134 -19.36 62.67 12.24
N ASP D 135 -20.23 63.57 12.69
CA ASP D 135 -19.84 64.59 13.65
C ASP D 135 -20.26 64.26 15.08
N THR D 136 -21.15 63.28 15.23
CA THR D 136 -21.54 62.81 16.55
C THR D 136 -20.69 61.60 16.94
N PRO D 137 -20.27 61.53 18.20
CA PRO D 137 -19.43 60.41 18.63
C PRO D 137 -20.19 59.09 18.61
N VAL D 138 -19.49 58.01 18.29
CA VAL D 138 -20.07 56.68 18.32
C VAL D 138 -19.82 56.06 19.67
N ILE D 139 -20.87 55.57 20.30
CA ILE D 139 -20.68 54.76 21.50
C ILE D 139 -21.17 53.34 21.22
N ALA D 140 -20.22 52.40 21.15
CA ALA D 140 -20.50 50.99 20.93
C ALA D 140 -20.17 50.21 22.18
N VAL D 141 -21.11 49.40 22.66
CA VAL D 141 -20.83 48.57 23.83
C VAL D 141 -20.89 47.07 23.45
N SER D 142 -19.77 46.38 23.67
CA SER D 142 -19.63 45.02 23.20
C SER D 142 -19.53 44.00 24.31
N LEU D 143 -20.22 42.89 24.13
CA LEU D 143 -20.09 41.74 24.99
C LEU D 143 -19.15 40.75 24.33
N THR D 144 -18.06 40.42 25.02
CA THR D 144 -17.16 39.39 24.55
C THR D 144 -17.47 38.10 25.27
N ASP D 145 -17.84 37.09 24.50
CA ASP D 145 -18.37 35.85 25.05
C ASP D 145 -17.26 34.82 25.34
N ILE D 146 -16.55 35.06 26.44
CA ILE D 146 -15.49 34.18 26.89
C ILE D 146 -15.89 32.70 27.04
N ARG D 147 -17.14 32.45 27.44
CA ARG D 147 -17.58 31.07 27.72
C ARG D 147 -17.85 30.28 26.44
N SER D 148 -18.00 30.97 25.33
CA SER D 148 -18.26 30.31 24.05
C SER D 148 -17.34 29.11 23.84
N SER D 149 -17.89 28.05 23.29
CA SER D 149 -17.09 26.88 22.97
C SER D 149 -16.08 27.19 21.86
N ASN D 150 -16.29 28.31 21.17
CA ASN D 150 -15.36 28.76 20.13
C ASN D 150 -14.07 29.38 20.68
N ASN D 151 -14.07 29.74 21.97
CA ASN D 151 -12.85 30.21 22.62
C ASN D 151 -12.01 29.04 23.16
N GLN D 152 -10.90 28.75 22.49
CA GLN D 152 -10.06 27.61 22.87
C GLN D 152 -8.89 27.97 23.78
N LEU D 153 -8.82 29.23 24.21
CA LEU D 153 -7.81 29.63 25.17
C LEU D 153 -8.38 29.52 26.59
N ASP D 154 -8.06 30.49 27.44
CA ASP D 154 -8.55 30.49 28.82
C ASP D 154 -9.69 31.48 29.07
N GLN D 155 -9.91 31.82 30.33
CA GLN D 155 -11.03 32.68 30.71
C GLN D 155 -10.78 34.17 30.47
N MET D 156 -9.60 34.52 30.00
CA MET D 156 -9.21 35.92 29.81
C MET D 156 -9.57 36.48 28.44
N PRO D 157 -10.37 37.56 28.41
CA PRO D 157 -10.63 38.21 27.13
C PRO D 157 -9.32 38.71 26.51
N ARG D 158 -9.16 38.51 25.21
CA ARG D 158 -7.96 38.99 24.52
C ARG D 158 -8.33 39.77 23.27
N ARG D 159 -7.56 40.80 22.96
CA ARG D 159 -7.69 41.44 21.66
C ARG D 159 -6.35 41.55 20.97
N PHE D 160 -6.32 41.17 19.70
CA PHE D 160 -5.10 41.19 18.90
C PHE D 160 -5.21 42.32 17.88
N TYR D 161 -4.24 43.22 17.90
CA TYR D 161 -4.26 44.40 17.06
C TYR D 161 -3.26 44.29 15.91
N LEU D 162 -3.73 44.58 14.69
CA LEU D 162 -2.86 44.56 13.51
C LEU D 162 -1.80 45.67 13.53
N ALA D 163 -2.20 46.85 13.99
CA ALA D 163 -1.36 48.04 13.89
C ALA D 163 -1.13 48.73 15.22
N GLY D 164 -0.36 49.81 15.17
CA GLY D 164 -0.17 50.67 16.32
C GLY D 164 0.94 50.23 17.24
N ASN D 165 1.07 50.95 18.34
CA ASN D 165 2.06 50.64 19.35
C ASN D 165 1.46 50.85 20.73
N HIS D 166 0.43 50.08 21.04
CA HIS D 166 -0.32 50.27 22.27
C HIS D 166 -0.79 48.94 22.84
N GLU D 167 -1.00 48.91 24.16
CA GLU D 167 -1.53 47.74 24.81
C GLU D 167 -3.02 47.59 24.51
N GLN D 168 -3.45 46.36 24.26
CA GLN D 168 -4.87 46.08 24.14
C GLN D 168 -5.55 46.22 25.51
N GLU D 169 -6.84 46.55 25.49
CA GLU D 169 -7.59 46.96 26.68
C GLU D 169 -7.61 45.99 27.85
N PHE D 170 -7.47 44.70 27.56
CA PHE D 170 -7.69 43.66 28.57
C PHE D 170 -6.36 43.17 29.16
N LEU D 171 -5.28 43.83 28.77
CA LEU D 171 -3.95 43.43 29.20
C LEU D 171 -3.78 43.52 30.73
N GLN D 172 -4.31 44.58 31.33
CA GLN D 172 -4.11 44.82 32.76
C GLN D 172 -4.73 43.74 33.65
N TYR D 173 -5.59 42.91 33.06
CA TYR D 173 -6.29 41.90 33.84
C TYR D 173 -5.51 40.60 33.89
N GLN D 174 -4.53 40.45 33.01
CA GLN D 174 -3.67 39.27 32.99
C GLN D 174 -2.74 39.30 34.18
N HIS D 175 -2.62 38.16 34.87
CA HIS D 175 -1.75 38.07 36.03
C HIS D 175 -0.41 37.43 35.66
N GLU D 186 9.49 45.02 22.28
CA GLU D 186 9.41 46.32 21.61
C GLU D 186 7.95 46.73 21.33
N GLY D 187 7.60 46.83 20.05
CA GLY D 187 6.25 47.20 19.63
C GLY D 187 5.15 46.35 20.25
N ASN D 188 3.89 46.67 19.94
CA ASN D 188 2.77 46.01 20.60
C ASN D 188 1.74 45.31 19.71
N ASN D 189 1.87 45.43 18.39
CA ASN D 189 0.97 44.75 17.48
C ASN D 189 1.57 43.42 17.03
N ILE D 190 0.79 42.59 16.35
CA ILE D 190 1.28 41.28 15.94
C ILE D 190 2.53 41.36 15.07
N PHE D 191 2.50 42.22 14.05
CA PHE D 191 3.64 42.34 13.14
C PHE D 191 4.95 42.68 13.85
N SER D 192 4.86 43.41 14.95
CA SER D 192 6.06 43.89 15.62
C SER D 192 6.78 42.75 16.35
N GLY D 193 6.12 41.60 16.44
CA GLY D 193 6.70 40.43 17.06
C GLY D 193 7.53 39.60 16.08
N PHE D 194 7.36 39.86 14.79
CA PHE D 194 8.14 39.17 13.77
C PHE D 194 9.41 39.92 13.40
N LYS D 195 10.44 39.17 13.00
CA LYS D 195 11.67 39.76 12.50
C LYS D 195 11.38 40.58 11.25
N ARG D 196 12.08 41.71 11.11
CA ARG D 196 11.87 42.64 10.01
C ARG D 196 12.03 42.02 8.61
N ASP D 197 12.86 40.98 8.50
CA ASP D 197 13.11 40.36 7.20
C ASP D 197 11.98 39.41 6.81
N PHE D 198 11.41 38.73 7.81
CA PHE D 198 10.25 37.88 7.60
C PHE D 198 9.14 38.65 6.90
N LEU D 199 8.87 39.86 7.42
CA LEU D 199 7.86 40.76 6.84
C LEU D 199 8.23 41.28 5.45
N GLU D 200 9.46 41.74 5.29
CA GLU D 200 9.93 42.19 3.97
C GLU D 200 9.71 41.09 2.93
N ASP D 201 10.14 39.88 3.27
CA ASP D 201 9.97 38.75 2.36
C ASP D 201 8.50 38.36 2.22
N ALA D 202 7.77 38.35 3.34
CA ALA D 202 6.37 37.97 3.32
C ALA D 202 5.54 38.93 2.49
N PHE D 203 5.86 40.22 2.58
CA PHE D 203 5.09 41.27 1.92
C PHE D 203 5.71 41.75 0.62
N ASN D 204 6.99 41.44 0.41
CA ASN D 204 7.72 41.93 -0.75
C ASN D 204 7.74 43.46 -0.77
N VAL D 205 8.15 44.04 0.36
CA VAL D 205 8.17 45.50 0.54
C VAL D 205 9.46 45.92 1.24
N ASN D 206 9.75 47.21 1.20
CA ASN D 206 11.02 47.72 1.73
C ASN D 206 11.02 47.86 3.25
N ARG D 207 12.13 48.36 3.78
CA ARG D 207 12.30 48.48 5.22
C ARG D 207 11.36 49.53 5.82
N HIS D 208 11.15 50.62 5.10
CA HIS D 208 10.31 51.69 5.62
C HIS D 208 8.91 51.18 5.89
N ILE D 209 8.31 50.57 4.87
CA ILE D 209 6.97 50.03 4.98
C ILE D 209 6.86 49.01 6.12
N VAL D 210 7.89 48.19 6.32
CA VAL D 210 7.87 47.21 7.40
C VAL D 210 7.98 47.91 8.76
N ASP D 211 8.69 49.02 8.79
CA ASP D 211 8.85 49.79 10.02
C ASP D 211 7.52 50.37 10.46
N ARG D 212 6.72 50.79 9.49
CA ARG D 212 5.38 51.30 9.75
C ARG D 212 4.48 50.17 10.22
N LEU D 213 4.57 49.04 9.54
CA LEU D 213 3.86 47.82 9.91
C LEU D 213 4.01 47.57 11.40
N GLN D 214 5.24 47.57 11.88
CA GLN D 214 5.51 47.26 13.28
C GLN D 214 5.29 48.45 14.23
N GLY D 215 4.79 49.57 13.69
CA GLY D 215 4.46 50.73 14.49
C GLY D 215 5.65 51.29 15.26
N ARG D 216 6.81 51.30 14.62
CA ARG D 216 8.05 51.72 15.27
C ARG D 216 8.11 53.23 15.52
N ASN D 217 7.60 54.00 14.57
CA ASN D 217 7.55 55.45 14.73
C ASN D 217 6.17 55.92 15.17
N GLU D 218 5.59 55.22 16.14
CA GLU D 218 4.30 55.57 16.71
C GLU D 218 4.36 55.47 18.22
N ASP D 219 3.83 56.48 18.90
CA ASP D 219 3.81 56.50 20.35
C ASP D 219 2.60 55.75 20.87
N GLU D 220 2.70 55.26 22.10
CA GLU D 220 1.65 54.47 22.71
C GLU D 220 0.37 55.28 22.91
N GLU D 221 0.47 56.59 22.70
CA GLU D 221 -0.64 57.50 22.90
C GLU D 221 -1.58 57.59 21.72
N LYS D 222 -1.11 57.21 20.53
CA LYS D 222 -1.97 57.29 19.36
C LYS D 222 -3.16 56.37 19.61
N GLY D 223 -2.85 55.09 19.87
CA GLY D 223 -3.83 54.15 20.37
C GLY D 223 -4.67 53.40 19.35
N ALA D 224 -5.68 52.69 19.85
CA ALA D 224 -6.55 51.84 19.05
C ALA D 224 -7.47 52.64 18.15
N ILE D 225 -7.88 53.83 18.61
CA ILE D 225 -8.77 54.68 17.84
C ILE D 225 -8.01 55.91 17.38
N VAL D 226 -7.92 56.06 16.07
CA VAL D 226 -7.06 57.02 15.42
C VAL D 226 -7.89 58.10 14.72
N LYS D 227 -7.39 59.34 14.72
CA LYS D 227 -8.03 60.44 14.01
C LYS D 227 -7.78 60.31 12.52
N VAL D 228 -8.84 60.38 11.73
CA VAL D 228 -8.74 60.26 10.28
C VAL D 228 -8.59 61.64 9.65
N LYS D 229 -7.61 61.80 8.76
CA LYS D 229 -7.30 63.12 8.23
C LYS D 229 -8.12 63.58 7.03
N GLY D 230 -7.99 62.89 5.90
CA GLY D 230 -8.68 63.32 4.70
C GLY D 230 -9.89 62.47 4.38
N GLY D 231 -10.48 61.88 5.42
CA GLY D 231 -11.55 60.92 5.24
C GLY D 231 -11.02 59.59 4.72
N LEU D 232 -11.85 58.56 4.84
CA LEU D 232 -11.53 57.25 4.28
C LEU D 232 -12.49 56.95 3.12
N SER D 233 -11.95 56.80 1.92
CA SER D 233 -12.76 56.51 0.74
C SER D 233 -13.20 55.06 0.71
N ILE D 234 -14.45 54.82 1.11
CA ILE D 234 -15.03 53.50 1.08
C ILE D 234 -16.34 53.53 0.29
N ILE D 235 -16.27 53.27 -1.01
CA ILE D 235 -17.47 53.30 -1.85
C ILE D 235 -18.09 51.92 -1.98
N THR D 316 -17.99 29.20 5.54
CA THR D 316 -19.12 28.79 4.73
C THR D 316 -20.09 29.93 4.47
N VAL D 317 -20.34 30.73 5.50
CA VAL D 317 -21.33 31.80 5.39
C VAL D 317 -20.76 33.19 5.73
N CYS D 318 -19.95 33.71 4.81
CA CYS D 318 -19.49 35.09 4.89
C CYS D 318 -20.39 35.95 4.00
N THR D 319 -21.58 35.42 3.77
CA THR D 319 -22.60 36.10 2.98
C THR D 319 -23.75 36.48 3.91
N ALA D 320 -23.63 36.05 5.16
CA ALA D 320 -24.66 36.29 6.17
C ALA D 320 -24.84 37.77 6.49
N LYS D 321 -25.97 38.09 7.09
CA LYS D 321 -26.23 39.42 7.59
C LYS D 321 -25.55 39.50 8.96
N LEU D 322 -24.74 40.52 9.18
CA LEU D 322 -23.94 40.61 10.39
C LEU D 322 -24.49 41.64 11.36
N ARG D 323 -25.70 42.11 11.11
CA ARG D 323 -26.18 43.34 11.72
C ARG D 323 -27.70 43.42 11.66
N LEU D 324 -28.32 43.90 12.73
CA LEU D 324 -29.77 44.07 12.78
C LEU D 324 -30.15 45.17 13.76
N ASN D 325 -31.03 46.07 13.35
CA ASN D 325 -31.38 47.19 14.22
C ASN D 325 -32.55 46.90 15.13
N ILE D 326 -32.35 47.13 16.43
CA ILE D 326 -33.40 46.98 17.43
C ILE D 326 -33.72 48.31 18.09
N GLY D 327 -33.54 49.39 17.34
CA GLY D 327 -33.92 50.71 17.78
C GLY D 327 -35.42 50.92 17.63
N PRO D 328 -35.86 52.19 17.80
CA PRO D 328 -37.27 52.58 17.81
C PRO D 328 -37.95 52.38 16.45
N SER D 329 -37.17 52.33 15.39
CA SER D 329 -37.75 52.19 14.05
C SER D 329 -37.98 50.72 13.72
N SER D 330 -37.52 49.82 14.58
CA SER D 330 -37.73 48.40 14.34
C SER D 330 -39.09 47.98 14.88
N SER D 331 -39.61 46.86 14.39
CA SER D 331 -40.90 46.39 14.85
C SER D 331 -40.73 45.66 16.18
N PRO D 332 -41.35 46.18 17.23
CA PRO D 332 -41.25 45.64 18.59
C PRO D 332 -41.91 44.27 18.74
N ASP D 333 -41.38 43.45 19.64
CA ASP D 333 -42.00 42.17 20.00
C ASP D 333 -43.14 42.43 20.98
N ILE D 334 -42.95 43.44 21.81
CA ILE D 334 -43.96 43.87 22.76
C ILE D 334 -43.99 45.39 22.75
N TYR D 335 -45.17 45.96 22.53
CA TYR D 335 -45.36 47.38 22.70
C TYR D 335 -46.60 47.61 23.52
N ASN D 336 -46.47 48.38 24.59
CA ASN D 336 -47.60 48.80 25.40
C ASN D 336 -47.45 50.28 25.70
N PRO D 337 -48.30 51.10 25.05
CA PRO D 337 -48.22 52.56 25.03
C PRO D 337 -48.25 53.19 26.43
N GLU D 338 -48.55 52.41 27.45
CA GLU D 338 -48.61 52.90 28.82
C GLU D 338 -47.55 52.28 29.72
N ALA D 339 -46.61 51.54 29.13
CA ALA D 339 -45.60 50.84 29.92
C ALA D 339 -44.22 50.80 29.24
N GLY D 340 -44.18 50.51 27.94
CA GLY D 340 -42.94 50.51 27.19
C GLY D 340 -42.90 49.54 26.01
N ARG D 341 -41.70 49.20 25.57
CA ARG D 341 -41.54 48.23 24.48
C ARG D 341 -40.34 47.31 24.70
N ILE D 342 -40.38 46.15 24.05
CA ILE D 342 -39.28 45.19 24.10
C ILE D 342 -38.93 44.80 22.66
N LYS D 343 -37.64 44.61 22.40
CA LYS D 343 -37.18 44.15 21.10
C LYS D 343 -36.00 43.21 21.29
N THR D 344 -36.20 41.94 20.98
CA THR D 344 -35.10 40.99 21.04
C THR D 344 -34.55 40.70 19.66
N VAL D 345 -33.30 40.26 19.61
CA VAL D 345 -32.71 39.76 18.39
C VAL D 345 -32.16 38.39 18.73
N THR D 346 -32.49 37.42 17.91
CA THR D 346 -32.08 36.04 18.16
C THR D 346 -31.62 35.46 16.84
N SER D 347 -31.22 34.18 16.86
CA SER D 347 -30.82 33.50 15.64
C SER D 347 -32.00 33.33 14.70
N LEU D 348 -33.20 33.58 15.19
CA LEU D 348 -34.37 33.59 14.32
C LEU D 348 -34.41 34.87 13.49
N ASP D 349 -33.83 35.94 14.00
CA ASP D 349 -33.78 37.21 13.27
C ASP D 349 -32.48 37.34 12.51
N LEU D 350 -31.40 36.86 13.11
CA LEU D 350 -30.07 37.04 12.58
C LEU D 350 -29.33 35.71 12.70
N PRO D 351 -29.42 34.89 11.65
CA PRO D 351 -28.95 33.50 11.66
C PRO D 351 -27.51 33.30 12.15
N VAL D 352 -26.62 34.23 11.83
CA VAL D 352 -25.23 34.10 12.22
C VAL D 352 -25.09 33.97 13.75
N LEU D 353 -26.07 34.51 14.48
CA LEU D 353 -26.08 34.42 15.93
C LEU D 353 -26.04 32.99 16.48
N ARG D 354 -26.54 32.03 15.71
CA ARG D 354 -26.52 30.63 16.15
C ARG D 354 -25.10 30.09 16.23
N TRP D 355 -24.21 30.62 15.39
CA TRP D 355 -22.81 30.30 15.48
C TRP D 355 -22.24 30.89 16.76
N LEU D 356 -22.53 32.16 17.02
CA LEU D 356 -22.03 32.85 18.21
C LEU D 356 -22.69 32.37 19.50
N LYS D 357 -23.89 31.81 19.38
CA LYS D 357 -24.72 31.45 20.53
C LYS D 357 -24.91 32.65 21.47
N LEU D 358 -25.30 33.78 20.89
CA LEU D 358 -25.53 35.00 21.66
C LEU D 358 -26.82 35.67 21.20
N SER D 359 -27.40 36.50 22.05
CA SER D 359 -28.56 37.29 21.64
C SER D 359 -28.67 38.56 22.46
N ALA D 360 -29.68 39.36 22.17
CA ALA D 360 -29.84 40.62 22.88
C ALA D 360 -31.29 41.10 22.88
N GLU D 361 -31.64 41.82 23.94
CA GLU D 361 -32.98 42.33 24.13
C GLU D 361 -32.85 43.82 24.44
N HIS D 362 -33.60 44.64 23.72
CA HIS D 362 -33.61 46.07 24.01
C HIS D 362 -34.92 46.46 24.68
N GLY D 363 -34.83 47.05 25.86
CA GLY D 363 -36.00 47.35 26.65
C GLY D 363 -36.15 48.82 26.96
N SER D 364 -37.40 49.23 27.15
CA SER D 364 -37.74 50.61 27.44
C SER D 364 -38.96 50.64 28.36
N LEU D 365 -38.81 51.34 29.48
CA LEU D 365 -39.87 51.42 30.48
C LEU D 365 -40.24 52.88 30.78
N HIS D 366 -41.54 53.15 30.84
CA HIS D 366 -42.03 54.46 31.24
C HIS D 366 -41.97 54.61 32.76
N LYS D 367 -42.14 55.84 33.25
CA LYS D 367 -42.02 56.11 34.67
C LYS D 367 -42.94 55.24 35.49
N ASN D 368 -42.35 54.47 36.41
CA ASN D 368 -43.11 53.62 37.33
C ASN D 368 -43.69 52.37 36.71
N ALA D 369 -43.48 52.19 35.42
CA ALA D 369 -43.77 50.91 34.79
C ALA D 369 -42.70 49.92 35.22
N MET D 370 -43.03 48.63 35.17
CA MET D 370 -42.03 47.60 35.42
C MET D 370 -42.11 46.47 34.42
N PHE D 371 -41.06 45.65 34.36
CA PHE D 371 -41.23 44.33 33.81
C PHE D 371 -41.45 43.34 34.96
N VAL D 372 -42.38 42.42 34.75
CA VAL D 372 -42.75 41.46 35.77
C VAL D 372 -41.57 40.59 36.19
N PRO D 373 -41.63 40.01 37.41
CA PRO D 373 -40.59 39.08 37.87
C PRO D 373 -40.44 37.96 36.84
N HIS D 374 -39.23 37.71 36.39
CA HIS D 374 -39.02 36.62 35.45
C HIS D 374 -37.63 36.07 35.61
N TYR D 375 -37.40 34.88 35.07
CA TYR D 375 -36.06 34.32 35.03
C TYR D 375 -35.72 33.79 33.64
N ASN D 376 -34.43 33.69 33.35
CA ASN D 376 -33.96 33.12 32.10
C ASN D 376 -33.68 31.63 32.24
N LEU D 377 -34.32 30.83 31.41
CA LEU D 377 -34.16 29.38 31.46
C LEU D 377 -32.74 28.92 31.17
N ASN D 378 -32.13 29.54 30.15
CA ASN D 378 -30.96 28.98 29.50
C ASN D 378 -29.89 30.00 29.11
N ALA D 379 -29.70 31.05 29.91
CA ALA D 379 -28.68 32.05 29.60
C ALA D 379 -28.32 32.90 30.80
N ASN D 380 -27.08 33.37 30.82
CA ASN D 380 -26.66 34.44 31.72
C ASN D 380 -27.00 35.77 31.06
N SER D 381 -27.35 36.78 31.86
CA SER D 381 -27.70 38.08 31.32
C SER D 381 -26.79 39.20 31.80
N ILE D 382 -26.40 40.08 30.89
CA ILE D 382 -25.76 41.32 31.26
C ILE D 382 -26.70 42.44 30.87
N ILE D 383 -27.28 43.09 31.86
CA ILE D 383 -28.18 44.20 31.60
C ILE D 383 -27.37 45.49 31.62
N TYR D 384 -27.34 46.18 30.49
CA TYR D 384 -26.63 47.43 30.40
C TYR D 384 -27.62 48.58 30.26
N ALA D 385 -27.66 49.46 31.26
CA ALA D 385 -28.56 50.59 31.25
C ALA D 385 -28.13 51.61 30.19
N LEU D 386 -29.07 51.97 29.31
CA LEU D 386 -28.80 52.96 28.26
C LEU D 386 -29.18 54.38 28.67
N LYS D 387 -30.38 54.52 29.23
CA LYS D 387 -30.93 55.83 29.57
C LYS D 387 -31.72 55.75 30.86
N GLY D 388 -31.60 56.77 31.71
CA GLY D 388 -32.39 56.86 32.91
C GLY D 388 -31.97 55.93 34.03
N ARG D 389 -32.88 55.67 34.95
CA ARG D 389 -32.59 54.90 36.14
C ARG D 389 -33.74 53.94 36.44
N ALA D 390 -33.41 52.75 36.93
CA ALA D 390 -34.44 51.82 37.34
C ALA D 390 -34.05 51.11 38.63
N ARG D 391 -35.06 50.71 39.39
CA ARG D 391 -34.84 49.92 40.59
C ARG D 391 -34.96 48.44 40.23
N LEU D 392 -33.90 47.68 40.45
CA LEU D 392 -33.91 46.28 40.10
C LEU D 392 -33.75 45.41 41.33
N GLN D 393 -34.48 44.31 41.35
CA GLN D 393 -34.30 43.29 42.36
C GLN D 393 -34.00 41.99 41.63
N VAL D 394 -32.97 41.27 42.07
CA VAL D 394 -32.79 39.90 41.60
C VAL D 394 -32.63 38.94 42.77
N VAL D 395 -33.31 37.79 42.69
CA VAL D 395 -33.26 36.81 43.77
C VAL D 395 -32.71 35.47 43.30
N ASN D 396 -32.07 34.76 44.23
CA ASN D 396 -31.36 33.53 43.91
C ASN D 396 -32.19 32.32 44.27
N CYS D 397 -31.54 31.16 44.33
CA CYS D 397 -32.24 29.90 44.58
C CYS D 397 -32.70 29.74 46.03
N ASN D 398 -32.23 30.61 46.92
CA ASN D 398 -32.63 30.56 48.32
C ASN D 398 -33.47 31.75 48.80
N GLY D 399 -34.02 32.50 47.86
CA GLY D 399 -34.96 33.55 48.20
C GLY D 399 -34.31 34.80 48.77
N ASN D 400 -32.99 34.86 48.72
CA ASN D 400 -32.27 36.06 49.16
C ASN D 400 -32.22 37.06 48.03
N THR D 401 -32.26 38.34 48.38
CA THR D 401 -32.17 39.37 47.37
C THR D 401 -30.68 39.69 47.23
N VAL D 402 -30.09 39.24 46.13
CA VAL D 402 -28.66 39.44 45.93
C VAL D 402 -28.38 40.81 45.33
N PHE D 403 -29.41 41.41 44.72
CA PHE D 403 -29.36 42.80 44.34
C PHE D 403 -30.73 43.44 44.53
N ASP D 404 -30.72 44.65 45.06
CA ASP D 404 -31.94 45.37 45.35
C ASP D 404 -31.61 46.85 45.40
N GLY D 405 -31.48 47.47 44.24
CA GLY D 405 -31.06 48.84 44.20
C GLY D 405 -31.22 49.46 42.83
N GLU D 406 -30.48 50.53 42.61
CA GLU D 406 -30.66 51.35 41.42
C GLU D 406 -29.65 51.01 40.33
N LEU D 407 -30.15 50.88 39.11
CA LEU D 407 -29.30 50.68 37.94
C LEU D 407 -29.45 51.89 37.03
N GLU D 408 -28.44 52.75 37.00
CA GLU D 408 -28.48 53.97 36.20
C GLU D 408 -27.73 53.79 34.89
N ALA D 409 -28.02 54.67 33.93
CA ALA D 409 -27.42 54.61 32.60
C ALA D 409 -25.90 54.51 32.66
N GLY D 410 -25.35 53.59 31.87
CA GLY D 410 -23.91 53.47 31.73
C GLY D 410 -23.32 52.36 32.57
N ARG D 411 -24.16 51.74 33.40
CA ARG D 411 -23.69 50.65 34.26
C ARG D 411 -24.27 49.31 33.82
N ALA D 412 -23.66 48.23 34.30
CA ALA D 412 -24.05 46.87 33.91
C ALA D 412 -24.40 46.00 35.12
N LEU D 413 -25.42 45.16 34.96
CA LEU D 413 -25.87 44.28 36.04
C LEU D 413 -25.97 42.85 35.54
N THR D 414 -25.31 41.94 36.23
CA THR D 414 -25.27 40.53 35.90
C THR D 414 -26.50 39.83 36.44
N VAL D 415 -27.24 39.15 35.58
CA VAL D 415 -28.33 38.30 36.04
C VAL D 415 -28.04 36.84 35.68
N PRO D 416 -27.62 36.04 36.67
CA PRO D 416 -27.26 34.65 36.36
C PRO D 416 -28.47 33.87 35.86
N GLN D 417 -28.20 32.80 35.13
CA GLN D 417 -29.25 31.90 34.66
C GLN D 417 -30.13 31.47 35.83
N ASN D 418 -31.44 31.59 35.66
CA ASN D 418 -32.42 31.12 36.64
C ASN D 418 -32.67 32.03 37.84
N TYR D 419 -31.78 32.99 38.09
CA TYR D 419 -32.06 33.99 39.12
C TYR D 419 -33.25 34.82 38.62
N ALA D 420 -34.17 35.16 39.51
CA ALA D 420 -35.35 35.91 39.08
C ALA D 420 -35.08 37.39 39.19
N VAL D 421 -35.70 38.16 38.30
CA VAL D 421 -35.43 39.60 38.26
C VAL D 421 -36.68 40.39 37.92
N ALA D 422 -36.83 41.55 38.55
CA ALA D 422 -37.86 42.51 38.20
C ALA D 422 -37.25 43.90 38.18
N ALA D 423 -37.90 44.81 37.47
CA ALA D 423 -37.39 46.17 37.38
C ALA D 423 -38.54 47.18 37.35
N LYS D 424 -38.32 48.33 37.99
CA LYS D 424 -39.28 49.42 37.91
C LYS D 424 -38.56 50.69 37.51
N SER D 425 -39.01 51.33 36.44
CA SER D 425 -38.38 52.56 35.97
C SER D 425 -38.58 53.71 36.97
N LEU D 426 -37.51 54.44 37.29
CA LEU D 426 -37.60 55.59 38.18
C LEU D 426 -37.51 56.91 37.41
N SER D 427 -37.45 56.80 36.08
CA SER D 427 -37.26 57.96 35.21
C SER D 427 -38.37 58.00 34.18
N ASP D 428 -38.55 59.16 33.55
CA ASP D 428 -39.53 59.30 32.49
C ASP D 428 -39.35 58.17 31.47
N ARG D 429 -38.10 57.79 31.24
CA ARG D 429 -37.77 56.68 30.34
C ARG D 429 -36.54 55.94 30.85
N PHE D 430 -36.69 54.68 31.21
CA PHE D 430 -35.54 53.82 31.45
C PHE D 430 -35.40 52.89 30.29
N SER D 431 -34.19 52.80 29.73
CA SER D 431 -33.96 51.89 28.62
C SER D 431 -32.64 51.15 28.78
N TYR D 432 -32.55 50.00 28.13
CA TYR D 432 -31.43 49.10 28.35
C TYR D 432 -31.31 48.13 27.18
N VAL D 433 -30.14 47.53 27.06
CA VAL D 433 -29.96 46.42 26.19
C VAL D 433 -29.46 45.28 27.09
N ALA D 434 -30.04 44.10 26.95
CA ALA D 434 -29.57 42.95 27.71
C ALA D 434 -28.87 41.98 26.78
N PHE D 435 -27.60 41.74 27.05
CA PHE D 435 -26.89 40.71 26.30
C PHE D 435 -27.12 39.38 26.98
N LYS D 436 -27.47 38.36 26.21
CA LYS D 436 -27.72 37.03 26.78
C LYS D 436 -26.85 35.95 26.13
N THR D 437 -26.37 35.01 26.95
CA THR D 437 -25.45 33.99 26.47
C THR D 437 -26.16 32.78 25.86
N ASN D 438 -27.10 33.04 24.95
CA ASN D 438 -27.75 32.00 24.18
C ASN D 438 -28.45 32.63 22.98
N ASP D 439 -28.33 32.02 21.80
CA ASP D 439 -28.93 32.62 20.60
C ASP D 439 -30.46 32.49 20.60
N ARG D 440 -30.97 31.66 21.51
CA ARG D 440 -32.40 31.51 21.71
C ARG D 440 -32.69 31.55 23.20
N ALA D 441 -32.41 32.68 23.84
CA ALA D 441 -32.68 32.81 25.26
C ALA D 441 -34.18 32.81 25.51
N GLY D 442 -34.65 31.81 26.25
CA GLY D 442 -36.04 31.78 26.69
C GLY D 442 -36.19 32.39 28.07
N ILE D 443 -37.27 33.15 28.27
CA ILE D 443 -37.59 33.67 29.59
C ILE D 443 -38.84 33.00 30.16
N ALA D 444 -38.84 32.80 31.47
CA ALA D 444 -40.02 32.31 32.16
C ALA D 444 -40.62 33.46 32.97
N ARG D 445 -41.87 33.81 32.66
CA ARG D 445 -42.53 34.90 33.36
C ARG D 445 -43.22 34.40 34.63
N LEU D 446 -43.03 35.13 35.72
CA LEU D 446 -43.59 34.73 37.01
C LEU D 446 -44.92 35.43 37.23
N ALA D 447 -45.16 36.47 36.44
CA ALA D 447 -46.41 37.19 36.49
C ALA D 447 -46.77 37.69 35.10
N GLY D 448 -48.02 38.12 34.94
CA GLY D 448 -48.53 38.51 33.63
C GLY D 448 -49.28 37.36 32.97
N THR D 449 -49.74 37.60 31.74
CA THR D 449 -50.62 36.68 31.03
C THR D 449 -50.04 35.30 30.68
N SER D 450 -48.77 35.25 30.29
CA SER D 450 -48.13 34.00 29.92
C SER D 450 -47.35 33.40 31.08
N SER D 451 -47.64 33.83 32.31
CA SER D 451 -46.81 33.49 33.45
C SER D 451 -46.86 32.01 33.82
N VAL D 452 -45.83 31.56 34.55
CA VAL D 452 -45.79 30.21 35.08
C VAL D 452 -47.06 29.87 35.84
N ILE D 453 -47.51 30.82 36.66
CA ILE D 453 -48.68 30.62 37.49
C ILE D 453 -49.95 30.36 36.65
N ASN D 454 -50.11 31.11 35.56
CA ASN D 454 -51.24 30.89 34.67
C ASN D 454 -51.23 29.50 34.03
N ASN D 455 -50.05 28.93 33.86
CA ASN D 455 -49.94 27.65 33.18
C ASN D 455 -49.96 26.44 34.13
N LEU D 456 -50.11 26.72 35.42
CA LEU D 456 -50.34 25.67 36.40
C LEU D 456 -51.85 25.45 36.55
N PRO D 457 -52.27 24.20 36.82
CA PRO D 457 -53.70 23.95 37.03
C PRO D 457 -54.16 24.73 38.25
N LEU D 458 -55.39 25.21 38.24
CA LEU D 458 -55.91 26.01 39.33
C LEU D 458 -55.64 25.39 40.69
N ASP D 459 -56.01 24.12 40.85
CA ASP D 459 -55.87 23.44 42.14
C ASP D 459 -54.44 23.28 42.66
N VAL D 460 -53.47 23.11 41.76
CA VAL D 460 -52.09 23.04 42.24
C VAL D 460 -51.57 24.43 42.59
N VAL D 461 -52.11 25.45 41.95
CA VAL D 461 -51.79 26.81 42.36
C VAL D 461 -52.29 27.03 43.78
N ALA D 462 -53.57 26.72 44.01
CA ALA D 462 -54.16 26.89 45.33
C ALA D 462 -53.42 26.11 46.43
N ALA D 463 -53.10 24.86 46.15
CA ALA D 463 -52.39 24.03 47.13
C ALA D 463 -50.96 24.52 47.33
N THR D 464 -50.32 24.95 46.26
CA THR D 464 -48.93 25.38 46.32
C THR D 464 -48.72 26.57 47.26
N PHE D 465 -49.52 27.62 47.08
CA PHE D 465 -49.34 28.82 47.88
C PHE D 465 -50.28 28.89 49.08
N ASN D 466 -51.08 27.84 49.26
CA ASN D 466 -52.11 27.82 50.30
C ASN D 466 -53.10 28.97 50.15
N LEU D 467 -53.65 29.10 48.95
CA LEU D 467 -54.67 30.07 48.68
C LEU D 467 -55.96 29.32 48.51
N GLN D 468 -57.09 30.01 48.65
CA GLN D 468 -58.37 29.42 48.31
C GLN D 468 -58.54 29.49 46.80
N ARG D 469 -59.26 28.52 46.23
CA ARG D 469 -59.50 28.52 44.79
C ARG D 469 -59.70 29.93 44.20
N ASN D 470 -60.53 30.74 44.86
CA ASN D 470 -60.87 32.06 44.30
C ASN D 470 -59.74 33.07 44.39
N GLU D 471 -58.94 32.98 45.45
CA GLU D 471 -57.74 33.81 45.54
C GLU D 471 -56.76 33.43 44.44
N ALA D 472 -56.68 32.14 44.13
CA ALA D 472 -55.83 31.64 43.05
C ALA D 472 -56.30 32.18 41.68
N ARG D 473 -57.62 32.26 41.51
CA ARG D 473 -58.18 32.79 40.27
C ARG D 473 -57.72 34.21 40.05
N GLN D 474 -57.71 35.00 41.12
CA GLN D 474 -57.24 36.38 41.04
C GLN D 474 -55.74 36.44 40.73
N LEU D 475 -54.98 35.51 41.29
CA LEU D 475 -53.55 35.45 41.06
C LEU D 475 -53.26 35.29 39.58
N LYS D 476 -54.15 34.58 38.88
CA LYS D 476 -54.00 34.36 37.44
C LYS D 476 -54.51 35.52 36.61
N SER D 477 -55.65 36.09 37.00
CA SER D 477 -56.39 36.96 36.10
C SER D 477 -56.12 38.46 36.23
N ASN D 478 -55.74 38.92 37.42
CA ASN D 478 -55.78 40.35 37.71
C ASN D 478 -54.79 41.23 36.95
N ASN D 479 -53.70 40.63 36.47
CA ASN D 479 -52.79 41.35 35.57
C ASN D 479 -53.00 40.91 34.13
N PRO D 480 -53.50 41.80 33.28
CA PRO D 480 -53.91 41.57 31.89
C PRO D 480 -52.75 41.62 30.90
N PHE D 481 -51.58 42.04 31.36
CA PHE D 481 -50.49 42.34 30.43
C PHE D 481 -49.43 41.25 30.40
N LYS D 482 -48.80 41.09 29.25
CA LYS D 482 -47.82 40.04 29.08
C LYS D 482 -46.58 40.25 29.95
N PHE D 483 -45.79 41.27 29.64
CA PHE D 483 -44.47 41.42 30.27
C PHE D 483 -44.33 42.77 30.99
N LEU D 484 -44.88 43.81 30.37
CA LEU D 484 -44.80 45.15 30.88
C LEU D 484 -46.04 45.47 31.69
N VAL D 485 -45.84 46.11 32.84
CA VAL D 485 -46.97 46.50 33.66
C VAL D 485 -46.99 48.01 33.86
N PRO D 486 -48.03 48.67 33.33
CA PRO D 486 -48.19 50.12 33.40
C PRO D 486 -48.09 50.60 34.84
N ALA D 487 -47.77 51.88 35.05
CA ALA D 487 -47.72 52.42 36.41
C ALA D 487 -49.08 52.31 37.08
N ARG D 488 -49.07 51.85 38.33
CA ARG D 488 -50.30 51.62 39.09
C ARG D 488 -51.12 52.90 39.21
N GLU D 489 -52.43 52.74 39.39
CA GLU D 489 -53.35 53.87 39.45
C GLU D 489 -53.07 54.88 38.33
N GLN E 7 -8.36 30.82 35.85
CA GLN E 7 -7.54 29.87 35.10
C GLN E 7 -6.90 30.52 33.89
N ASN E 8 -5.58 30.67 33.93
CA ASN E 8 -4.85 31.32 32.85
C ASN E 8 -3.85 30.39 32.14
N GLU E 9 -4.35 29.19 31.85
CA GLU E 9 -3.59 28.15 31.14
C GLU E 9 -2.90 28.69 29.89
N CYS E 10 -3.48 29.73 29.28
CA CYS E 10 -3.00 30.21 27.98
C CYS E 10 -2.35 31.59 27.99
N GLN E 11 -1.96 32.08 29.16
CA GLN E 11 -1.10 33.26 29.20
C GLN E 11 0.34 32.79 29.13
N LEU E 12 0.75 32.41 27.92
CA LEU E 12 2.08 31.89 27.69
C LEU E 12 2.90 33.02 27.13
N GLU E 13 4.04 33.29 27.76
CA GLU E 13 4.96 34.32 27.28
C GLU E 13 6.21 33.65 26.75
N ARG E 14 6.25 32.32 26.85
CA ARG E 14 7.38 31.55 26.36
C ARG E 14 6.92 30.20 25.77
N LEU E 15 7.45 29.84 24.61
CA LEU E 15 7.15 28.55 24.00
C LEU E 15 8.45 27.83 23.64
N ASP E 16 8.41 26.51 23.60
CA ASP E 16 9.61 25.72 23.30
C ASP E 16 9.35 24.72 22.20
N ALA E 17 10.38 24.36 21.46
CA ALA E 17 10.29 23.18 20.62
C ALA E 17 10.47 22.00 21.54
N LEU E 18 9.38 21.29 21.82
CA LEU E 18 9.38 20.23 22.81
C LEU E 18 9.73 18.85 22.26
N GLU E 19 10.53 18.10 23.00
CA GLU E 19 10.78 16.69 22.72
C GLU E 19 9.94 15.83 23.65
N PRO E 20 9.77 14.54 23.30
CA PRO E 20 9.12 13.64 24.26
C PRO E 20 9.93 13.58 25.55
N ASP E 21 9.28 13.52 26.71
CA ASP E 21 10.03 13.39 27.96
C ASP E 21 10.06 11.96 28.50
N ASN E 22 9.43 11.04 27.78
CA ASN E 22 9.50 9.64 28.17
C ASN E 22 9.44 8.61 27.05
N ARG E 23 10.01 7.44 27.35
CA ARG E 23 10.14 6.35 26.40
C ARG E 23 9.73 5.05 27.09
N ILE E 24 8.84 4.29 26.46
CA ILE E 24 8.51 2.97 26.95
C ILE E 24 8.81 1.99 25.83
N GLU E 25 9.78 1.12 26.07
CA GLU E 25 10.16 0.13 25.08
C GLU E 25 9.27 -1.09 25.23
N SER E 26 8.88 -1.66 24.10
CA SER E 26 8.12 -2.91 24.12
C SER E 26 8.76 -3.90 23.15
N GLU E 27 8.32 -5.15 23.24
CA GLU E 27 8.88 -6.21 22.42
C GLU E 27 9.11 -5.77 20.97
N GLY E 28 8.06 -5.25 20.35
CA GLY E 28 8.15 -4.95 18.92
C GLY E 28 8.10 -3.49 18.52
N GLY E 29 8.45 -2.57 19.43
CA GLY E 29 8.36 -1.17 19.12
C GLY E 29 8.60 -0.21 20.28
N LEU E 30 8.12 1.02 20.12
CA LEU E 30 8.41 2.07 21.07
C LEU E 30 7.24 3.08 21.21
N ILE E 31 6.99 3.52 22.44
CA ILE E 31 6.01 4.58 22.68
C ILE E 31 6.65 5.77 23.39
N GLU E 32 6.72 6.90 22.72
CA GLU E 32 7.25 8.12 23.34
C GLU E 32 6.12 9.11 23.63
N THR E 33 6.11 9.64 24.84
CA THR E 33 5.05 10.55 25.24
C THR E 33 5.58 11.96 25.50
N TRP E 34 4.79 12.94 25.06
CA TRP E 34 4.99 14.32 25.45
C TRP E 34 4.20 14.57 26.74
N ASN E 35 4.84 15.27 27.67
CA ASN E 35 4.23 15.53 28.97
C ASN E 35 2.93 16.33 28.89
N PRO E 36 1.80 15.67 29.19
CA PRO E 36 0.49 16.32 29.06
C PRO E 36 0.36 17.49 30.04
N ASN E 37 1.18 17.49 31.09
CA ASN E 37 1.10 18.52 32.12
C ASN E 37 1.90 19.77 31.79
N ASN E 38 2.79 19.69 30.81
CA ASN E 38 3.50 20.87 30.36
C ASN E 38 2.45 21.94 30.05
N LYS E 39 2.73 23.19 30.44
CA LYS E 39 1.73 24.24 30.33
C LYS E 39 1.29 24.49 28.89
N GLN E 40 2.21 24.35 27.95
CA GLN E 40 1.88 24.50 26.54
C GLN E 40 0.80 23.51 26.10
N PHE E 41 0.92 22.26 26.52
CA PHE E 41 -0.06 21.25 26.17
C PHE E 41 -1.37 21.45 26.92
N ARG E 42 -1.28 21.94 28.16
CA ARG E 42 -2.46 22.31 28.94
C ARG E 42 -3.30 23.37 28.22
N CYS E 43 -2.65 24.47 27.83
CA CYS E 43 -3.32 25.51 27.05
C CYS E 43 -4.00 24.93 25.83
N ALA E 44 -3.30 24.06 25.09
CA ALA E 44 -3.84 23.49 23.86
C ALA E 44 -4.95 22.47 24.11
N GLY E 45 -4.92 21.86 25.29
CA GLY E 45 -5.91 20.87 25.69
C GLY E 45 -5.76 19.51 25.04
N VAL E 46 -4.51 19.11 24.80
CA VAL E 46 -4.23 17.88 24.06
C VAL E 46 -3.03 17.13 24.65
N ALA E 47 -2.80 15.93 24.17
CA ALA E 47 -1.63 15.16 24.55
C ALA E 47 -1.00 14.58 23.29
N LEU E 48 0.33 14.52 23.26
CA LEU E 48 1.06 14.07 22.07
C LEU E 48 1.89 12.83 22.39
N SER E 49 1.88 11.86 21.49
CA SER E 49 2.74 10.70 21.63
C SER E 49 3.14 10.16 20.26
N ARG E 50 4.27 9.45 20.24
CA ARG E 50 4.77 8.87 19.01
C ARG E 50 4.97 7.37 19.20
N ALA E 51 4.45 6.60 18.25
CA ALA E 51 4.55 5.15 18.31
C ALA E 51 5.37 4.64 17.14
N THR E 52 6.32 3.76 17.45
CA THR E 52 7.09 3.08 16.41
C THR E 52 6.77 1.60 16.45
N LEU E 53 6.34 1.06 15.30
CA LEU E 53 6.09 -0.38 15.17
C LEU E 53 7.09 -1.00 14.23
N GLN E 54 7.93 -1.87 14.76
CA GLN E 54 8.94 -2.56 13.96
C GLN E 54 8.29 -3.53 12.97
N ARG E 55 9.12 -4.19 12.17
CA ARG E 55 8.66 -5.21 11.21
C ARG E 55 7.77 -6.23 11.89
N ASN E 56 6.58 -6.44 11.33
CA ASN E 56 5.61 -7.41 11.88
C ASN E 56 5.26 -7.18 13.34
N ALA E 57 5.18 -5.92 13.74
CA ALA E 57 4.80 -5.57 15.09
C ALA E 57 3.34 -5.16 15.16
N LEU E 58 2.68 -5.53 16.26
CA LEU E 58 1.25 -5.31 16.42
C LEU E 58 1.03 -4.34 17.56
N ARG E 59 0.50 -3.19 17.22
CA ARG E 59 0.00 -2.24 18.21
C ARG E 59 -1.29 -2.81 18.79
N ARG E 60 -1.17 -3.59 19.87
CA ARG E 60 -2.30 -4.26 20.50
C ARG E 60 -3.50 -3.34 20.80
N PRO E 61 -4.71 -3.90 20.71
CA PRO E 61 -5.97 -3.11 20.79
C PRO E 61 -6.09 -2.25 22.05
N TYR E 62 -6.44 -0.99 21.87
CA TYR E 62 -6.70 -0.11 23.00
C TYR E 62 -7.77 0.90 22.62
N TYR E 63 -8.34 1.55 23.63
CA TYR E 63 -9.30 2.64 23.42
C TYR E 63 -9.00 3.74 24.41
N SER E 64 -9.57 4.92 24.17
CA SER E 64 -9.29 6.06 25.01
C SER E 64 -10.53 6.91 25.13
N ASN E 65 -10.61 7.65 26.23
CA ASN E 65 -11.77 8.48 26.53
C ASN E 65 -11.78 9.85 25.87
N ALA E 66 -11.16 9.97 24.70
CA ALA E 66 -11.11 11.24 23.97
C ALA E 66 -10.74 10.96 22.53
N PRO E 67 -11.14 11.85 21.62
CA PRO E 67 -10.85 11.61 20.20
C PRO E 67 -9.35 11.51 19.98
N GLN E 68 -8.94 10.79 18.95
CA GLN E 68 -7.54 10.71 18.58
C GLN E 68 -7.40 11.07 17.12
N GLU E 69 -6.36 11.83 16.81
CA GLU E 69 -5.98 12.05 15.42
C GLU E 69 -4.57 11.49 15.26
N ILE E 70 -4.40 10.58 14.30
CA ILE E 70 -3.14 9.88 14.14
C ILE E 70 -2.56 10.11 12.74
N PHE E 71 -1.33 10.59 12.68
CA PHE E 71 -0.64 10.81 11.41
C PHE E 71 0.46 9.78 11.22
N ILE E 72 0.48 9.15 10.05
CA ILE E 72 1.53 8.18 9.73
C ILE E 72 2.73 8.90 9.13
N GLN E 73 3.75 9.09 9.96
CA GLN E 73 4.94 9.84 9.57
C GLN E 73 5.79 8.97 8.67
N GLN E 74 5.74 7.67 8.92
CA GLN E 74 6.57 6.72 8.23
C GLN E 74 5.93 5.34 8.27
N GLY E 75 5.99 4.63 7.15
CA GLY E 75 5.60 3.24 7.12
C GLY E 75 4.24 3.06 6.50
N ASN E 76 3.86 1.79 6.36
CA ASN E 76 2.55 1.43 5.84
C ASN E 76 2.11 0.18 6.57
N GLY E 77 0.81 -0.14 6.52
CA GLY E 77 0.33 -1.33 7.20
C GLY E 77 -1.17 -1.43 7.32
N TYR E 78 -1.62 -2.20 8.31
CA TYR E 78 -3.05 -2.43 8.52
C TYR E 78 -3.51 -1.86 9.83
N PHE E 79 -4.73 -1.33 9.84
CA PHE E 79 -5.36 -0.99 11.10
C PHE E 79 -6.81 -1.43 11.09
N GLY E 80 -7.38 -1.58 12.28
CA GLY E 80 -8.78 -1.92 12.42
C GLY E 80 -9.40 -1.14 13.56
N MET E 81 -10.67 -0.78 13.42
CA MET E 81 -11.40 -0.13 14.49
C MET E 81 -12.66 -0.90 14.82
N VAL E 82 -13.04 -0.91 16.09
CA VAL E 82 -14.22 -1.66 16.51
C VAL E 82 -15.36 -0.76 16.93
N PHE E 83 -16.31 -0.58 16.02
CA PHE E 83 -17.53 0.17 16.31
C PHE E 83 -18.61 -0.77 16.80
N PRO E 84 -19.05 -0.57 18.05
CA PRO E 84 -20.14 -1.35 18.63
C PRO E 84 -21.39 -1.31 17.75
N GLY E 85 -21.80 -2.48 17.26
CA GLY E 85 -23.03 -2.60 16.50
C GLY E 85 -22.93 -2.37 15.01
N CYS E 86 -21.85 -2.81 14.38
CA CYS E 86 -21.71 -2.66 12.94
C CYS E 86 -21.62 -3.97 12.18
N PRO E 87 -22.25 -4.02 11.00
CA PRO E 87 -22.13 -5.10 9.99
C PRO E 87 -20.68 -5.51 9.70
N GLU E 88 -20.43 -6.82 9.71
CA GLU E 88 -19.08 -7.37 9.55
C GLU E 88 -18.71 -7.71 8.10
N THR E 89 -17.48 -8.17 7.91
CA THR E 89 -16.91 -8.38 6.58
C THR E 89 -16.22 -9.75 6.48
N PHE E 90 -16.00 -10.22 5.25
CA PHE E 90 -15.29 -11.48 5.00
C PHE E 90 -15.90 -12.66 5.77
N ARG E 103 -8.44 -22.47 6.02
CA ARG E 103 -9.12 -22.95 7.21
C ARG E 103 -10.52 -22.34 7.33
N TYR E 104 -11.09 -22.41 8.52
CA TYR E 104 -12.41 -21.87 8.77
C TYR E 104 -12.44 -20.36 8.54
N ARG E 105 -13.37 -19.92 7.68
CA ARG E 105 -13.60 -18.49 7.48
C ARG E 105 -13.83 -17.80 8.82
N ASP E 106 -13.41 -16.55 8.90
CA ASP E 106 -13.53 -15.79 10.13
C ASP E 106 -14.24 -14.48 9.85
N ARG E 107 -15.18 -14.11 10.70
CA ARG E 107 -15.92 -12.86 10.55
C ARG E 107 -15.36 -11.78 11.47
N HIS E 108 -15.26 -10.57 10.94
CA HIS E 108 -14.66 -9.46 11.67
C HIS E 108 -15.00 -8.14 11.00
N GLN E 109 -14.79 -7.04 11.72
CA GLN E 109 -14.99 -5.71 11.14
C GLN E 109 -13.83 -5.31 10.23
N LYS E 110 -14.07 -4.34 9.35
CA LYS E 110 -13.14 -4.04 8.27
C LYS E 110 -11.70 -3.77 8.72
N VAL E 111 -10.75 -4.44 8.08
CA VAL E 111 -9.36 -4.07 8.23
C VAL E 111 -8.95 -3.18 7.06
N ASN E 112 -8.46 -1.98 7.39
CA ASN E 112 -8.07 -1.00 6.39
C ASN E 112 -6.56 -0.92 6.25
N ARG E 113 -6.11 -0.62 5.04
CA ARG E 113 -4.72 -0.25 4.85
C ARG E 113 -4.51 1.20 5.24
N PHE E 114 -3.42 1.48 5.95
CA PHE E 114 -2.96 2.86 6.14
C PHE E 114 -1.66 3.10 5.38
N ARG E 115 -1.50 4.31 4.84
CA ARG E 115 -0.30 4.64 4.07
C ARG E 115 0.44 5.79 4.71
N GLU E 116 1.71 5.91 4.35
CA GLU E 116 2.56 6.98 4.80
C GLU E 116 1.95 8.34 4.40
N GLY E 117 1.75 9.22 5.37
CA GLY E 117 1.06 10.47 5.11
C GLY E 117 -0.46 10.42 5.36
N ASP E 118 -0.92 9.38 6.05
CA ASP E 118 -2.33 9.26 6.40
C ASP E 118 -2.69 9.96 7.69
N ILE E 119 -3.90 10.52 7.71
CA ILE E 119 -4.54 10.93 8.94
C ILE E 119 -5.58 9.86 9.22
N ILE E 120 -5.57 9.34 10.44
CA ILE E 120 -6.56 8.35 10.87
C ILE E 120 -7.38 8.91 12.02
N ALA E 121 -8.69 8.98 11.84
CA ALA E 121 -9.57 9.53 12.88
C ALA E 121 -10.09 8.43 13.81
N VAL E 122 -9.72 8.48 15.08
CA VAL E 122 -10.20 7.48 16.03
C VAL E 122 -11.17 8.05 17.05
N PRO E 123 -12.48 7.88 16.83
CA PRO E 123 -13.51 8.45 17.72
C PRO E 123 -13.37 7.99 19.17
N THR E 124 -14.01 8.70 20.10
CA THR E 124 -13.88 8.43 21.53
C THR E 124 -14.38 7.04 21.93
N GLY E 125 -13.53 6.28 22.61
CA GLY E 125 -13.89 4.97 23.12
C GLY E 125 -13.91 3.84 22.11
N ILE E 126 -13.49 4.12 20.88
CA ILE E 126 -13.40 3.07 19.88
C ILE E 126 -12.08 2.31 20.02
N VAL E 127 -12.17 0.98 20.04
CA VAL E 127 -10.96 0.17 20.10
C VAL E 127 -10.21 0.29 18.79
N PHE E 128 -8.91 0.45 18.89
CA PHE E 128 -8.08 0.65 17.71
C PHE E 128 -6.84 -0.23 17.83
N TRP E 129 -6.45 -0.84 16.72
CA TRP E 129 -5.18 -1.57 16.65
C TRP E 129 -4.47 -1.27 15.33
N MET E 130 -3.16 -1.42 15.33
CA MET E 130 -2.35 -1.20 14.13
C MET E 130 -1.38 -2.36 13.97
N TYR E 131 -1.00 -2.64 12.74
CA TYR E 131 -0.03 -3.70 12.48
C TYR E 131 0.89 -3.34 11.34
N ASN E 132 2.19 -3.57 11.53
CA ASN E 132 3.14 -3.32 10.46
C ASN E 132 3.49 -4.60 9.71
N ASP E 133 2.96 -4.73 8.48
CA ASP E 133 3.12 -5.96 7.72
C ASP E 133 4.34 -5.89 6.80
N GLN E 134 5.13 -4.83 6.95
CA GLN E 134 6.28 -4.61 6.10
C GLN E 134 7.56 -4.47 6.89
N ASP E 135 8.58 -3.89 6.26
CA ASP E 135 9.93 -3.89 6.84
C ASP E 135 10.26 -2.57 7.51
N THR E 136 10.07 -1.49 6.79
CA THR E 136 10.34 -0.17 7.33
C THR E 136 9.47 0.02 8.57
N PRO E 137 10.10 0.33 9.71
CA PRO E 137 9.33 0.56 10.94
C PRO E 137 8.26 1.62 10.72
N VAL E 138 7.07 1.38 11.27
CA VAL E 138 5.99 2.35 11.18
C VAL E 138 6.13 3.37 12.30
N ILE E 139 5.96 4.65 11.97
CA ILE E 139 6.00 5.70 12.97
C ILE E 139 4.69 6.46 12.94
N ALA E 140 3.97 6.45 14.04
CA ALA E 140 2.65 7.07 14.10
C ALA E 140 2.60 8.10 15.23
N VAL E 141 2.33 9.35 14.90
CA VAL E 141 2.20 10.34 15.96
C VAL E 141 0.74 10.69 16.18
N SER E 142 0.31 10.64 17.44
CA SER E 142 -1.10 10.78 17.71
C SER E 142 -1.41 11.93 18.66
N LEU E 143 -2.40 12.71 18.26
CA LEU E 143 -2.88 13.80 19.09
C LEU E 143 -4.16 13.36 19.77
N THR E 144 -4.15 13.38 21.09
CA THR E 144 -5.32 13.02 21.88
C THR E 144 -6.02 14.27 22.40
N ASP E 145 -7.26 14.47 21.94
CA ASP E 145 -7.99 15.70 22.17
C ASP E 145 -8.71 15.69 23.52
N ILE E 146 -7.94 15.83 24.59
CA ILE E 146 -8.47 15.82 25.94
C ILE E 146 -9.60 16.81 26.15
N ARG E 147 -9.47 18.01 25.62
CA ARG E 147 -10.49 19.04 25.79
C ARG E 147 -11.83 18.66 25.17
N SER E 148 -11.82 17.71 24.25
CA SER E 148 -13.06 17.32 23.58
C SER E 148 -14.22 17.21 24.56
N SER E 149 -15.40 17.64 24.12
CA SER E 149 -16.59 17.53 24.94
C SER E 149 -17.08 16.08 25.04
N ASN E 150 -16.56 15.20 24.19
CA ASN E 150 -16.83 13.76 24.30
C ASN E 150 -16.08 13.13 25.48
N ASN E 151 -15.06 13.82 25.96
CA ASN E 151 -14.31 13.38 27.12
C ASN E 151 -15.01 13.82 28.39
N GLN E 152 -15.67 12.88 29.07
CA GLN E 152 -16.42 13.21 30.27
C GLN E 152 -15.73 12.76 31.53
N LEU E 153 -14.45 12.45 31.42
CA LEU E 153 -13.61 12.22 32.59
C LEU E 153 -12.91 13.53 32.96
N ASP E 154 -11.65 13.48 33.34
CA ASP E 154 -10.93 14.71 33.67
C ASP E 154 -9.98 15.13 32.55
N GLN E 155 -8.90 15.83 32.89
CA GLN E 155 -7.98 16.33 31.86
C GLN E 155 -6.76 15.46 31.62
N MET E 156 -6.62 14.37 32.37
CA MET E 156 -5.56 13.41 32.11
C MET E 156 -5.91 12.48 30.95
N PRO E 157 -5.03 12.41 29.95
CA PRO E 157 -5.28 11.43 28.88
C PRO E 157 -5.20 10.03 29.45
N ARG E 158 -6.09 9.15 29.01
CA ARG E 158 -6.09 7.77 29.49
C ARG E 158 -6.15 6.78 28.34
N ARG E 159 -5.41 5.69 28.47
CA ARG E 159 -5.53 4.62 27.49
C ARG E 159 -5.88 3.31 28.18
N PHE E 160 -6.87 2.63 27.62
CA PHE E 160 -7.38 1.39 28.17
C PHE E 160 -6.95 0.24 27.26
N TYR E 161 -6.20 -0.70 27.83
CA TYR E 161 -5.65 -1.82 27.06
C TYR E 161 -6.40 -3.13 27.29
N LEU E 162 -6.81 -3.78 26.20
CA LEU E 162 -7.47 -5.06 26.31
C LEU E 162 -6.52 -6.14 26.82
N ALA E 163 -5.26 -6.04 26.43
CA ALA E 163 -4.31 -7.12 26.72
C ALA E 163 -3.01 -6.63 27.35
N GLY E 164 -2.08 -7.57 27.54
CA GLY E 164 -0.78 -7.27 28.08
C GLY E 164 -0.72 -7.26 29.60
N ASN E 165 0.42 -6.85 30.12
CA ASN E 165 0.61 -6.69 31.54
C ASN E 165 1.56 -5.54 31.77
N HIS E 166 1.21 -4.39 31.20
CA HIS E 166 2.05 -3.21 31.25
C HIS E 166 1.19 -1.99 31.55
N GLU E 167 1.80 -0.98 32.17
CA GLU E 167 1.12 0.29 32.39
C GLU E 167 0.86 1.03 31.08
N GLN E 168 -0.24 1.78 31.05
CA GLN E 168 -0.50 2.65 29.92
C GLN E 168 0.46 3.83 29.97
N GLU E 169 0.83 4.35 28.81
CA GLU E 169 1.88 5.37 28.67
C GLU E 169 1.65 6.65 29.47
N PHE E 170 0.40 6.92 29.83
CA PHE E 170 0.06 8.20 30.42
C PHE E 170 -0.09 8.15 31.93
N LEU E 171 -0.08 6.94 32.48
CA LEU E 171 -0.21 6.76 33.93
C LEU E 171 0.89 7.53 34.67
N GLN E 172 2.09 7.52 34.11
CA GLN E 172 3.26 8.14 34.73
C GLN E 172 3.12 9.64 34.92
N TYR E 173 1.99 10.20 34.51
CA TYR E 173 1.79 11.64 34.60
C TYR E 173 0.72 12.02 35.62
N GLN E 174 -0.02 11.02 36.08
CA GLN E 174 -0.97 11.23 37.16
C GLN E 174 -0.20 11.35 38.47
N HIS E 175 -0.89 11.75 39.53
CA HIS E 175 -0.27 11.74 40.84
C HIS E 175 -0.98 10.76 41.76
N GLN E 176 -0.40 9.58 41.94
CA GLN E 176 -0.97 8.55 42.78
C GLN E 176 -1.18 9.05 44.21
N GLY E 187 -2.06 -7.67 36.88
CA GLY E 187 -2.18 -7.23 35.50
C GLY E 187 -2.53 -5.75 35.36
N ASN E 188 -2.62 -5.29 34.12
CA ASN E 188 -2.95 -3.89 33.85
C ASN E 188 -3.93 -3.74 32.69
N ASN E 189 -4.41 -4.85 32.14
CA ASN E 189 -5.45 -4.75 31.14
C ASN E 189 -6.82 -4.77 31.80
N ILE E 190 -7.87 -4.48 31.04
CA ILE E 190 -9.19 -4.35 31.62
C ILE E 190 -9.71 -5.67 32.16
N PHE E 191 -9.43 -6.75 31.43
CA PHE E 191 -9.86 -8.08 31.84
C PHE E 191 -9.25 -8.49 33.18
N SER E 192 -8.01 -8.04 33.41
CA SER E 192 -7.26 -8.41 34.61
C SER E 192 -7.91 -7.90 35.89
N GLY E 193 -8.81 -6.93 35.76
CA GLY E 193 -9.51 -6.37 36.91
C GLY E 193 -10.69 -7.22 37.35
N PHE E 194 -11.14 -8.12 36.48
CA PHE E 194 -12.27 -8.98 36.80
C PHE E 194 -11.86 -10.31 37.43
N LYS E 195 -12.75 -10.86 38.25
CA LYS E 195 -12.58 -12.17 38.86
C LYS E 195 -12.54 -13.19 37.74
N ARG E 196 -11.67 -14.19 37.85
CA ARG E 196 -11.56 -15.23 36.83
C ARG E 196 -12.90 -15.92 36.55
N ASP E 197 -13.69 -16.08 37.60
CA ASP E 197 -15.00 -16.75 37.51
C ASP E 197 -15.93 -16.05 36.53
N PHE E 198 -16.02 -14.72 36.65
CA PHE E 198 -16.80 -13.90 35.74
C PHE E 198 -16.40 -14.05 34.28
N LEU E 199 -15.10 -14.10 34.03
CA LEU E 199 -14.60 -14.22 32.67
C LEU E 199 -14.91 -15.59 32.06
N GLU E 200 -14.76 -16.64 32.86
CA GLU E 200 -15.12 -17.97 32.40
C GLU E 200 -16.59 -18.01 32.03
N ASP E 201 -17.45 -17.53 32.93
CA ASP E 201 -18.88 -17.49 32.67
C ASP E 201 -19.23 -16.58 31.48
N ALA E 202 -18.59 -15.42 31.41
CA ALA E 202 -18.89 -14.45 30.35
C ALA E 202 -18.43 -14.92 28.97
N PHE E 203 -17.26 -15.55 28.90
CA PHE E 203 -16.75 -16.01 27.62
C PHE E 203 -17.08 -17.47 27.38
N ASN E 204 -17.36 -18.16 28.47
CA ASN E 204 -17.63 -19.58 28.43
C ASN E 204 -16.40 -20.34 27.95
N VAL E 205 -15.26 -20.07 28.61
CA VAL E 205 -14.02 -20.73 28.25
C VAL E 205 -13.28 -21.14 29.51
N ASN E 206 -12.25 -21.98 29.34
CA ASN E 206 -11.52 -22.58 30.46
C ASN E 206 -10.58 -21.60 31.18
N ARG E 207 -10.14 -21.98 32.37
CA ARG E 207 -9.25 -21.17 33.18
C ARG E 207 -8.01 -20.69 32.42
N HIS E 208 -7.47 -21.53 31.55
CA HIS E 208 -6.24 -21.18 30.84
C HIS E 208 -6.43 -20.00 29.91
N ILE E 209 -7.50 -20.04 29.11
CA ILE E 209 -7.80 -18.94 28.21
C ILE E 209 -8.02 -17.64 29.00
N VAL E 210 -8.75 -17.72 30.10
CA VAL E 210 -8.97 -16.54 30.93
C VAL E 210 -7.66 -15.98 31.47
N ASP E 211 -6.78 -16.86 31.94
CA ASP E 211 -5.46 -16.44 32.43
C ASP E 211 -4.68 -15.66 31.36
N ARG E 212 -4.63 -16.21 30.16
CA ARG E 212 -4.04 -15.53 29.02
C ARG E 212 -4.69 -14.17 28.85
N LEU E 213 -6.01 -14.17 28.76
CA LEU E 213 -6.80 -12.97 28.63
C LEU E 213 -6.36 -11.93 29.65
N GLN E 214 -6.11 -12.35 30.88
CA GLN E 214 -5.73 -11.43 31.94
C GLN E 214 -4.24 -11.09 31.93
N GLY E 215 -3.47 -11.75 31.07
CA GLY E 215 -2.05 -11.48 30.94
C GLY E 215 -1.26 -11.86 32.18
N ARG E 216 -1.70 -12.93 32.85
CA ARG E 216 -1.09 -13.35 34.11
C ARG E 216 0.36 -13.82 33.96
N ASN E 217 0.64 -14.55 32.89
CA ASN E 217 1.97 -15.11 32.69
C ASN E 217 2.89 -14.19 31.90
N GLU E 218 2.40 -12.98 31.62
CA GLU E 218 3.10 -12.06 30.74
C GLU E 218 4.01 -11.08 31.49
N ASP E 219 5.10 -10.70 30.84
CA ASP E 219 6.10 -9.81 31.41
C ASP E 219 5.83 -8.35 31.04
N GLU E 220 6.16 -7.42 31.93
CA GLU E 220 5.96 -5.99 31.68
C GLU E 220 6.75 -5.46 30.47
N GLU E 221 7.86 -6.12 30.16
CA GLU E 221 8.71 -5.70 29.04
C GLU E 221 8.07 -5.93 27.68
N LYS E 222 7.08 -6.81 27.63
CA LYS E 222 6.42 -7.12 26.36
C LYS E 222 5.78 -5.86 25.78
N GLY E 223 4.91 -5.23 26.55
CA GLY E 223 4.46 -3.88 26.25
C GLY E 223 3.25 -3.78 25.34
N ALA E 224 2.97 -2.56 24.90
CA ALA E 224 1.79 -2.27 24.09
C ALA E 224 1.98 -2.77 22.66
N ILE E 225 3.24 -2.84 22.23
CA ILE E 225 3.57 -3.26 20.88
C ILE E 225 4.36 -4.55 20.94
N VAL E 226 3.95 -5.50 20.12
CA VAL E 226 4.30 -6.88 20.33
C VAL E 226 4.69 -7.48 18.99
N LYS E 227 5.73 -8.32 18.97
CA LYS E 227 6.16 -8.98 17.74
C LYS E 227 5.20 -10.10 17.38
N VAL E 228 4.62 -10.08 16.18
CA VAL E 228 3.74 -11.17 15.76
C VAL E 228 4.56 -12.29 15.13
N LYS E 229 4.84 -13.32 15.92
CA LYS E 229 5.84 -14.34 15.55
C LYS E 229 5.94 -14.69 14.06
N GLY E 230 4.89 -15.27 13.49
CA GLY E 230 4.97 -15.70 12.11
C GLY E 230 4.44 -14.67 11.13
N GLY E 231 4.18 -13.46 11.63
CA GLY E 231 3.48 -12.46 10.85
C GLY E 231 1.98 -12.64 10.99
N LEU E 232 1.23 -11.55 10.87
CA LEU E 232 -0.22 -11.63 10.92
C LEU E 232 -0.78 -12.15 9.61
N SER E 233 -1.62 -13.17 9.72
CA SER E 233 -2.39 -13.65 8.60
C SER E 233 -3.70 -12.87 8.54
N ILE E 234 -3.67 -11.71 7.89
CA ILE E 234 -4.86 -10.88 7.67
C ILE E 234 -4.73 -10.00 6.45
N ILE E 235 -5.72 -10.09 5.57
CA ILE E 235 -5.87 -9.17 4.46
C ILE E 235 -7.36 -8.92 4.23
N SER E 236 -7.71 -7.69 3.88
CA SER E 236 -9.09 -7.37 3.55
C SER E 236 -9.22 -6.39 2.37
N PRO E 237 -8.27 -5.45 2.26
CA PRO E 237 -8.27 -4.53 1.12
C PRO E 237 -8.26 -5.28 -0.21
N PRO E 238 -8.76 -4.65 -1.30
CA PRO E 238 -8.93 -5.29 -2.61
C PRO E 238 -7.78 -6.23 -2.98
N THR E 316 -24.13 5.31 14.37
CA THR E 316 -25.00 5.50 13.22
C THR E 316 -24.25 5.40 11.89
N VAL E 317 -22.96 5.75 11.91
CA VAL E 317 -22.13 5.63 10.71
C VAL E 317 -20.75 5.06 11.03
N CYS E 318 -20.56 3.79 10.73
CA CYS E 318 -19.29 3.10 10.85
C CYS E 318 -18.85 2.74 9.44
N THR E 319 -19.75 2.97 8.50
CA THR E 319 -19.48 2.82 7.08
C THR E 319 -18.67 4.04 6.62
N ALA E 320 -18.41 4.94 7.56
CA ALA E 320 -17.71 6.18 7.24
C ALA E 320 -16.23 5.95 6.93
N LYS E 321 -15.64 6.92 6.22
CA LYS E 321 -14.22 6.89 5.92
C LYS E 321 -13.48 7.27 7.19
N LEU E 322 -12.46 6.50 7.55
CA LEU E 322 -11.77 6.68 8.82
C LEU E 322 -10.38 7.26 8.62
N ARG E 323 -10.10 7.62 7.37
CA ARG E 323 -8.73 7.67 6.90
C ARG E 323 -8.63 8.50 5.62
N LEU E 324 -7.62 9.36 5.54
CA LEU E 324 -7.41 10.19 4.35
C LEU E 324 -5.96 10.65 4.24
N ASN E 325 -5.39 10.55 3.04
CA ASN E 325 -3.97 10.83 2.85
C ASN E 325 -3.71 12.29 2.47
N ILE E 326 -2.78 12.91 3.19
CA ILE E 326 -2.44 14.30 2.96
C ILE E 326 -0.95 14.46 2.64
N GLY E 327 -0.33 13.36 2.24
CA GLY E 327 1.06 13.39 1.79
C GLY E 327 1.17 13.76 0.33
N PRO E 328 2.37 13.59 -0.23
CA PRO E 328 2.70 13.93 -1.63
C PRO E 328 1.79 13.25 -2.65
N SER E 329 1.11 12.19 -2.25
CA SER E 329 0.21 11.50 -3.18
C SER E 329 -1.09 12.27 -3.40
N SER E 330 -1.52 13.02 -2.38
CA SER E 330 -2.77 13.77 -2.47
C SER E 330 -2.59 15.01 -3.33
N SER E 331 -3.68 15.50 -3.90
CA SER E 331 -3.60 16.74 -4.67
C SER E 331 -3.56 17.91 -3.69
N PRO E 332 -2.51 18.75 -3.80
CA PRO E 332 -2.26 19.82 -2.83
C PRO E 332 -3.38 20.87 -2.85
N ASP E 333 -3.65 21.50 -1.72
CA ASP E 333 -4.58 22.62 -1.72
C ASP E 333 -3.88 23.79 -2.39
N ILE E 334 -2.66 24.05 -1.96
CA ILE E 334 -1.82 25.07 -2.58
C ILE E 334 -0.54 24.44 -3.06
N TYR E 335 -0.22 24.64 -4.33
CA TYR E 335 1.08 24.25 -4.83
C TYR E 335 1.80 25.45 -5.45
N ASN E 336 3.05 25.62 -5.05
CA ASN E 336 3.91 26.64 -5.62
C ASN E 336 5.26 26.01 -5.96
N PRO E 337 5.59 25.95 -7.26
CA PRO E 337 6.81 25.31 -7.73
C PRO E 337 8.07 25.81 -7.02
N GLU E 338 8.06 27.05 -6.55
CA GLU E 338 9.27 27.65 -5.96
C GLU E 338 9.21 27.76 -4.44
N ALA E 339 8.18 27.19 -3.83
CA ALA E 339 8.04 27.26 -2.38
C ALA E 339 7.62 25.95 -1.72
N GLY E 340 6.69 25.23 -2.36
CA GLY E 340 6.22 23.97 -1.81
C GLY E 340 4.73 23.74 -1.94
N ARG E 341 4.15 23.06 -0.96
CA ARG E 341 2.75 22.67 -1.06
C ARG E 341 2.06 22.58 0.30
N ILE E 342 0.75 22.75 0.30
CA ILE E 342 -0.06 22.63 1.51
C ILE E 342 -1.27 21.75 1.25
N LYS E 343 -1.50 20.79 2.14
CA LYS E 343 -2.69 19.94 2.08
C LYS E 343 -3.32 19.90 3.47
N THR E 344 -4.64 20.09 3.52
CA THR E 344 -5.35 20.04 4.80
C THR E 344 -6.52 19.07 4.70
N VAL E 345 -6.78 18.35 5.78
CA VAL E 345 -7.98 17.53 5.84
C VAL E 345 -8.93 18.13 6.88
N THR E 346 -10.17 18.36 6.47
CA THR E 346 -11.20 18.82 7.40
C THR E 346 -12.39 17.89 7.25
N SER E 347 -13.49 18.22 7.93
CA SER E 347 -14.69 17.40 7.86
C SER E 347 -15.38 17.50 6.49
N LEU E 348 -14.94 18.45 5.67
CA LEU E 348 -15.41 18.54 4.29
C LEU E 348 -14.84 17.38 3.50
N ASP E 349 -13.61 17.02 3.84
CA ASP E 349 -12.90 15.91 3.21
C ASP E 349 -13.16 14.60 3.96
N LEU E 350 -13.18 14.66 5.28
CA LEU E 350 -13.28 13.46 6.09
C LEU E 350 -14.36 13.65 7.15
N PRO E 351 -15.62 13.46 6.74
CA PRO E 351 -16.85 13.72 7.50
C PRO E 351 -16.83 13.27 8.96
N VAL E 352 -16.11 12.20 9.26
CA VAL E 352 -16.07 11.70 10.62
C VAL E 352 -15.33 12.70 11.53
N LEU E 353 -14.48 13.52 10.92
CA LEU E 353 -13.76 14.57 11.66
C LEU E 353 -14.75 15.52 12.33
N ARG E 354 -15.99 15.50 11.86
CA ARG E 354 -17.03 16.38 12.38
C ARG E 354 -17.44 16.00 13.81
N TRP E 355 -17.30 14.74 14.17
CA TRP E 355 -17.63 14.28 15.53
C TRP E 355 -16.42 14.43 16.44
N LEU E 356 -15.22 14.34 15.87
CA LEU E 356 -14.00 14.51 16.65
C LEU E 356 -13.65 15.98 16.89
N LYS E 357 -14.04 16.83 15.94
CA LYS E 357 -13.68 18.24 16.00
C LYS E 357 -12.18 18.40 15.99
N LEU E 358 -11.55 17.64 15.09
CA LEU E 358 -10.12 17.68 14.88
C LEU E 358 -9.86 17.80 13.39
N SER E 359 -8.77 18.44 13.02
CA SER E 359 -8.36 18.45 11.62
C SER E 359 -6.84 18.54 11.53
N ALA E 360 -6.32 18.50 10.33
CA ALA E 360 -4.88 18.57 10.18
C ALA E 360 -4.40 19.25 8.90
N GLU E 361 -3.19 19.78 8.98
CA GLU E 361 -2.55 20.41 7.85
C GLU E 361 -1.17 19.79 7.67
N HIS E 362 -0.89 19.36 6.45
CA HIS E 362 0.45 18.91 6.10
C HIS E 362 1.08 19.99 5.23
N GLY E 363 2.35 20.28 5.47
CA GLY E 363 3.04 21.32 4.74
C GLY E 363 4.48 20.98 4.38
N SER E 364 4.87 21.38 3.17
CA SER E 364 6.22 21.13 2.67
C SER E 364 6.83 22.44 2.13
N LEU E 365 8.03 22.78 2.57
CA LEU E 365 8.67 24.04 2.18
C LEU E 365 10.09 23.88 1.63
N HIS E 366 10.32 24.47 0.45
CA HIS E 366 11.65 24.51 -0.13
C HIS E 366 12.59 25.31 0.75
N LYS E 367 13.90 25.16 0.52
CA LYS E 367 14.89 25.88 1.31
C LYS E 367 14.68 27.38 1.21
N ASN E 368 14.54 28.02 2.37
CA ASN E 368 14.43 29.47 2.45
C ASN E 368 13.08 30.01 1.98
N ALA E 369 12.21 29.12 1.50
CA ALA E 369 10.82 29.48 1.25
C ALA E 369 10.13 29.62 2.62
N MET E 370 9.06 30.40 2.67
CA MET E 370 8.30 30.51 3.91
C MET E 370 6.79 30.49 3.72
N PHE E 371 6.06 30.19 4.77
CA PHE E 371 4.63 30.47 4.74
C PHE E 371 4.37 31.81 5.42
N VAL E 372 3.44 32.58 4.88
CA VAL E 372 3.20 33.95 5.36
C VAL E 372 2.77 33.91 6.81
N PRO E 373 2.95 35.02 7.52
CA PRO E 373 2.43 35.03 8.89
C PRO E 373 0.91 34.87 8.83
N HIS E 374 0.35 34.16 9.82
CA HIS E 374 -1.07 33.87 9.81
C HIS E 374 -1.49 33.39 11.20
N TYR E 375 -2.79 33.25 11.41
CA TYR E 375 -3.29 32.73 12.67
C TYR E 375 -4.54 31.88 12.46
N ASN E 376 -4.74 30.93 13.37
CA ASN E 376 -5.95 30.15 13.36
C ASN E 376 -7.06 30.85 14.13
N LEU E 377 -8.17 31.09 13.45
CA LEU E 377 -9.36 31.71 14.02
C LEU E 377 -9.90 31.00 15.26
N ASN E 378 -10.07 29.69 15.16
CA ASN E 378 -10.85 28.94 16.14
C ASN E 378 -10.26 27.60 16.54
N ALA E 379 -8.94 27.51 16.59
CA ALA E 379 -8.30 26.25 16.94
C ALA E 379 -6.89 26.45 17.47
N ASN E 380 -6.47 25.54 18.35
CA ASN E 380 -5.08 25.45 18.76
C ASN E 380 -4.39 24.57 17.73
N SER E 381 -3.07 24.74 17.60
CA SER E 381 -2.33 23.91 16.65
C SER E 381 -1.17 23.24 17.32
N ILE E 382 -0.98 21.96 17.00
CA ILE E 382 0.26 21.32 17.33
C ILE E 382 1.03 21.11 16.03
N ILE E 383 2.04 21.93 15.83
CA ILE E 383 2.91 21.79 14.67
C ILE E 383 4.00 20.78 15.02
N TYR E 384 3.97 19.64 14.37
CA TYR E 384 4.97 18.63 14.58
C TYR E 384 5.83 18.53 13.33
N ALA E 385 7.14 18.70 13.48
CA ALA E 385 8.03 18.69 12.32
C ALA E 385 8.34 17.27 11.87
N LEU E 386 8.07 16.99 10.61
CA LEU E 386 8.24 15.66 10.05
C LEU E 386 9.64 15.44 9.48
N LYS E 387 10.19 16.47 8.84
CA LYS E 387 11.50 16.38 8.20
C LYS E 387 12.14 17.76 8.10
N GLY E 388 13.44 17.84 8.36
CA GLY E 388 14.19 19.07 8.21
C GLY E 388 14.08 20.05 9.37
N ARG E 389 14.52 21.29 9.13
CA ARG E 389 14.49 22.36 10.13
C ARG E 389 13.85 23.60 9.53
N ALA E 390 13.17 24.36 10.39
CA ALA E 390 12.60 25.63 9.98
C ALA E 390 12.74 26.65 11.09
N ARG E 391 12.87 27.90 10.70
CA ARG E 391 12.88 28.99 11.66
C ARG E 391 11.43 29.44 11.83
N LEU E 392 10.92 29.34 13.06
CA LEU E 392 9.58 29.80 13.35
C LEU E 392 9.57 30.96 14.32
N GLN E 393 8.56 31.81 14.15
CA GLN E 393 8.27 32.83 15.14
C GLN E 393 6.78 32.83 15.40
N VAL E 394 6.40 32.90 16.66
CA VAL E 394 5.01 33.18 16.99
C VAL E 394 4.90 34.32 18.00
N VAL E 395 3.84 35.11 17.85
CA VAL E 395 3.64 36.27 18.68
C VAL E 395 2.22 36.30 19.26
N ASN E 396 2.10 36.79 20.49
CA ASN E 396 0.83 36.81 21.20
C ASN E 396 0.10 38.13 21.01
N CYS E 397 -0.82 38.41 21.92
CA CYS E 397 -1.72 39.55 21.82
C CYS E 397 -1.09 40.86 22.29
N ASN E 398 0.17 40.81 22.71
CA ASN E 398 0.88 42.00 23.19
C ASN E 398 2.13 42.32 22.37
N GLY E 399 2.24 41.73 21.18
CA GLY E 399 3.39 41.96 20.33
C GLY E 399 4.64 41.22 20.77
N ASN E 400 4.52 40.32 21.73
CA ASN E 400 5.69 39.59 22.22
C ASN E 400 6.01 38.35 21.41
N THR E 401 7.29 38.20 21.08
CA THR E 401 7.74 37.03 20.35
C THR E 401 7.93 35.93 21.37
N VAL E 402 6.88 35.16 21.61
CA VAL E 402 6.92 34.12 22.65
C VAL E 402 7.71 32.90 22.18
N PHE E 403 8.01 32.86 20.89
CA PHE E 403 8.90 31.86 20.35
C PHE E 403 9.60 32.42 19.12
N ASP E 404 10.91 32.24 19.08
CA ASP E 404 11.70 32.72 17.97
C ASP E 404 12.89 31.80 17.89
N GLY E 405 12.76 30.74 17.12
CA GLY E 405 13.83 29.77 17.08
C GLY E 405 13.62 28.67 16.06
N GLU E 406 14.30 27.56 16.32
CA GLU E 406 14.39 26.46 15.37
C GLU E 406 13.41 25.36 15.73
N LEU E 407 12.77 24.80 14.71
CA LEU E 407 11.91 23.63 14.89
C LEU E 407 12.42 22.48 14.02
N GLU E 408 13.10 21.52 14.65
CA GLU E 408 13.67 20.39 13.91
C GLU E 408 12.76 19.16 13.95
N ALA E 409 12.91 18.32 12.94
CA ALA E 409 12.11 17.11 12.83
C ALA E 409 12.00 16.39 14.17
N GLY E 410 10.80 15.94 14.51
CA GLY E 410 10.61 15.17 15.72
C GLY E 410 10.27 15.97 16.94
N ARG E 411 10.39 17.30 16.87
CA ARG E 411 9.94 18.15 17.95
C ARG E 411 8.57 18.74 17.67
N ALA E 412 7.93 19.24 18.71
CA ALA E 412 6.60 19.80 18.58
C ALA E 412 6.57 21.21 19.14
N LEU E 413 5.73 22.03 18.56
CA LEU E 413 5.58 23.40 18.99
C LEU E 413 4.10 23.72 19.02
N THR E 414 3.66 24.36 20.11
CA THR E 414 2.26 24.73 20.26
C THR E 414 1.99 26.15 19.81
N VAL E 415 1.05 26.33 18.90
CA VAL E 415 0.61 27.66 18.54
C VAL E 415 -0.83 27.83 19.03
N PRO E 416 -1.00 28.54 20.15
CA PRO E 416 -2.36 28.75 20.67
C PRO E 416 -3.26 29.50 19.67
N GLN E 417 -4.56 29.27 19.76
CA GLN E 417 -5.52 29.97 18.92
C GLN E 417 -5.26 31.48 18.88
N ASN E 418 -5.40 32.06 17.68
CA ASN E 418 -5.25 33.50 17.46
C ASN E 418 -3.81 34.03 17.47
N TYR E 419 -2.89 33.29 18.09
CA TYR E 419 -1.48 33.64 18.05
C TYR E 419 -1.02 33.59 16.60
N ALA E 420 -0.16 34.52 16.19
CA ALA E 420 0.31 34.53 14.81
C ALA E 420 1.64 33.79 14.70
N VAL E 421 1.80 33.05 13.60
CA VAL E 421 2.98 32.21 13.42
C VAL E 421 3.54 32.34 12.00
N ALA E 422 4.87 32.28 11.90
CA ALA E 422 5.54 32.35 10.60
C ALA E 422 6.70 31.35 10.52
N ALA E 423 6.86 30.75 9.35
CA ALA E 423 7.93 29.78 9.14
C ALA E 423 8.79 30.10 7.92
N LYS E 424 10.09 29.86 8.05
CA LYS E 424 11.02 29.88 6.93
C LYS E 424 11.89 28.64 7.00
N SER E 425 11.91 27.86 5.93
CA SER E 425 12.66 26.60 5.90
C SER E 425 14.18 26.77 5.82
N LEU E 426 14.90 26.04 6.68
CA LEU E 426 16.35 26.07 6.65
C LEU E 426 16.88 24.77 6.04
N SER E 427 16.02 24.08 5.30
CA SER E 427 16.37 22.78 4.73
C SER E 427 15.93 22.63 3.28
N ASP E 428 16.61 21.75 2.55
CA ASP E 428 16.27 21.49 1.17
C ASP E 428 14.77 21.25 1.06
N ARG E 429 14.21 20.62 2.09
CA ARG E 429 12.77 20.48 2.25
C ARG E 429 12.40 20.36 3.73
N PHE E 430 11.62 21.32 4.22
CA PHE E 430 11.07 21.26 5.56
C PHE E 430 9.63 20.81 5.43
N SER E 431 9.25 19.82 6.22
CA SER E 431 7.86 19.37 6.22
C SER E 431 7.37 19.20 7.66
N TYR E 432 6.06 19.36 7.83
CA TYR E 432 5.44 19.29 9.14
C TYR E 432 4.00 18.83 9.00
N VAL E 433 3.42 18.45 10.12
CA VAL E 433 1.98 18.26 10.19
C VAL E 433 1.45 19.10 11.34
N ALA E 434 0.34 19.79 11.11
CA ALA E 434 -0.26 20.60 12.15
C ALA E 434 -1.61 20.03 12.56
N PHE E 435 -1.68 19.49 13.77
CA PHE E 435 -2.95 19.05 14.32
C PHE E 435 -3.70 20.27 14.83
N LYS E 436 -5.00 20.32 14.53
CA LYS E 436 -5.82 21.47 14.93
C LYS E 436 -7.09 21.07 15.66
N THR E 437 -7.39 21.80 16.73
CA THR E 437 -8.47 21.44 17.65
C THR E 437 -9.82 21.92 17.13
N ASN E 438 -10.04 21.75 15.83
CA ASN E 438 -11.34 22.01 15.26
C ASN E 438 -11.44 21.42 13.86
N ASP E 439 -12.59 20.83 13.54
CA ASP E 439 -12.75 20.11 12.28
C ASP E 439 -12.86 21.04 11.09
N ARG E 440 -13.10 22.32 11.35
CA ARG E 440 -13.10 23.32 10.30
C ARG E 440 -12.17 24.45 10.73
N ALA E 441 -10.94 24.10 11.05
CA ALA E 441 -9.95 25.09 11.44
C ALA E 441 -9.76 26.10 10.29
N GLY E 442 -10.02 27.37 10.58
CA GLY E 442 -9.81 28.41 9.60
C GLY E 442 -8.56 29.19 9.95
N ILE E 443 -7.82 29.59 8.92
CA ILE E 443 -6.66 30.45 9.11
C ILE E 443 -6.87 31.79 8.45
N ALA E 444 -6.40 32.84 9.09
CA ALA E 444 -6.35 34.16 8.48
C ALA E 444 -4.91 34.44 8.13
N ARG E 445 -4.66 34.68 6.84
CA ARG E 445 -3.32 35.01 6.38
C ARG E 445 -3.10 36.50 6.59
N LEU E 446 -1.97 36.85 7.21
CA LEU E 446 -1.63 38.26 7.37
C LEU E 446 -0.96 38.84 6.14
N ALA E 447 -0.47 37.98 5.26
CA ALA E 447 0.19 38.44 4.05
C ALA E 447 -0.09 37.52 2.87
N GLY E 448 0.16 38.00 1.67
CA GLY E 448 -0.16 37.25 0.48
C GLY E 448 -1.51 37.62 -0.10
N THR E 449 -1.88 36.94 -1.17
CA THR E 449 -3.05 37.31 -1.98
C THR E 449 -4.40 37.33 -1.25
N SER E 450 -4.69 36.33 -0.43
CA SER E 450 -5.96 36.30 0.29
C SER E 450 -5.84 36.91 1.69
N SER E 451 -4.83 37.75 1.90
CA SER E 451 -4.52 38.23 3.25
C SER E 451 -5.61 39.11 3.87
N VAL E 452 -5.60 39.18 5.19
CA VAL E 452 -6.43 40.10 5.94
C VAL E 452 -6.25 41.53 5.42
N ILE E 453 -5.01 41.92 5.16
CA ILE E 453 -4.71 43.26 4.64
C ILE E 453 -5.23 43.48 3.22
N ASN E 454 -5.13 42.45 2.39
CA ASN E 454 -5.70 42.48 1.04
C ASN E 454 -7.21 42.75 1.00
N ASN E 455 -7.91 42.44 2.08
CA ASN E 455 -9.36 42.60 2.10
C ASN E 455 -9.86 43.85 2.85
N LEU E 456 -8.92 44.68 3.31
CA LEU E 456 -9.27 45.97 3.88
C LEU E 456 -9.30 47.02 2.78
N PRO E 457 -10.27 47.95 2.85
CA PRO E 457 -10.28 49.00 1.82
C PRO E 457 -8.94 49.73 1.84
N LEU E 458 -8.50 50.21 0.68
CA LEU E 458 -7.18 50.84 0.57
C LEU E 458 -6.92 51.91 1.62
N ASP E 459 -7.89 52.80 1.83
CA ASP E 459 -7.74 53.88 2.79
C ASP E 459 -7.61 53.43 4.25
N VAL E 460 -8.31 52.37 4.66
CA VAL E 460 -8.16 51.91 6.03
C VAL E 460 -6.78 51.29 6.25
N VAL E 461 -6.24 50.66 5.22
CA VAL E 461 -4.86 50.17 5.28
C VAL E 461 -3.88 51.32 5.49
N ALA E 462 -4.02 52.39 4.69
CA ALA E 462 -3.16 53.56 4.82
C ALA E 462 -3.27 54.21 6.20
N ALA E 463 -4.48 54.54 6.62
CA ALA E 463 -4.68 55.13 7.93
C ALA E 463 -4.32 54.16 9.05
N THR E 464 -4.51 52.87 8.83
CA THR E 464 -4.21 51.88 9.85
C THR E 464 -2.72 51.88 10.22
N PHE E 465 -1.86 51.68 9.23
CA PHE E 465 -0.42 51.62 9.47
C PHE E 465 0.30 52.94 9.19
N ASN E 466 -0.46 54.03 9.03
CA ASN E 466 0.10 55.33 8.66
C ASN E 466 0.99 55.26 7.42
N LEU E 467 0.45 54.74 6.33
CA LEU E 467 1.17 54.65 5.08
C LEU E 467 0.54 55.58 4.07
N GLN E 468 1.24 55.82 2.97
CA GLN E 468 0.69 56.55 1.85
C GLN E 468 0.01 55.56 0.92
N ARG E 469 -1.02 56.01 0.21
CA ARG E 469 -1.77 55.14 -0.69
C ARG E 469 -0.87 54.19 -1.49
N ASN E 470 0.21 54.72 -2.07
CA ASN E 470 1.06 53.90 -2.92
C ASN E 470 1.86 52.86 -2.14
N GLU E 471 2.13 53.14 -0.87
CA GLU E 471 2.79 52.17 -0.02
C GLU E 471 1.81 51.06 0.43
N ALA E 472 0.54 51.43 0.58
CA ALA E 472 -0.48 50.47 0.93
C ALA E 472 -0.76 49.54 -0.25
N ARG E 473 -0.82 50.11 -1.45
CA ARG E 473 -0.98 49.31 -2.66
C ARG E 473 0.14 48.29 -2.77
N GLN E 474 1.35 48.70 -2.40
CA GLN E 474 2.49 47.79 -2.38
C GLN E 474 2.29 46.70 -1.35
N LEU E 475 1.87 47.11 -0.15
CA LEU E 475 1.60 46.17 0.93
C LEU E 475 0.60 45.11 0.48
N LYS E 476 -0.37 45.53 -0.32
CA LYS E 476 -1.41 44.62 -0.79
C LYS E 476 -0.98 43.82 -2.00
N SER E 477 -0.14 44.40 -2.85
CA SER E 477 0.09 43.85 -4.18
C SER E 477 1.46 43.21 -4.42
N ASN E 478 2.53 43.80 -3.89
CA ASN E 478 3.88 43.33 -4.19
C ASN E 478 4.08 41.81 -4.12
N ASN E 479 3.41 41.14 -3.21
CA ASN E 479 3.46 39.68 -3.16
C ASN E 479 2.27 39.03 -3.87
N PRO E 480 2.54 38.29 -4.96
CA PRO E 480 1.49 37.69 -5.80
C PRO E 480 1.02 36.32 -5.33
N PHE E 481 1.67 35.76 -4.32
CA PHE E 481 1.37 34.39 -3.89
C PHE E 481 0.36 34.30 -2.74
N LYS E 482 -0.24 33.12 -2.60
CA LYS E 482 -1.33 32.94 -1.63
C LYS E 482 -0.82 32.75 -0.18
N PHE E 483 -0.10 31.67 0.07
CA PHE E 483 0.28 31.32 1.44
C PHE E 483 1.76 31.09 1.52
N LEU E 484 2.28 30.43 0.50
CA LEU E 484 3.69 30.13 0.43
C LEU E 484 4.41 31.31 -0.19
N VAL E 485 5.70 31.45 0.12
CA VAL E 485 6.49 32.49 -0.50
C VAL E 485 7.88 31.96 -0.81
N PRO E 486 8.30 32.06 -2.08
CA PRO E 486 9.58 31.53 -2.56
C PRO E 486 10.77 32.23 -1.92
N ALA E 487 11.91 31.56 -1.90
CA ALA E 487 13.15 32.18 -1.45
C ALA E 487 13.54 33.25 -2.47
N ARG E 488 14.11 34.35 -1.98
CA ARG E 488 14.54 35.44 -2.86
C ARG E 488 15.70 35.03 -3.76
N GLN F 7 -9.09 19.17 37.18
CA GLN F 7 -7.85 18.51 37.58
C GLN F 7 -7.94 17.00 37.41
N ASN F 8 -8.26 16.31 38.52
CA ASN F 8 -8.29 14.86 38.53
C ASN F 8 -9.48 14.28 39.29
N GLU F 9 -10.63 14.95 39.19
CA GLU F 9 -11.85 14.49 39.86
C GLU F 9 -12.18 13.04 39.51
N CYS F 10 -11.71 12.60 38.35
CA CYS F 10 -12.04 11.27 37.84
C CYS F 10 -10.90 10.26 38.00
N GLN F 11 -9.97 10.54 38.90
CA GLN F 11 -8.91 9.60 39.22
C GLN F 11 -9.32 8.80 40.45
N LEU F 12 -10.41 8.04 40.30
CA LEU F 12 -10.95 7.25 41.39
C LEU F 12 -10.29 5.88 41.42
N GLU F 13 -9.70 5.53 42.56
CA GLU F 13 -9.07 4.21 42.71
C GLU F 13 -9.83 3.37 43.72
N ARG F 14 -10.98 3.86 44.14
CA ARG F 14 -11.79 3.17 45.13
C ARG F 14 -13.23 3.72 45.06
N LEU F 15 -14.17 2.87 44.66
CA LEU F 15 -15.57 3.25 44.59
C LEU F 15 -16.39 2.61 45.71
N ASP F 16 -17.56 3.18 45.97
CA ASP F 16 -18.48 2.66 46.97
C ASP F 16 -19.91 2.58 46.44
N ALA F 17 -20.68 1.63 46.95
CA ALA F 17 -22.12 1.65 46.78
C ALA F 17 -22.63 2.65 47.82
N LEU F 18 -23.23 3.72 47.35
CA LEU F 18 -23.55 4.85 48.22
C LEU F 18 -25.03 4.93 48.58
N GLU F 19 -25.30 5.20 49.86
CA GLU F 19 -26.63 5.56 50.33
C GLU F 19 -26.71 7.08 50.37
N PRO F 20 -27.94 7.63 50.39
CA PRO F 20 -28.16 9.06 50.59
C PRO F 20 -27.56 9.49 51.93
N ASP F 21 -26.91 10.65 51.97
CA ASP F 21 -26.30 11.06 53.22
C ASP F 21 -27.12 12.11 53.95
N ASN F 22 -28.24 12.51 53.36
CA ASN F 22 -29.11 13.49 54.00
C ASN F 22 -30.61 13.30 53.74
N ARG F 23 -31.43 13.49 54.78
CA ARG F 23 -32.88 13.31 54.70
C ARG F 23 -33.65 14.56 55.13
N ILE F 24 -34.59 15.02 54.32
CA ILE F 24 -35.43 16.14 54.71
C ILE F 24 -36.87 15.68 54.87
N GLU F 25 -37.37 15.69 56.10
CA GLU F 25 -38.78 15.40 56.34
C GLU F 25 -39.63 16.60 55.90
N SER F 26 -40.76 16.31 55.27
CA SER F 26 -41.75 17.35 55.02
C SER F 26 -43.14 16.76 55.22
N GLU F 27 -44.13 17.63 55.43
CA GLU F 27 -45.45 17.17 55.84
C GLU F 27 -45.97 15.97 55.06
N GLY F 28 -45.92 16.02 53.73
CA GLY F 28 -46.48 14.95 52.93
C GLY F 28 -45.50 13.99 52.29
N GLY F 29 -44.25 14.01 52.73
CA GLY F 29 -43.26 13.13 52.16
C GLY F 29 -41.82 13.35 52.60
N LEU F 30 -40.89 12.85 51.80
CA LEU F 30 -39.48 12.81 52.17
C LEU F 30 -38.61 13.12 50.95
N ILE F 31 -37.56 13.89 51.16
CA ILE F 31 -36.54 14.10 50.12
C ILE F 31 -35.18 13.64 50.62
N GLU F 32 -34.56 12.70 49.91
CA GLU F 32 -33.24 12.21 50.26
C GLU F 32 -32.22 12.64 49.22
N THR F 33 -31.09 13.19 49.67
CA THR F 33 -30.04 13.59 48.74
C THR F 33 -28.71 12.85 48.95
N TRP F 34 -28.16 12.33 47.87
CA TRP F 34 -26.76 11.91 47.86
C TRP F 34 -25.91 13.17 47.82
N ASN F 35 -24.67 13.05 48.29
CA ASN F 35 -23.78 14.20 48.42
C ASN F 35 -23.06 14.52 47.11
N PRO F 36 -23.40 15.65 46.48
CA PRO F 36 -22.82 16.02 45.18
C PRO F 36 -21.32 16.31 45.30
N ASN F 37 -20.84 16.55 46.51
CA ASN F 37 -19.44 16.90 46.73
C ASN F 37 -18.53 15.67 46.76
N ASN F 38 -19.13 14.49 46.90
CA ASN F 38 -18.41 13.24 46.82
C ASN F 38 -17.72 13.14 45.46
N LYS F 39 -16.49 12.61 45.45
CA LYS F 39 -15.70 12.54 44.23
C LYS F 39 -16.40 11.74 43.13
N GLN F 40 -17.08 10.68 43.53
CA GLN F 40 -17.77 9.82 42.58
C GLN F 40 -18.81 10.57 41.75
N PHE F 41 -19.57 11.45 42.39
CA PHE F 41 -20.59 12.23 41.70
C PHE F 41 -19.96 13.43 41.00
N ARG F 42 -18.91 13.98 41.61
CA ARG F 42 -18.14 15.04 40.97
C ARG F 42 -17.54 14.58 39.64
N CYS F 43 -16.90 13.43 39.65
CA CYS F 43 -16.35 12.83 38.44
C CYS F 43 -17.44 12.64 37.38
N ALA F 44 -18.57 12.11 37.82
CA ALA F 44 -19.71 11.85 36.95
C ALA F 44 -20.33 13.12 36.40
N GLY F 45 -20.28 14.20 37.18
CA GLY F 45 -20.90 15.47 36.80
C GLY F 45 -22.40 15.52 37.06
N VAL F 46 -22.85 14.84 38.12
CA VAL F 46 -24.28 14.75 38.44
C VAL F 46 -24.57 14.83 39.94
N ALA F 47 -25.85 14.97 40.27
CA ALA F 47 -26.34 14.85 41.65
C ALA F 47 -27.50 13.89 41.65
N LEU F 48 -27.61 13.07 42.69
CA LEU F 48 -28.67 12.08 42.82
C LEU F 48 -29.55 12.41 44.02
N SER F 49 -30.84 12.16 43.88
CA SER F 49 -31.79 12.39 44.95
C SER F 49 -33.04 11.53 44.75
N ARG F 50 -33.78 11.32 45.83
CA ARG F 50 -34.96 10.46 45.80
C ARG F 50 -36.09 11.05 46.64
N ALA F 51 -37.27 11.15 46.03
CA ALA F 51 -38.41 11.78 46.66
C ALA F 51 -39.55 10.80 46.85
N THR F 52 -40.05 10.73 48.09
CA THR F 52 -41.26 9.96 48.38
C THR F 52 -42.47 10.86 48.63
N LEU F 53 -43.57 10.56 47.95
CA LEU F 53 -44.81 11.28 48.13
C LEU F 53 -45.83 10.36 48.78
N GLN F 54 -46.31 10.74 49.97
CA GLN F 54 -47.41 9.99 50.59
C GLN F 54 -48.70 10.23 49.81
N ARG F 55 -49.78 9.59 50.22
CA ARG F 55 -51.06 9.73 49.52
C ARG F 55 -51.53 11.18 49.55
N ASN F 56 -52.09 11.64 48.43
CA ASN F 56 -52.52 13.02 48.28
C ASN F 56 -51.40 14.01 48.57
N ALA F 57 -50.17 13.65 48.20
CA ALA F 57 -49.03 14.53 48.44
C ALA F 57 -48.61 15.25 47.16
N LEU F 58 -48.30 16.53 47.31
CA LEU F 58 -47.97 17.43 46.22
C LEU F 58 -46.50 17.84 46.31
N ARG F 59 -45.73 17.53 45.26
CA ARG F 59 -44.38 18.03 45.11
C ARG F 59 -44.49 19.40 44.47
N ARG F 60 -44.41 20.44 45.29
CA ARG F 60 -44.65 21.81 44.83
C ARG F 60 -43.68 22.26 43.74
N PRO F 61 -44.18 23.05 42.78
CA PRO F 61 -43.45 23.42 41.56
C PRO F 61 -42.05 23.95 41.86
N TYR F 62 -41.07 23.44 41.13
CA TYR F 62 -39.70 23.91 41.26
C TYR F 62 -39.01 23.82 39.91
N TYR F 63 -37.89 24.50 39.76
CA TYR F 63 -37.09 24.38 38.55
C TYR F 63 -35.60 24.26 38.87
N SER F 64 -34.83 23.82 37.90
CA SER F 64 -33.42 23.58 38.14
C SER F 64 -32.58 24.15 36.99
N ASN F 65 -31.38 24.60 37.33
CA ASN F 65 -30.46 25.14 36.33
C ASN F 65 -29.77 24.07 35.49
N ALA F 66 -30.11 22.80 35.73
CA ALA F 66 -29.59 21.69 34.95
C ALA F 66 -30.72 20.71 34.63
N PRO F 67 -30.55 19.89 33.59
CA PRO F 67 -31.61 18.95 33.20
C PRO F 67 -31.78 17.81 34.20
N GLN F 68 -32.99 17.26 34.27
CA GLN F 68 -33.27 16.15 35.18
C GLN F 68 -33.91 14.99 34.43
N GLU F 69 -33.49 13.79 34.79
CA GLU F 69 -34.13 12.59 34.30
C GLU F 69 -34.69 11.92 35.55
N ILE F 70 -35.98 11.67 35.56
CA ILE F 70 -36.62 11.15 36.76
C ILE F 70 -37.20 9.76 36.50
N PHE F 71 -36.88 8.83 37.40
CA PHE F 71 -37.37 7.48 37.28
C PHE F 71 -38.37 7.17 38.38
N ILE F 72 -39.52 6.65 37.96
CA ILE F 72 -40.58 6.28 38.89
C ILE F 72 -40.33 4.88 39.40
N GLN F 73 -39.63 4.81 40.53
CA GLN F 73 -39.31 3.55 41.18
C GLN F 73 -40.60 2.88 41.61
N GLN F 74 -41.51 3.66 42.16
CA GLN F 74 -42.77 3.13 42.69
C GLN F 74 -43.84 4.19 42.71
N GLY F 75 -45.07 3.76 42.44
CA GLY F 75 -46.23 4.64 42.56
C GLY F 75 -46.89 5.00 41.26
N ASN F 76 -47.95 5.78 41.36
CA ASN F 76 -48.66 6.32 40.21
C ASN F 76 -49.13 7.70 40.57
N GLY F 77 -49.23 8.58 39.57
CA GLY F 77 -49.69 9.92 39.84
C GLY F 77 -49.77 10.83 38.65
N TYR F 78 -49.69 12.13 38.92
CA TYR F 78 -49.75 13.15 37.90
C TYR F 78 -48.55 14.07 38.02
N PHE F 79 -48.15 14.64 36.90
CA PHE F 79 -47.09 15.63 36.88
C PHE F 79 -47.40 16.66 35.80
N GLY F 80 -46.85 17.87 35.98
CA GLY F 80 -47.02 18.90 34.98
C GLY F 80 -45.73 19.68 34.83
N MET F 81 -45.54 20.23 33.63
CA MET F 81 -44.42 21.13 33.38
C MET F 81 -44.92 22.40 32.74
N VAL F 82 -44.19 23.49 32.96
CA VAL F 82 -44.50 24.75 32.31
C VAL F 82 -43.42 25.12 31.28
N PHE F 83 -43.82 25.13 30.01
CA PHE F 83 -42.93 25.51 28.92
C PHE F 83 -43.31 26.88 28.45
N PRO F 84 -42.46 27.88 28.70
CA PRO F 84 -42.75 29.24 28.24
C PRO F 84 -43.27 29.29 26.81
N GLY F 85 -44.45 29.88 26.63
CA GLY F 85 -44.96 30.22 25.31
C GLY F 85 -45.75 29.15 24.56
N CYS F 86 -45.91 27.98 25.15
CA CYS F 86 -46.62 26.90 24.49
C CYS F 86 -48.08 26.80 24.95
N PRO F 87 -49.02 26.81 23.98
CA PRO F 87 -50.46 26.76 24.20
C PRO F 87 -50.92 25.73 25.23
N GLU F 88 -52.21 25.76 25.54
CA GLU F 88 -52.74 25.04 26.69
C GLU F 88 -53.90 24.11 26.32
N ASP F 106 -60.11 26.49 34.71
CA ASP F 106 -58.84 27.20 34.67
C ASP F 106 -58.08 26.90 33.38
N ARG F 107 -57.08 27.72 33.08
CA ARG F 107 -56.20 27.51 31.94
C ARG F 107 -54.87 26.96 32.45
N HIS F 108 -54.33 25.96 31.75
CA HIS F 108 -53.05 25.38 32.17
C HIS F 108 -52.39 24.60 31.04
N GLN F 109 -51.10 24.33 31.20
CA GLN F 109 -50.38 23.48 30.25
C GLN F 109 -50.62 22.01 30.56
N LYS F 110 -50.36 21.16 29.58
CA LYS F 110 -50.66 19.74 29.69
C LYS F 110 -50.17 19.13 31.00
N VAL F 111 -51.13 18.58 31.74
CA VAL F 111 -50.84 17.74 32.89
C VAL F 111 -50.92 16.29 32.44
N ASN F 112 -49.90 15.50 32.74
CA ASN F 112 -49.86 14.11 32.31
C ASN F 112 -50.02 13.12 33.46
N ARG F 113 -50.11 11.84 33.11
CA ARG F 113 -50.12 10.78 34.10
C ARG F 113 -48.78 10.07 34.08
N PHE F 114 -48.40 9.50 35.22
CA PHE F 114 -47.16 8.73 35.28
C PHE F 114 -47.32 7.41 35.99
N ARG F 115 -46.76 6.37 35.39
CA ARG F 115 -46.80 5.03 35.96
C ARG F 115 -45.44 4.66 36.50
N GLU F 116 -45.41 3.65 37.35
CA GLU F 116 -44.16 3.08 37.83
C GLU F 116 -43.29 2.63 36.64
N GLY F 117 -41.97 2.76 36.79
CA GLY F 117 -41.05 2.39 35.73
C GLY F 117 -40.92 3.46 34.66
N ASP F 118 -41.61 4.57 34.84
CA ASP F 118 -41.54 5.66 33.88
C ASP F 118 -40.23 6.42 34.02
N ILE F 119 -39.76 6.96 32.89
CA ILE F 119 -38.71 7.96 32.91
C ILE F 119 -39.35 9.28 32.51
N ILE F 120 -39.16 10.32 33.32
CA ILE F 120 -39.62 11.67 32.98
C ILE F 120 -38.44 12.60 32.68
N ALA F 121 -38.55 13.36 31.59
CA ALA F 121 -37.48 14.27 31.19
C ALA F 121 -37.85 15.73 31.49
N VAL F 122 -37.08 16.36 32.36
CA VAL F 122 -37.33 17.75 32.75
C VAL F 122 -36.25 18.67 32.22
N PRO F 123 -36.50 19.29 31.05
CA PRO F 123 -35.50 20.18 30.45
C PRO F 123 -35.06 21.28 31.41
N THR F 124 -33.90 21.86 31.11
CA THR F 124 -33.30 22.87 31.97
C THR F 124 -34.21 24.08 32.14
N GLY F 125 -34.42 24.49 33.39
CA GLY F 125 -35.18 25.69 33.68
C GLY F 125 -36.69 25.55 33.68
N ILE F 126 -37.19 24.36 33.34
CA ILE F 126 -38.63 24.12 33.26
C ILE F 126 -39.25 23.86 34.64
N VAL F 127 -40.39 24.49 34.93
CA VAL F 127 -41.06 24.22 36.20
C VAL F 127 -41.75 22.85 36.16
N PHE F 128 -41.65 22.12 37.26
CA PHE F 128 -42.15 20.76 37.30
C PHE F 128 -42.77 20.48 38.66
N TRP F 129 -43.89 19.75 38.65
CA TRP F 129 -44.55 19.36 39.89
C TRP F 129 -45.10 17.94 39.73
N MET F 130 -45.19 17.21 40.84
CA MET F 130 -45.66 15.83 40.85
C MET F 130 -46.79 15.68 41.86
N TYR F 131 -47.72 14.77 41.59
CA TYR F 131 -48.82 14.55 42.54
C TYR F 131 -49.15 13.07 42.74
N ASN F 132 -49.39 12.70 43.99
CA ASN F 132 -49.80 11.33 44.31
C ASN F 132 -51.26 11.25 44.74
N ASP F 133 -52.10 10.67 43.90
CA ASP F 133 -53.52 10.52 44.22
C ASP F 133 -53.83 9.22 44.97
N GLN F 134 -53.06 8.18 44.68
CA GLN F 134 -53.34 6.85 45.23
C GLN F 134 -52.64 6.60 46.56
N ASP F 135 -52.93 5.46 47.15
CA ASP F 135 -52.53 5.18 48.53
C ASP F 135 -51.09 4.70 48.66
N THR F 136 -50.57 4.11 47.59
CA THR F 136 -49.19 3.65 47.58
C THR F 136 -48.26 4.85 47.41
N PRO F 137 -47.31 5.00 48.34
CA PRO F 137 -46.32 6.08 48.31
C PRO F 137 -45.59 6.10 46.96
N VAL F 138 -45.48 7.28 46.36
CA VAL F 138 -44.71 7.40 45.13
C VAL F 138 -43.23 7.55 45.51
N ILE F 139 -42.36 6.77 44.87
CA ILE F 139 -40.92 6.94 45.05
C ILE F 139 -40.23 7.28 43.72
N ALA F 140 -39.67 8.48 43.66
CA ALA F 140 -39.09 9.00 42.43
C ALA F 140 -37.63 9.34 42.62
N VAL F 141 -36.76 8.69 41.87
CA VAL F 141 -35.34 9.04 41.94
C VAL F 141 -34.94 9.88 40.74
N SER F 142 -34.27 10.98 41.01
CA SER F 142 -33.95 11.95 39.97
C SER F 142 -32.45 12.20 39.85
N LEU F 143 -31.99 12.31 38.61
CA LEU F 143 -30.60 12.62 38.35
C LEU F 143 -30.50 13.98 37.72
N THR F 144 -29.76 14.86 38.39
CA THR F 144 -29.56 16.22 37.94
C THR F 144 -28.24 16.31 37.20
N ASP F 145 -28.31 16.64 35.92
CA ASP F 145 -27.12 16.62 35.06
C ASP F 145 -26.32 17.91 35.18
N ILE F 146 -25.54 18.03 36.24
CA ILE F 146 -24.78 19.25 36.48
C ILE F 146 -23.80 19.57 35.35
N ARG F 147 -23.27 18.53 34.72
CA ARG F 147 -22.22 18.69 33.71
C ARG F 147 -22.77 19.18 32.38
N SER F 148 -24.08 19.34 32.32
CA SER F 148 -24.73 19.70 31.08
C SER F 148 -24.31 21.09 30.65
N SER F 149 -24.08 21.26 29.36
CA SER F 149 -23.67 22.54 28.82
C SER F 149 -24.83 23.52 28.85
N ASN F 150 -26.02 23.02 29.22
CA ASN F 150 -27.18 23.87 29.41
C ASN F 150 -27.18 24.56 30.76
N ASN F 151 -26.32 24.07 31.65
CA ASN F 151 -26.07 24.69 32.93
C ASN F 151 -24.95 25.73 32.81
N GLN F 152 -25.32 27.01 32.83
CA GLN F 152 -24.35 28.06 32.61
C GLN F 152 -23.94 28.69 33.94
N LEU F 153 -24.37 28.07 35.03
CA LEU F 153 -23.91 28.44 36.36
C LEU F 153 -22.65 27.65 36.67
N ASP F 154 -22.51 27.20 37.92
CA ASP F 154 -21.35 26.42 38.32
C ASP F 154 -21.73 24.96 38.59
N GLN F 155 -20.85 24.24 39.28
CA GLN F 155 -21.02 22.81 39.47
C GLN F 155 -21.91 22.40 40.65
N MET F 156 -22.51 23.39 41.31
CA MET F 156 -23.43 23.09 42.41
C MET F 156 -24.83 22.88 41.89
N PRO F 157 -25.45 21.76 42.26
CA PRO F 157 -26.86 21.52 41.94
C PRO F 157 -27.74 22.55 42.66
N ARG F 158 -28.74 23.06 41.96
CA ARG F 158 -29.60 24.11 42.51
C ARG F 158 -31.07 23.84 42.21
N ARG F 159 -31.91 24.04 43.22
CA ARG F 159 -33.35 23.99 42.96
C ARG F 159 -34.01 25.27 43.38
N PHE F 160 -34.80 25.85 42.47
CA PHE F 160 -35.54 27.08 42.73
C PHE F 160 -37.02 26.76 42.98
N TYR F 161 -37.51 27.10 44.17
CA TYR F 161 -38.90 26.83 44.52
C TYR F 161 -39.78 28.07 44.39
N LEU F 162 -40.95 27.89 43.78
CA LEU F 162 -41.91 28.97 43.67
C LEU F 162 -42.49 29.31 45.04
N ALA F 163 -42.65 28.31 45.89
CA ALA F 163 -43.38 28.50 47.14
C ALA F 163 -42.78 27.77 48.34
N GLY F 164 -43.34 28.07 49.51
CA GLY F 164 -42.92 27.47 50.75
C GLY F 164 -42.01 28.41 51.53
N ASN F 165 -41.45 27.89 52.62
CA ASN F 165 -40.49 28.62 53.43
C ASN F 165 -39.43 27.64 53.93
N HIS F 166 -39.18 26.60 53.11
CA HIS F 166 -38.16 25.62 53.40
C HIS F 166 -36.89 25.91 52.61
N GLU F 167 -35.76 25.39 53.09
CA GLU F 167 -34.54 25.45 52.29
C GLU F 167 -34.64 24.46 51.15
N GLN F 168 -33.89 24.72 50.08
CA GLN F 168 -33.83 23.77 48.97
C GLN F 168 -32.78 22.69 49.28
N GLU F 169 -33.10 21.44 48.92
CA GLU F 169 -32.33 20.24 49.32
C GLU F 169 -30.82 20.26 49.08
N PHE F 170 -30.35 21.02 48.11
CA PHE F 170 -28.93 21.00 47.78
C PHE F 170 -28.17 22.15 48.42
N LEU F 171 -28.90 23.00 49.13
CA LEU F 171 -28.33 24.18 49.79
C LEU F 171 -27.26 23.80 50.83
N GLN F 172 -27.50 22.70 51.53
CA GLN F 172 -26.62 22.27 52.63
C GLN F 172 -25.23 21.85 52.19
N TYR F 173 -25.04 21.70 50.88
CA TYR F 173 -23.76 21.23 50.37
C TYR F 173 -22.89 22.39 49.90
N GLN F 174 -23.43 23.61 49.95
CA GLN F 174 -22.65 24.81 49.72
C GLN F 174 -22.13 25.30 51.09
N HIS F 175 -21.56 26.49 51.12
CA HIS F 175 -21.29 27.18 52.38
C HIS F 175 -20.69 28.58 52.22
N GLN F 176 -20.87 29.41 53.24
CA GLN F 176 -20.46 30.81 53.20
C GLN F 176 -18.97 30.98 52.95
N GLU F 186 -35.39 36.35 54.50
CA GLU F 186 -36.60 36.06 55.27
C GLU F 186 -37.18 34.68 54.94
N GLY F 187 -37.92 34.62 53.83
CA GLY F 187 -38.44 33.36 53.32
C GLY F 187 -37.38 32.65 52.49
N ASN F 188 -37.81 31.70 51.68
CA ASN F 188 -36.86 30.92 50.89
C ASN F 188 -37.31 30.67 49.45
N ASN F 189 -38.53 31.08 49.12
CA ASN F 189 -39.02 30.92 47.74
C ASN F 189 -38.65 32.14 46.90
N ILE F 190 -38.73 32.04 45.58
CA ILE F 190 -38.28 33.13 44.72
C ILE F 190 -39.07 34.40 44.95
N PHE F 191 -40.38 34.27 45.17
CA PHE F 191 -41.24 35.42 45.41
C PHE F 191 -40.86 36.09 46.72
N SER F 192 -40.32 35.30 47.64
CA SER F 192 -39.90 35.77 48.95
C SER F 192 -38.77 36.81 48.88
N GLY F 193 -38.08 36.88 47.74
CA GLY F 193 -36.96 37.80 47.58
C GLY F 193 -37.32 39.18 47.02
N PHE F 194 -38.56 39.32 46.57
CA PHE F 194 -38.99 40.58 45.98
C PHE F 194 -39.72 41.48 46.97
N LYS F 195 -39.69 42.78 46.71
N LYS F 195 -39.69 42.77 46.73
CA LYS F 195 -40.42 43.75 47.51
CA LYS F 195 -40.39 43.73 47.58
C LYS F 195 -41.92 43.51 47.38
C LYS F 195 -41.90 43.57 47.40
N ARG F 196 -42.60 43.41 48.51
CA ARG F 196 -44.06 43.23 48.48
C ARG F 196 -44.76 44.10 47.43
N ASP F 197 -44.46 45.40 47.43
CA ASP F 197 -45.06 46.31 46.46
C ASP F 197 -44.82 45.87 45.02
N PHE F 198 -43.60 45.41 44.73
CA PHE F 198 -43.30 44.84 43.44
C PHE F 198 -44.33 43.77 43.08
N LEU F 199 -44.60 42.88 44.02
CA LEU F 199 -45.49 41.76 43.79
C LEU F 199 -46.95 42.20 43.68
N GLU F 200 -47.33 43.16 44.52
CA GLU F 200 -48.68 43.71 44.49
C GLU F 200 -48.99 44.26 43.10
N ASP F 201 -48.06 45.03 42.56
CA ASP F 201 -48.23 45.64 41.26
C ASP F 201 -48.11 44.62 40.12
N ALA F 202 -47.20 43.66 40.26
CA ALA F 202 -46.96 42.68 39.22
C ALA F 202 -48.16 41.75 39.06
N PHE F 203 -48.80 41.45 40.19
CA PHE F 203 -49.92 40.52 40.18
C PHE F 203 -51.28 41.21 40.25
N ASN F 204 -51.33 42.40 40.83
CA ASN F 204 -52.58 43.12 41.00
C ASN F 204 -53.47 42.44 42.02
N VAL F 205 -52.85 41.96 43.10
CA VAL F 205 -53.58 41.29 44.15
C VAL F 205 -53.34 41.99 45.48
N ASN F 206 -54.17 41.68 46.47
CA ASN F 206 -54.06 42.34 47.77
C ASN F 206 -52.85 41.85 48.55
N ARG F 207 -52.62 42.46 49.71
CA ARG F 207 -51.50 42.13 50.59
C ARG F 207 -51.55 40.72 51.20
N HIS F 208 -52.74 40.20 51.45
CA HIS F 208 -52.87 38.86 52.00
C HIS F 208 -52.32 37.83 51.02
N ILE F 209 -52.79 37.91 49.78
CA ILE F 209 -52.37 37.00 48.74
C ILE F 209 -50.85 37.03 48.54
N VAL F 210 -50.26 38.21 48.58
CA VAL F 210 -48.82 38.35 48.37
C VAL F 210 -48.02 37.71 49.50
N ASP F 211 -48.45 37.92 50.73
CA ASP F 211 -47.81 37.28 51.89
C ASP F 211 -47.84 35.76 51.73
N ARG F 212 -48.93 35.25 51.16
CA ARG F 212 -49.06 33.83 50.85
C ARG F 212 -48.07 33.44 49.76
N LEU F 213 -47.94 34.30 48.75
CA LEU F 213 -47.01 34.10 47.65
C LEU F 213 -45.60 33.94 48.19
N GLN F 214 -45.29 34.68 49.25
CA GLN F 214 -43.97 34.67 49.85
C GLN F 214 -43.81 33.64 50.96
N GLY F 215 -44.90 32.95 51.30
CA GLY F 215 -44.87 31.95 52.35
C GLY F 215 -44.52 32.48 53.73
N ARG F 216 -45.03 33.67 54.04
CA ARG F 216 -44.71 34.31 55.33
C ARG F 216 -45.31 33.61 56.56
N ASN F 217 -46.45 32.95 56.38
CA ASN F 217 -47.12 32.31 57.50
C ASN F 217 -46.76 30.84 57.68
N GLU F 218 -46.16 30.24 56.64
CA GLU F 218 -45.76 28.84 56.67
C GLU F 218 -44.42 28.69 57.39
N ASP F 219 -44.31 27.66 58.22
CA ASP F 219 -43.05 27.38 58.90
C ASP F 219 -42.17 26.45 58.07
N GLU F 220 -40.89 26.36 58.43
CA GLU F 220 -39.92 25.58 57.65
C GLU F 220 -40.28 24.11 57.61
N GLU F 221 -41.11 23.67 58.55
CA GLU F 221 -41.43 22.26 58.70
C GLU F 221 -42.31 21.71 57.59
N LYS F 222 -43.15 22.55 57.01
CA LYS F 222 -44.08 22.09 55.98
C LYS F 222 -43.35 21.38 54.83
N GLY F 223 -42.48 22.11 54.13
CA GLY F 223 -41.54 21.48 53.22
C GLY F 223 -41.94 21.44 51.75
N ALA F 224 -41.00 20.98 50.92
CA ALA F 224 -41.23 20.90 49.49
C ALA F 224 -42.43 20.01 49.12
N ILE F 225 -42.65 18.95 49.89
CA ILE F 225 -43.74 18.03 49.61
C ILE F 225 -44.87 18.22 50.60
N VAL F 226 -46.06 18.51 50.08
CA VAL F 226 -47.12 19.06 50.89
C VAL F 226 -48.38 18.19 50.80
N LYS F 227 -49.03 17.99 51.94
CA LYS F 227 -50.31 17.25 51.98
C LYS F 227 -51.46 18.09 51.44
N VAL F 228 -52.32 17.48 50.65
CA VAL F 228 -53.48 18.17 50.10
C VAL F 228 -54.77 17.55 50.65
N LYS F 229 -55.29 18.12 51.73
CA LYS F 229 -56.46 17.56 52.41
C LYS F 229 -57.59 17.27 51.42
N GLY F 230 -57.97 18.29 50.67
CA GLY F 230 -59.03 18.13 49.69
C GLY F 230 -58.74 17.00 48.70
N GLY F 231 -57.49 16.89 48.28
CA GLY F 231 -57.15 16.04 47.15
C GLY F 231 -57.34 16.88 45.90
N LEU F 232 -56.32 16.92 45.05
CA LEU F 232 -56.35 17.79 43.88
C LEU F 232 -57.40 17.37 42.88
N SER F 233 -58.35 18.26 42.62
CA SER F 233 -59.33 18.01 41.58
C SER F 233 -58.79 18.52 40.25
N ILE F 234 -58.04 17.67 39.55
CA ILE F 234 -57.46 18.02 38.26
C ILE F 234 -57.71 16.95 37.20
N ILE F 235 -57.75 17.36 35.94
CA ILE F 235 -57.86 16.42 34.82
C ILE F 235 -57.01 16.84 33.62
N THR F 316 -36.56 25.60 19.89
CA THR F 316 -37.37 24.92 20.89
C THR F 316 -38.53 24.16 20.23
N VAL F 317 -38.91 23.03 20.83
CA VAL F 317 -40.05 22.25 20.37
C VAL F 317 -40.92 21.86 21.57
N CYS F 318 -42.23 22.09 21.45
CA CYS F 318 -43.12 22.03 22.59
C CYS F 318 -44.29 21.05 22.42
N THR F 319 -44.16 20.12 21.48
CA THR F 319 -45.19 19.11 21.29
C THR F 319 -44.64 17.74 21.67
N ALA F 320 -43.48 17.76 22.33
CA ALA F 320 -42.70 16.56 22.59
C ALA F 320 -43.29 15.63 23.66
N LYS F 321 -42.98 14.36 23.55
CA LYS F 321 -43.29 13.39 24.58
C LYS F 321 -42.35 13.67 25.74
N LEU F 322 -42.90 13.80 26.95
CA LEU F 322 -42.07 14.15 28.09
C LEU F 322 -41.72 12.94 28.95
N ARG F 323 -42.23 11.78 28.55
CA ARG F 323 -42.23 10.62 29.42
C ARG F 323 -42.25 9.33 28.60
N LEU F 324 -41.65 8.28 29.15
CA LEU F 324 -41.73 6.95 28.53
C LEU F 324 -41.39 5.85 29.53
N ASN F 325 -42.06 4.71 29.40
CA ASN F 325 -41.93 3.63 30.36
C ASN F 325 -40.86 2.65 29.93
N ILE F 326 -40.04 2.20 30.87
CA ILE F 326 -38.99 1.23 30.55
C ILE F 326 -38.96 0.07 31.55
N GLY F 327 -40.05 -0.09 32.30
CA GLY F 327 -40.14 -1.15 33.28
C GLY F 327 -40.59 -2.46 32.65
N PRO F 328 -40.78 -3.49 33.49
CA PRO F 328 -41.19 -4.84 33.11
C PRO F 328 -42.38 -4.85 32.16
N SER F 329 -43.16 -3.78 32.17
CA SER F 329 -44.41 -3.69 31.42
C SER F 329 -44.23 -3.25 29.97
N SER F 330 -42.99 -3.02 29.55
CA SER F 330 -42.74 -2.59 28.17
C SER F 330 -41.97 -3.66 27.39
N SER F 331 -42.02 -3.54 26.07
CA SER F 331 -41.29 -4.48 25.22
C SER F 331 -39.80 -4.26 25.43
N PRO F 332 -39.08 -5.32 25.85
CA PRO F 332 -37.65 -5.20 26.14
C PRO F 332 -36.88 -4.90 24.87
N ASP F 333 -35.65 -4.42 25.03
CA ASP F 333 -34.73 -4.31 23.92
C ASP F 333 -33.96 -5.62 23.85
N ILE F 334 -33.71 -6.19 25.02
CA ILE F 334 -32.97 -7.45 25.14
C ILE F 334 -33.67 -8.36 26.13
N TYR F 335 -34.29 -9.44 25.64
CA TYR F 335 -34.94 -10.38 26.54
C TYR F 335 -34.42 -11.81 26.41
N ASN F 336 -33.89 -12.32 27.52
CA ASN F 336 -33.44 -13.71 27.61
C ASN F 336 -34.12 -14.38 28.80
N PRO F 337 -35.16 -15.19 28.53
CA PRO F 337 -36.02 -15.81 29.53
C PRO F 337 -35.28 -16.52 30.67
N GLU F 338 -34.00 -16.86 30.47
CA GLU F 338 -33.25 -17.57 31.49
C GLU F 338 -32.27 -16.68 32.24
N ALA F 339 -32.25 -15.39 31.91
CA ALA F 339 -31.31 -14.47 32.55
C ALA F 339 -31.96 -13.14 32.95
N GLY F 340 -32.63 -12.49 32.02
CA GLY F 340 -33.29 -11.23 32.33
C GLY F 340 -33.68 -10.39 31.14
N ARG F 341 -33.79 -9.07 31.36
CA ARG F 341 -34.18 -8.16 30.30
C ARG F 341 -33.59 -6.76 30.46
N ILE F 342 -33.42 -6.08 29.32
CA ILE F 342 -32.90 -4.73 29.30
C ILE F 342 -33.80 -3.88 28.43
N LYS F 343 -34.19 -2.74 28.97
CA LYS F 343 -34.89 -1.73 28.19
C LYS F 343 -34.14 -0.43 28.40
N THR F 344 -33.95 0.30 27.32
CA THR F 344 -33.25 1.56 27.41
C THR F 344 -34.05 2.61 26.67
N VAL F 345 -34.19 3.79 27.27
CA VAL F 345 -34.74 4.93 26.58
C VAL F 345 -33.61 5.88 26.19
N THR F 346 -33.59 6.27 24.93
CA THR F 346 -32.63 7.24 24.44
C THR F 346 -33.38 8.29 23.64
N SER F 347 -32.65 9.18 22.98
CA SER F 347 -33.29 10.22 22.19
C SER F 347 -33.95 9.64 20.94
N LEU F 348 -33.68 8.37 20.65
CA LEU F 348 -34.37 7.70 19.56
C LEU F 348 -35.82 7.41 19.93
N ASP F 349 -36.03 7.03 21.18
CA ASP F 349 -37.35 6.72 21.70
C ASP F 349 -38.09 7.97 22.19
N LEU F 350 -37.34 8.97 22.62
CA LEU F 350 -37.88 10.15 23.30
C LEU F 350 -37.06 11.37 22.90
N PRO F 351 -37.40 11.99 21.76
CA PRO F 351 -36.58 13.02 21.14
C PRO F 351 -36.15 14.16 22.08
N VAL F 352 -37.01 14.56 23.01
CA VAL F 352 -36.67 15.65 23.92
C VAL F 352 -35.31 15.39 24.57
N LEU F 353 -34.97 14.10 24.69
CA LEU F 353 -33.73 13.67 25.31
C LEU F 353 -32.47 14.20 24.62
N ARG F 354 -32.58 14.53 23.33
CA ARG F 354 -31.41 15.03 22.63
C ARG F 354 -31.05 16.45 23.07
N TRP F 355 -31.97 17.09 23.79
CA TRP F 355 -31.71 18.39 24.39
C TRP F 355 -31.09 18.27 25.78
N LEU F 356 -31.54 17.31 26.58
CA LEU F 356 -30.97 17.11 27.90
C LEU F 356 -29.65 16.32 27.87
N LYS F 357 -29.34 15.73 26.72
CA LYS F 357 -28.19 14.82 26.61
C LYS F 357 -28.21 13.81 27.76
N LEU F 358 -29.34 13.14 27.92
CA LEU F 358 -29.50 12.14 28.96
C LEU F 358 -30.25 10.93 28.42
N SER F 359 -29.93 9.76 28.95
CA SER F 359 -30.64 8.53 28.62
C SER F 359 -30.66 7.59 29.82
N ALA F 360 -31.38 6.49 29.70
CA ALA F 360 -31.46 5.57 30.82
C ALA F 360 -31.78 4.14 30.39
N GLU F 361 -31.35 3.20 31.23
CA GLU F 361 -31.47 1.79 30.93
C GLU F 361 -32.05 1.09 32.14
N HIS F 362 -33.01 0.21 31.92
CA HIS F 362 -33.54 -0.60 32.99
C HIS F 362 -33.16 -2.05 32.75
N GLY F 363 -32.54 -2.67 33.74
CA GLY F 363 -32.14 -4.07 33.62
C GLY F 363 -32.62 -4.95 34.75
N SER F 364 -32.82 -6.22 34.43
CA SER F 364 -33.29 -7.20 35.40
C SER F 364 -32.52 -8.51 35.25
N LEU F 365 -31.84 -8.94 36.31
CA LEU F 365 -31.08 -10.19 36.31
C LEU F 365 -31.67 -11.24 37.25
N HIS F 366 -31.83 -12.47 36.75
CA HIS F 366 -32.17 -13.62 37.59
C HIS F 366 -30.99 -13.96 38.48
N LYS F 367 -31.22 -14.78 39.50
CA LYS F 367 -30.13 -15.15 40.39
C LYS F 367 -29.00 -15.83 39.62
N ASN F 368 -27.77 -15.35 39.84
CA ASN F 368 -26.60 -15.96 39.24
C ASN F 368 -26.45 -15.69 37.74
N ALA F 369 -27.38 -14.96 37.17
CA ALA F 369 -27.23 -14.47 35.82
C ALA F 369 -26.40 -13.19 35.88
N MET F 370 -25.88 -12.76 34.73
CA MET F 370 -25.08 -11.55 34.68
C MET F 370 -25.13 -10.89 33.30
N PHE F 371 -24.89 -9.59 33.26
CA PHE F 371 -24.60 -8.96 31.98
C PHE F 371 -23.08 -8.99 31.76
N VAL F 372 -22.67 -9.26 30.52
CA VAL F 372 -21.26 -9.39 30.18
C VAL F 372 -20.49 -8.13 30.53
N PRO F 373 -19.18 -8.28 30.74
CA PRO F 373 -18.32 -7.11 30.96
C PRO F 373 -18.41 -6.17 29.76
N HIS F 374 -18.45 -4.87 30.04
CA HIS F 374 -18.56 -3.88 28.98
C HIS F 374 -18.21 -2.52 29.54
N TYR F 375 -18.15 -1.52 28.66
CA TYR F 375 -17.87 -0.14 29.06
C TYR F 375 -18.67 0.80 28.18
N ASN F 376 -18.91 2.01 28.67
CA ASN F 376 -19.64 3.01 27.89
C ASN F 376 -18.70 3.94 27.15
N LEU F 377 -18.84 3.98 25.83
CA LEU F 377 -18.01 4.85 24.98
C LEU F 377 -18.08 6.32 25.39
N ASN F 378 -19.30 6.81 25.54
CA ASN F 378 -19.58 8.24 25.52
C ASN F 378 -20.36 8.76 26.72
N ALA F 379 -20.30 8.07 27.86
CA ALA F 379 -21.17 8.46 28.97
C ALA F 379 -20.65 8.06 30.33
N ASN F 380 -20.93 8.90 31.33
CA ASN F 380 -20.82 8.48 32.72
C ASN F 380 -22.11 7.75 33.12
N SER F 381 -22.01 6.84 34.07
CA SER F 381 -23.18 6.07 34.47
C SER F 381 -23.42 6.04 35.97
N ILE F 382 -24.67 6.27 36.35
CA ILE F 382 -25.10 6.07 37.71
C ILE F 382 -26.04 4.88 37.75
N ILE F 383 -25.56 3.74 38.26
CA ILE F 383 -26.41 2.58 38.45
C ILE F 383 -27.10 2.65 39.80
N TYR F 384 -28.42 2.73 39.76
CA TYR F 384 -29.20 2.76 40.98
C TYR F 384 -29.96 1.46 41.13
N ALA F 385 -29.71 0.76 42.25
CA ALA F 385 -30.33 -0.53 42.51
C ALA F 385 -31.79 -0.41 42.97
N LEU F 386 -32.68 -1.05 42.22
CA LEU F 386 -34.12 -0.98 42.50
C LEU F 386 -34.54 -2.06 43.49
N LYS F 387 -34.29 -3.32 43.12
CA LYS F 387 -34.61 -4.45 43.98
C LYS F 387 -33.51 -5.51 43.94
N GLY F 388 -33.27 -6.16 45.07
CA GLY F 388 -32.34 -7.26 45.12
C GLY F 388 -30.92 -6.81 45.38
N ARG F 389 -29.98 -7.73 45.15
CA ARG F 389 -28.56 -7.47 45.33
C ARG F 389 -27.79 -8.03 44.16
N ALA F 390 -26.60 -7.50 43.90
CA ALA F 390 -25.79 -8.01 42.81
C ALA F 390 -24.31 -7.87 43.14
N ARG F 391 -23.51 -8.77 42.56
CA ARG F 391 -22.06 -8.73 42.64
C ARG F 391 -21.56 -7.86 41.49
N LEU F 392 -20.92 -6.73 41.81
CA LEU F 392 -20.44 -5.84 40.78
C LEU F 392 -18.94 -5.63 40.80
N GLN F 393 -18.34 -5.65 39.61
CA GLN F 393 -16.95 -5.32 39.44
C GLN F 393 -16.86 -4.23 38.40
N VAL F 394 -16.06 -3.21 38.71
CA VAL F 394 -15.70 -2.20 37.73
C VAL F 394 -14.19 -1.94 37.80
N VAL F 395 -13.55 -1.82 36.65
CA VAL F 395 -12.10 -1.63 36.61
C VAL F 395 -11.71 -0.39 35.80
N ASN F 396 -10.65 0.27 36.23
CA ASN F 396 -10.16 1.48 35.57
C ASN F 396 -9.16 1.19 34.44
N CYS F 397 -8.43 2.21 34.00
CA CYS F 397 -7.47 2.06 32.89
C CYS F 397 -6.14 1.39 33.28
N ASN F 398 -5.95 1.12 34.58
CA ASN F 398 -4.70 0.55 35.06
C ASN F 398 -4.82 -0.94 35.37
N GLY F 399 -5.99 -1.52 35.09
CA GLY F 399 -6.25 -2.90 35.44
C GLY F 399 -6.68 -3.05 36.88
N ASN F 400 -6.93 -1.91 37.54
CA ASN F 400 -7.33 -1.89 38.94
C ASN F 400 -8.83 -2.10 39.16
N THR F 401 -9.15 -2.91 40.15
CA THR F 401 -10.53 -3.13 40.52
C THR F 401 -10.96 -2.06 41.52
N VAL F 402 -11.59 -1.01 41.00
CA VAL F 402 -11.95 0.13 41.82
C VAL F 402 -13.26 -0.14 42.55
N PHE F 403 -13.90 -1.24 42.21
CA PHE F 403 -15.04 -1.74 42.97
C PHE F 403 -15.19 -3.24 42.78
N ASP F 404 -15.23 -3.95 43.90
CA ASP F 404 -15.52 -5.37 43.89
C ASP F 404 -16.35 -5.67 45.13
N GLY F 405 -17.66 -5.82 44.95
CA GLY F 405 -18.55 -5.93 46.08
C GLY F 405 -20.04 -5.91 45.73
N GLU F 406 -20.86 -5.65 46.74
CA GLU F 406 -22.31 -5.83 46.60
C GLU F 406 -23.03 -4.52 46.33
N LEU F 407 -24.02 -4.57 45.44
CA LEU F 407 -24.90 -3.43 45.21
C LEU F 407 -26.35 -3.81 45.51
N GLU F 408 -26.85 -3.35 46.66
CA GLU F 408 -28.23 -3.63 47.09
C GLU F 408 -29.20 -2.51 46.74
N ALA F 409 -30.47 -2.86 46.57
CA ALA F 409 -31.54 -1.89 46.31
C ALA F 409 -31.44 -0.64 47.18
N GLY F 410 -31.64 0.52 46.57
CA GLY F 410 -31.62 1.78 47.29
C GLY F 410 -30.25 2.46 47.32
N ARG F 411 -29.25 1.81 46.73
CA ARG F 411 -27.91 2.42 46.65
C ARG F 411 -27.50 2.72 45.22
N ALA F 412 -26.50 3.57 45.08
CA ALA F 412 -26.04 3.99 43.77
C ALA F 412 -24.55 3.72 43.58
N LEU F 413 -24.20 3.25 42.39
CA LEU F 413 -22.81 3.01 42.05
C LEU F 413 -22.47 3.85 40.83
N THR F 414 -21.36 4.58 40.93
CA THR F 414 -20.86 5.41 39.85
C THR F 414 -19.95 4.61 38.92
N VAL F 415 -20.20 4.64 37.62
CA VAL F 415 -19.33 4.01 36.63
C VAL F 415 -18.88 5.03 35.58
N PRO F 416 -17.67 5.58 35.75
CA PRO F 416 -17.06 6.59 34.88
C PRO F 416 -16.93 6.10 33.44
N GLN F 417 -17.14 7.00 32.49
CA GLN F 417 -16.98 6.68 31.07
C GLN F 417 -15.75 5.80 30.85
N ASN F 418 -15.89 4.79 30.00
CA ASN F 418 -14.77 3.92 29.65
C ASN F 418 -14.30 2.87 30.67
N TYR F 419 -14.55 3.10 31.96
CA TYR F 419 -14.30 2.06 32.97
C TYR F 419 -15.17 0.84 32.64
N ALA F 420 -14.66 -0.36 32.84
CA ALA F 420 -15.41 -1.56 32.51
C ALA F 420 -16.19 -2.03 33.73
N VAL F 421 -17.32 -2.67 33.48
CA VAL F 421 -18.18 -3.12 34.56
C VAL F 421 -18.87 -4.41 34.15
N ALA F 422 -19.05 -5.31 35.11
CA ALA F 422 -19.86 -6.51 34.90
C ALA F 422 -20.60 -6.78 36.18
N ALA F 423 -21.74 -7.45 36.08
CA ALA F 423 -22.56 -7.69 37.26
C ALA F 423 -23.10 -9.09 37.30
N LYS F 424 -23.18 -9.66 38.50
CA LYS F 424 -23.83 -10.96 38.70
C LYS F 424 -24.88 -10.84 39.79
N SER F 425 -26.13 -11.18 39.48
CA SER F 425 -27.19 -11.06 40.46
C SER F 425 -27.06 -12.05 41.60
N LEU F 426 -27.21 -11.57 42.83
CA LEU F 426 -27.12 -12.39 44.02
C LEU F 426 -28.52 -12.72 44.54
N SER F 427 -29.53 -12.31 43.78
CA SER F 427 -30.91 -12.46 44.21
C SER F 427 -31.79 -13.04 43.12
N ASP F 428 -32.93 -13.59 43.54
CA ASP F 428 -33.88 -14.17 42.59
C ASP F 428 -34.07 -13.20 41.44
N ARG F 429 -34.28 -11.94 41.80
CA ARG F 429 -34.36 -10.87 40.81
C ARG F 429 -33.44 -9.74 41.27
N PHE F 430 -32.60 -9.25 40.35
CA PHE F 430 -31.91 -7.99 40.57
C PHE F 430 -32.34 -7.02 39.50
N SER F 431 -32.80 -5.85 39.91
CA SER F 431 -33.23 -4.84 38.95
C SER F 431 -32.57 -3.51 39.29
N TYR F 432 -32.35 -2.70 38.27
CA TYR F 432 -31.64 -1.45 38.44
C TYR F 432 -32.04 -0.50 37.34
N VAL F 433 -31.93 0.78 37.62
CA VAL F 433 -32.00 1.80 36.59
C VAL F 433 -30.61 2.47 36.48
N ALA F 434 -30.07 2.51 35.28
CA ALA F 434 -28.78 3.15 35.08
C ALA F 434 -28.97 4.46 34.36
N PHE F 435 -28.61 5.56 35.04
CA PHE F 435 -28.62 6.89 34.43
C PHE F 435 -27.28 7.12 33.73
N LYS F 436 -27.34 7.61 32.50
CA LYS F 436 -26.13 7.87 31.73
C LYS F 436 -26.12 9.27 31.12
N THR F 437 -24.95 9.91 31.15
CA THR F 437 -24.82 11.29 30.70
C THR F 437 -24.62 11.45 29.20
N ASN F 438 -25.55 10.90 28.43
CA ASN F 438 -25.56 11.06 26.98
C ASN F 438 -26.85 10.47 26.43
N ASP F 439 -27.50 11.18 25.52
CA ASP F 439 -28.77 10.70 24.99
C ASP F 439 -28.65 9.50 24.03
N ARG F 440 -27.48 9.30 23.46
CA ARG F 440 -27.24 8.11 22.63
C ARG F 440 -26.09 7.32 23.20
N ALA F 441 -26.10 7.09 24.52
CA ALA F 441 -25.05 6.31 25.16
C ALA F 441 -24.86 5.00 24.41
N GLY F 442 -23.64 4.75 23.98
CA GLY F 442 -23.31 3.50 23.30
C GLY F 442 -22.48 2.63 24.22
N ILE F 443 -22.78 1.34 24.24
CA ILE F 443 -21.96 0.41 25.01
C ILE F 443 -21.13 -0.49 24.10
N ALA F 444 -19.92 -0.80 24.55
CA ALA F 444 -19.08 -1.76 23.88
C ALA F 444 -18.99 -2.98 24.79
N ARG F 445 -19.42 -4.12 24.29
CA ARG F 445 -19.36 -5.35 25.06
C ARG F 445 -17.98 -5.97 24.95
N LEU F 446 -17.40 -6.29 26.10
CA LEU F 446 -16.11 -6.96 26.15
C LEU F 446 -16.28 -8.45 25.85
N ALA F 447 -17.46 -8.98 26.13
CA ALA F 447 -17.76 -10.38 25.86
C ALA F 447 -19.14 -10.54 25.26
N GLY F 448 -19.53 -11.78 25.01
CA GLY F 448 -20.80 -12.05 24.37
C GLY F 448 -20.71 -11.98 22.86
N THR F 449 -21.84 -12.25 22.20
CA THR F 449 -21.90 -12.44 20.76
C THR F 449 -21.41 -11.26 19.89
N SER F 450 -21.61 -10.02 20.34
CA SER F 450 -21.19 -8.86 19.57
C SER F 450 -20.00 -8.13 20.21
N SER F 451 -19.16 -8.89 20.89
CA SER F 451 -18.04 -8.35 21.64
C SER F 451 -17.00 -7.67 20.75
N VAL F 452 -16.20 -6.82 21.36
CA VAL F 452 -15.03 -6.27 20.71
C VAL F 452 -14.16 -7.40 20.15
N ILE F 453 -13.94 -8.43 20.96
CA ILE F 453 -13.15 -9.59 20.56
C ILE F 453 -13.65 -10.20 19.25
N ASN F 454 -14.96 -10.40 19.14
CA ASN F 454 -15.55 -10.96 17.93
C ASN F 454 -15.20 -10.18 16.68
N ASN F 455 -15.14 -8.86 16.82
CA ASN F 455 -14.96 -7.99 15.67
C ASN F 455 -13.52 -7.78 15.29
N LEU F 456 -12.60 -8.24 16.14
CA LEU F 456 -11.19 -8.23 15.80
C LEU F 456 -10.96 -9.41 14.89
N PRO F 457 -10.06 -9.27 13.91
CA PRO F 457 -9.68 -10.43 13.11
C PRO F 457 -9.14 -11.53 14.03
N LEU F 458 -9.41 -12.79 13.66
CA LEU F 458 -9.00 -13.94 14.47
C LEU F 458 -7.53 -13.87 14.82
N ASP F 459 -6.70 -13.64 13.80
CA ASP F 459 -5.27 -13.68 14.04
C ASP F 459 -4.81 -12.61 15.03
N VAL F 460 -5.41 -11.41 14.97
CA VAL F 460 -5.02 -10.39 15.93
C VAL F 460 -5.55 -10.71 17.33
N VAL F 461 -6.71 -11.34 17.42
CA VAL F 461 -7.15 -11.83 18.73
C VAL F 461 -6.07 -12.77 19.27
N ALA F 462 -5.58 -13.66 18.42
CA ALA F 462 -4.60 -14.65 18.86
C ALA F 462 -3.29 -14.03 19.28
N ALA F 463 -2.79 -13.10 18.48
CA ALA F 463 -1.53 -12.43 18.79
C ALA F 463 -1.67 -11.55 20.04
N THR F 464 -2.78 -10.82 20.12
CA THR F 464 -3.06 -9.93 21.24
C THR F 464 -2.95 -10.61 22.60
N PHE F 465 -3.66 -11.73 22.76
CA PHE F 465 -3.71 -12.39 24.06
C PHE F 465 -2.77 -13.59 24.17
N ASN F 466 -1.94 -13.78 23.15
CA ASN F 466 -1.06 -14.95 23.09
C ASN F 466 -1.85 -16.25 23.23
N LEU F 467 -2.64 -16.55 22.20
CA LEU F 467 -3.51 -17.71 22.19
C LEU F 467 -3.35 -18.42 20.86
N GLN F 468 -3.60 -19.73 20.85
CA GLN F 468 -3.69 -20.46 19.60
C GLN F 468 -4.94 -20.03 18.85
N ARG F 469 -4.88 -20.03 17.52
CA ARG F 469 -6.05 -19.70 16.71
C ARG F 469 -7.32 -20.38 17.25
N ASN F 470 -7.22 -21.66 17.57
CA ASN F 470 -8.40 -22.39 18.07
C ASN F 470 -8.91 -21.86 19.41
N GLU F 471 -8.01 -21.52 20.31
CA GLU F 471 -8.43 -20.97 21.59
C GLU F 471 -9.11 -19.62 21.37
N ALA F 472 -8.63 -18.87 20.37
CA ALA F 472 -9.20 -17.57 20.06
C ALA F 472 -10.57 -17.73 19.39
N ARG F 473 -10.73 -18.82 18.65
CA ARG F 473 -12.02 -19.11 18.01
C ARG F 473 -13.06 -19.39 19.08
N GLN F 474 -12.61 -19.93 20.21
CA GLN F 474 -13.49 -20.22 21.33
C GLN F 474 -13.78 -18.98 22.13
N LEU F 475 -12.78 -18.12 22.28
CA LEU F 475 -12.99 -16.84 22.94
C LEU F 475 -14.07 -16.10 22.16
N LYS F 476 -14.11 -16.31 20.86
CA LYS F 476 -15.09 -15.66 20.01
C LYS F 476 -16.49 -16.26 20.10
N SER F 477 -16.59 -17.59 20.03
CA SER F 477 -17.87 -18.25 19.75
C SER F 477 -18.48 -19.11 20.85
N ASN F 478 -17.72 -19.44 21.89
CA ASN F 478 -18.24 -20.32 22.95
C ASN F 478 -19.49 -19.77 23.61
N ASN F 479 -19.68 -18.45 23.52
CA ASN F 479 -20.85 -17.82 24.10
C ASN F 479 -21.84 -17.40 23.01
N PRO F 480 -23.06 -17.94 23.07
CA PRO F 480 -24.15 -17.70 22.11
C PRO F 480 -24.92 -16.43 22.39
N PHE F 481 -24.79 -15.89 23.60
CA PHE F 481 -25.63 -14.79 24.05
C PHE F 481 -25.00 -13.42 23.81
N LYS F 482 -25.85 -12.42 23.57
CA LYS F 482 -25.37 -11.08 23.24
C LYS F 482 -24.94 -10.29 24.47
N PHE F 483 -25.86 -10.09 25.42
CA PHE F 483 -25.56 -9.24 26.57
C PHE F 483 -25.74 -9.96 27.91
N LEU F 484 -26.83 -10.70 28.05
CA LEU F 484 -27.09 -11.45 29.28
C LEU F 484 -26.56 -12.88 29.22
N VAL F 485 -25.90 -13.31 30.28
CA VAL F 485 -25.42 -14.68 30.38
C VAL F 485 -26.02 -15.37 31.60
N PRO F 486 -26.87 -16.38 31.36
CA PRO F 486 -27.61 -17.12 32.39
C PRO F 486 -26.70 -17.91 33.32
N ALA F 487 -27.27 -18.41 34.42
CA ALA F 487 -26.56 -19.33 35.28
C ALA F 487 -26.40 -20.68 34.57
N ARG F 488 -25.19 -21.23 34.59
CA ARG F 488 -24.87 -22.40 33.77
C ARG F 488 -25.10 -23.73 34.45
N GLU F 489 -24.99 -23.76 35.78
CA GLU F 489 -25.12 -24.97 36.58
C GLU F 489 -24.24 -26.10 36.05
#